data_6WXH
#
_entry.id   6WXH
#
loop_
_entity.id
_entity.type
_entity.pdbx_description
1 polymer 'Outer membrane protein TolC'
2 polymer Colicin-E1
#
loop_
_entity_poly.entity_id
_entity_poly.type
_entity_poly.pdbx_seq_one_letter_code
_entity_poly.pdbx_strand_id
1 'polypeptide(L)'
;MKKLLPILIGLSLSGFSSLSQAENLMQVYQQARLSNPELRKSAADRDAAFEKINEARSPLLPQLGLGADYTYSNGYRDAN
GINSNATSASLQLTQSIFDMSKWRALTLQEKAAGIQDVTYQTDQQTLILNTATAYFNVLNAIDVLSYTQAQKEAIYRQLD
QTTQRFNVGLVAITDVQNARAQYDTVLANEVTARNNLDNAVEQLRQITGNYYPELAALNVENFKTDKPQPVNALLKEAEK
RNLSLLQARLSQDLAREQIRQAQDGHLPTLDLTASTGISDTSYSGSKTRGAAGTQYDDSNMGQNKVGLSFSLPIYQGGMV
NSQVKQAQYNFVGASEQLESAHRSVVQTVRSSFNNINASISSINAYKQAVVSAQSSLDAMEAGYSVGTRTIVDVLDATTT
LYNAKQELANARYNYLINQLNIKSALGTLNEQDLLALNNALSKPVSTNPENVAPQTPEQNAIADGYAPDSPAPVVQQTSA
RTTTSNGHNPFRN
;
A,B,C
2 'polypeptide(L)'
;METAVAYYKDGVPYDDKGQVIITLLNGTPDGSGSGGGGGKGGSKSESSAAIHATAKWSTAQLKKTQAEQAARAKAAAEAQ
AKAKANRDALTQRLKDIVNEALRHNASRTPSATELAHANNAAMQAEDERLRLAKAEEKARKEAEAAEKAFQEAEQRRKEI
EREKAETERQLKLAEAEEKRLAALSEEAKALEHHHHHH
;
D
#
# COMPACT_ATOMS: atom_id res chain seq x y z
N GLU A 23 -29.29 19.86 -4.81
CA GLU A 23 -28.80 19.24 -6.06
C GLU A 23 -29.27 17.78 -6.18
N ASN A 24 -29.47 17.28 -7.39
CA ASN A 24 -29.60 15.85 -7.66
C ASN A 24 -28.25 15.20 -7.98
N LEU A 25 -28.20 13.87 -8.10
CA LEU A 25 -26.95 13.13 -8.35
C LEU A 25 -26.24 13.58 -9.63
N MET A 26 -26.98 13.90 -10.69
CA MET A 26 -26.40 14.39 -11.93
C MET A 26 -25.69 15.74 -11.73
N GLN A 27 -26.33 16.67 -11.05
CA GLN A 27 -25.78 17.99 -10.74
C GLN A 27 -24.56 17.89 -9.80
N VAL A 28 -24.64 17.02 -8.79
CA VAL A 28 -23.51 16.73 -7.90
C VAL A 28 -22.32 16.20 -8.70
N TYR A 29 -22.54 15.30 -9.66
CA TYR A 29 -21.46 14.78 -10.49
C TYR A 29 -20.82 15.83 -11.41
N GLN A 30 -21.55 16.86 -11.87
CA GLN A 30 -20.91 17.96 -12.62
C GLN A 30 -19.86 18.67 -11.76
N GLN A 31 -20.21 18.99 -10.52
CA GLN A 31 -19.32 19.67 -9.58
C GLN A 31 -18.14 18.76 -9.16
N ALA A 32 -18.38 17.46 -9.01
CA ALA A 32 -17.32 16.48 -8.78
C ALA A 32 -16.36 16.39 -9.97
N ARG A 33 -16.84 16.13 -11.18
CA ARG A 33 -16.01 15.98 -12.39
C ARG A 33 -15.18 17.23 -12.68
N LEU A 34 -15.75 18.41 -12.47
CA LEU A 34 -15.08 19.70 -12.65
C LEU A 34 -13.92 19.92 -11.68
N SER A 35 -14.11 19.58 -10.40
CA SER A 35 -13.21 20.01 -9.31
C SER A 35 -12.32 18.93 -8.70
N ASN A 36 -12.65 17.65 -8.84
CA ASN A 36 -12.07 16.58 -8.03
C ASN A 36 -10.54 16.44 -8.25
N PRO A 37 -9.71 16.56 -7.20
CA PRO A 37 -8.27 16.56 -7.34
C PRO A 37 -7.70 15.20 -7.74
N GLU A 38 -8.33 14.09 -7.38
CA GLU A 38 -7.81 12.75 -7.69
C GLU A 38 -7.81 12.51 -9.21
N LEU A 39 -8.91 12.88 -9.87
CA LEU A 39 -9.03 12.79 -11.32
C LEU A 39 -8.14 13.81 -12.03
N ARG A 40 -8.08 15.05 -11.53
CA ARG A 40 -7.27 16.12 -12.14
C ARG A 40 -5.77 15.86 -12.02
N LYS A 41 -5.32 15.29 -10.89
CA LYS A 41 -3.95 14.79 -10.71
C LYS A 41 -3.64 13.64 -11.68
N SER A 42 -4.58 12.71 -11.85
CA SER A 42 -4.44 11.62 -12.83
C SER A 42 -4.36 12.12 -14.28
N ALA A 43 -5.14 13.15 -14.64
CA ALA A 43 -5.07 13.78 -15.96
C ALA A 43 -3.69 14.39 -16.24
N ALA A 44 -3.08 15.05 -15.25
CA ALA A 44 -1.73 15.60 -15.36
C ALA A 44 -0.67 14.49 -15.52
N ASP A 45 -0.78 13.41 -14.75
CA ASP A 45 0.10 12.23 -14.88
C ASP A 45 -0.08 11.48 -16.22
N ARG A 46 -1.24 11.58 -16.87
CA ARG A 46 -1.48 11.07 -18.23
C ARG A 46 -0.81 11.95 -19.26
N ASP A 47 -1.07 13.26 -19.23
CA ASP A 47 -0.50 14.21 -20.20
C ASP A 47 1.04 14.26 -20.15
N ALA A 48 1.64 14.11 -18.97
CA ALA A 48 3.10 13.98 -18.82
C ALA A 48 3.67 12.77 -19.60
N ALA A 49 3.00 11.62 -19.56
CA ALA A 49 3.46 10.41 -20.27
C ALA A 49 3.38 10.56 -21.79
N PHE A 50 2.44 11.36 -22.31
CA PHE A 50 2.36 11.69 -23.72
C PHE A 50 3.43 12.70 -24.14
N GLU A 51 3.72 13.74 -23.34
CA GLU A 51 4.85 14.63 -23.63
C GLU A 51 6.19 13.91 -23.60
N LYS A 52 6.33 12.88 -22.76
CA LYS A 52 7.53 12.05 -22.70
C LYS A 52 7.79 11.25 -23.98
N ILE A 53 6.80 11.05 -24.86
CA ILE A 53 7.05 10.50 -26.20
C ILE A 53 7.98 11.44 -26.99
N ASN A 54 7.84 12.75 -26.85
CA ASN A 54 8.72 13.72 -27.51
C ASN A 54 10.16 13.65 -26.97
N GLU A 55 10.34 13.46 -25.66
CA GLU A 55 11.66 13.16 -25.10
C GLU A 55 12.21 11.83 -25.63
N ALA A 56 11.40 10.77 -25.67
CA ALA A 56 11.83 9.46 -26.16
C ALA A 56 12.19 9.44 -27.65
N ARG A 57 11.56 10.31 -28.46
CA ARG A 57 11.89 10.50 -29.89
C ARG A 57 13.16 11.33 -30.11
N SER A 58 13.45 12.29 -29.21
CA SER A 58 14.53 13.26 -29.41
C SER A 58 15.92 12.69 -29.74
N PRO A 59 16.38 11.52 -29.22
CA PRO A 59 17.70 10.99 -29.55
C PRO A 59 17.84 10.46 -30.99
N LEU A 60 16.74 10.29 -31.72
CA LEU A 60 16.73 9.93 -33.15
C LEU A 60 16.94 11.15 -34.06
N LEU A 61 16.77 12.37 -33.54
CA LEU A 61 16.90 13.62 -34.27
C LEU A 61 18.34 14.19 -34.17
N PRO A 62 18.71 15.20 -34.99
CA PRO A 62 20.05 15.78 -34.94
C PRO A 62 20.36 16.39 -33.58
N GLN A 63 21.49 16.02 -33.00
CA GLN A 63 22.07 16.67 -31.82
C GLN A 63 23.12 17.69 -32.30
N LEU A 64 23.14 18.89 -31.73
CA LEU A 64 24.01 19.99 -32.16
C LEU A 64 24.49 20.78 -30.94
N GLY A 65 25.81 20.90 -30.79
CA GLY A 65 26.44 21.56 -29.63
C GLY A 65 27.68 22.35 -30.00
N LEU A 66 27.87 23.48 -29.32
CA LEU A 66 29.07 24.31 -29.42
C LEU A 66 30.01 24.02 -28.24
N GLY A 67 31.18 23.45 -28.52
CA GLY A 67 32.27 23.34 -27.56
C GLY A 67 33.28 24.48 -27.74
N ALA A 68 33.90 24.94 -26.66
CA ALA A 68 35.01 25.90 -26.73
C ALA A 68 36.04 25.62 -25.61
N ASP A 69 37.27 26.08 -25.82
CA ASP A 69 38.43 25.66 -25.04
C ASP A 69 39.51 26.75 -25.00
N TYR A 70 40.15 26.95 -23.86
CA TYR A 70 41.40 27.70 -23.71
C TYR A 70 42.30 26.98 -22.72
N THR A 71 43.60 26.90 -23.01
CA THR A 71 44.59 26.25 -22.14
C THR A 71 45.96 26.91 -22.21
N TYR A 72 46.61 26.98 -21.05
CA TYR A 72 48.04 27.25 -20.91
C TYR A 72 48.77 25.96 -20.49
N SER A 73 49.97 25.77 -21.03
CA SER A 73 50.80 24.59 -20.83
C SER A 73 52.26 24.98 -20.62
N ASN A 74 52.93 24.26 -19.73
CA ASN A 74 54.29 24.50 -19.25
C ASN A 74 55.03 23.16 -19.15
N GLY A 75 55.93 22.89 -20.09
CA GLY A 75 56.75 21.68 -20.10
C GLY A 75 57.89 21.72 -19.08
N TYR A 76 58.27 20.54 -18.60
CA TYR A 76 59.41 20.31 -17.70
C TYR A 76 60.05 18.94 -18.03
N ARG A 77 61.23 18.64 -17.46
CA ARG A 77 61.97 17.37 -17.66
C ARG A 77 62.10 16.96 -19.14
N ASP A 78 63.12 17.50 -19.81
CA ASP A 78 63.37 17.45 -21.26
C ASP A 78 62.34 18.21 -22.12
N ALA A 79 61.06 18.28 -21.74
CA ALA A 79 60.13 19.29 -22.24
C ALA A 79 60.32 20.69 -21.61
N ASN A 80 61.35 20.87 -20.77
CA ASN A 80 61.69 22.14 -20.11
C ASN A 80 61.98 23.26 -21.13
N GLY A 81 61.55 24.49 -20.82
CA GLY A 81 61.69 25.65 -21.70
C GLY A 81 60.72 25.69 -22.88
N ILE A 82 59.75 24.77 -22.95
CA ILE A 82 58.63 24.80 -23.90
C ILE A 82 57.35 25.14 -23.14
N ASN A 83 56.74 26.28 -23.44
CA ASN A 83 55.43 26.68 -22.95
C ASN A 83 54.51 26.97 -24.13
N SER A 84 53.20 26.90 -23.93
CA SER A 84 52.23 27.10 -25.00
C SER A 84 50.90 27.65 -24.48
N ASN A 85 50.26 28.50 -25.27
CA ASN A 85 48.88 28.93 -25.11
C ASN A 85 48.09 28.47 -26.33
N ALA A 86 46.93 27.86 -26.12
CA ALA A 86 46.09 27.33 -27.19
C ALA A 86 44.60 27.57 -26.90
N THR A 87 43.81 27.71 -27.95
CA THR A 87 42.36 27.91 -27.88
C THR A 87 41.65 27.30 -29.08
N SER A 88 40.39 26.90 -28.89
CA SER A 88 39.57 26.32 -29.95
C SER A 88 38.08 26.62 -29.71
N ALA A 89 37.33 26.68 -30.82
CA ALA A 89 35.87 26.66 -30.82
C ALA A 89 35.41 25.66 -31.89
N SER A 90 34.38 24.87 -31.59
CA SER A 90 33.93 23.79 -32.47
C SER A 90 32.43 23.59 -32.34
N LEU A 91 31.69 23.99 -33.38
CA LEU A 91 30.29 23.63 -33.55
C LEU A 91 30.23 22.23 -34.17
N GLN A 92 29.61 21.28 -33.49
CA GLN A 92 29.60 19.88 -33.88
C GLN A 92 28.22 19.23 -33.78
N LEU A 93 27.97 18.28 -34.68
CA LEU A 93 26.68 17.63 -34.90
C LEU A 93 26.81 16.10 -34.83
N THR A 94 25.77 15.43 -34.36
CA THR A 94 25.67 13.95 -34.35
C THR A 94 24.26 13.52 -34.76
N GLN A 95 24.16 12.45 -35.55
CA GLN A 95 22.91 11.87 -36.02
C GLN A 95 23.06 10.35 -36.15
N SER A 96 22.26 9.56 -35.43
CA SER A 96 22.26 8.10 -35.61
C SER A 96 21.68 7.71 -36.98
N ILE A 97 22.43 6.91 -37.73
CA ILE A 97 22.00 6.35 -39.02
C ILE A 97 21.33 4.99 -38.82
N PHE A 98 21.83 4.19 -37.87
CA PHE A 98 21.19 2.96 -37.41
C PHE A 98 21.52 2.72 -35.93
N ASP A 99 20.51 2.79 -35.06
CA ASP A 99 20.60 2.40 -33.65
C ASP A 99 19.24 1.92 -33.16
N MET A 100 18.99 0.61 -33.29
CA MET A 100 17.68 0.01 -33.04
C MET A 100 17.19 0.21 -31.60
N SER A 101 18.10 0.32 -30.63
CA SER A 101 17.74 0.56 -29.22
C SER A 101 16.98 1.87 -29.02
N LYS A 102 17.22 2.91 -29.84
CA LYS A 102 16.49 4.18 -29.79
C LYS A 102 15.07 4.04 -30.34
N TRP A 103 14.89 3.29 -31.43
CA TRP A 103 13.56 2.97 -31.97
C TRP A 103 12.74 2.12 -31.00
N ARG A 104 13.37 1.17 -30.31
CA ARG A 104 12.74 0.41 -29.22
C ARG A 104 12.36 1.31 -28.05
N ALA A 105 13.25 2.20 -27.58
CA ALA A 105 12.96 3.11 -26.48
C ALA A 105 11.77 4.04 -26.78
N LEU A 106 11.66 4.55 -28.02
CA LEU A 106 10.49 5.30 -28.48
C LEU A 106 9.23 4.44 -28.46
N THR A 107 9.28 3.25 -29.03
CA THR A 107 8.11 2.34 -29.11
C THR A 107 7.62 1.93 -27.72
N LEU A 108 8.54 1.67 -26.77
CA LEU A 108 8.21 1.41 -25.38
C LEU A 108 7.54 2.60 -24.70
N GLN A 109 7.96 3.84 -24.98
CA GLN A 109 7.28 5.02 -24.43
C GLN A 109 5.88 5.21 -25.01
N GLU A 110 5.66 4.94 -26.30
CA GLU A 110 4.32 4.97 -26.89
C GLU A 110 3.39 3.93 -26.25
N LYS A 111 3.89 2.73 -25.95
CA LYS A 111 3.15 1.70 -25.22
C LYS A 111 2.89 2.08 -23.76
N ALA A 112 3.87 2.67 -23.08
CA ALA A 112 3.72 3.17 -21.72
C ALA A 112 2.69 4.30 -21.61
N ALA A 113 2.65 5.22 -22.59
CA ALA A 113 1.62 6.25 -22.68
C ALA A 113 0.22 5.65 -22.90
N GLY A 114 0.10 4.59 -23.71
CA GLY A 114 -1.16 3.85 -23.89
C GLY A 114 -1.66 3.19 -22.59
N ILE A 115 -0.76 2.58 -21.81
CA ILE A 115 -1.06 2.02 -20.49
C ILE A 115 -1.50 3.13 -19.51
N GLN A 116 -0.85 4.28 -19.55
CA GLN A 116 -1.22 5.42 -18.72
C GLN A 116 -2.60 5.99 -19.10
N ASP A 117 -2.96 5.98 -20.37
CA ASP A 117 -4.27 6.45 -20.82
C ASP A 117 -5.44 5.59 -20.31
N VAL A 118 -5.30 4.25 -20.31
CA VAL A 118 -6.31 3.37 -19.70
C VAL A 118 -6.30 3.43 -18.17
N THR A 119 -5.17 3.79 -17.55
CA THR A 119 -5.10 4.07 -16.11
C THR A 119 -5.93 5.32 -15.78
N TYR A 120 -5.76 6.41 -16.53
CA TYR A 120 -6.59 7.60 -16.41
C TYR A 120 -8.07 7.31 -16.67
N GLN A 121 -8.38 6.52 -17.71
CA GLN A 121 -9.76 6.12 -18.00
C GLN A 121 -10.41 5.33 -16.85
N THR A 122 -9.63 4.54 -16.11
CA THR A 122 -10.09 3.84 -14.90
C THR A 122 -10.35 4.80 -13.75
N ASP A 123 -9.50 5.82 -13.55
CA ASP A 123 -9.74 6.88 -12.55
C ASP A 123 -10.97 7.72 -12.89
N GLN A 124 -11.17 8.04 -14.17
CA GLN A 124 -12.35 8.75 -14.68
C GLN A 124 -13.63 7.96 -14.42
N GLN A 125 -13.59 6.64 -14.63
CA GLN A 125 -14.71 5.74 -14.36
C GLN A 125 -14.99 5.55 -12.87
N THR A 126 -13.96 5.38 -12.03
CA THR A 126 -14.15 5.17 -10.59
C THR A 126 -14.59 6.43 -9.85
N LEU A 127 -14.34 7.65 -10.35
CA LEU A 127 -14.96 8.85 -9.77
C LEU A 127 -16.48 8.81 -9.81
N ILE A 128 -17.06 8.25 -10.88
CA ILE A 128 -18.52 8.10 -11.02
C ILE A 128 -19.07 7.22 -9.90
N LEU A 129 -18.45 6.05 -9.71
CA LEU A 129 -18.86 5.09 -8.70
C LEU A 129 -18.71 5.65 -7.27
N ASN A 130 -17.62 6.37 -7.00
CA ASN A 130 -17.40 7.04 -5.71
C ASN A 130 -18.40 8.16 -5.45
N THR A 131 -18.73 8.97 -6.47
CA THR A 131 -19.71 10.06 -6.34
C THR A 131 -21.09 9.50 -6.01
N ALA A 132 -21.55 8.49 -6.76
CA ALA A 132 -22.83 7.83 -6.48
C ALA A 132 -22.85 7.16 -5.11
N THR A 133 -21.78 6.46 -4.73
CA THR A 133 -21.67 5.81 -3.42
C THR A 133 -21.78 6.84 -2.29
N ALA A 134 -21.06 7.96 -2.36
CA ALA A 134 -21.13 9.01 -1.35
C ALA A 134 -22.53 9.65 -1.28
N TYR A 135 -23.16 9.90 -2.44
CA TYR A 135 -24.50 10.48 -2.51
C TYR A 135 -25.55 9.57 -1.85
N PHE A 136 -25.55 8.28 -2.18
CA PHE A 136 -26.45 7.31 -1.55
C PHE A 136 -26.14 7.05 -0.08
N ASN A 137 -24.88 7.18 0.37
CA ASN A 137 -24.57 7.13 1.80
C ASN A 137 -25.24 8.27 2.58
N VAL A 138 -25.31 9.48 2.03
CA VAL A 138 -26.04 10.59 2.67
C VAL A 138 -27.55 10.30 2.69
N LEU A 139 -28.15 9.90 1.57
CA LEU A 139 -29.58 9.57 1.54
C LEU A 139 -29.96 8.44 2.51
N ASN A 140 -29.13 7.39 2.57
CA ASN A 140 -29.32 6.29 3.51
C ASN A 140 -29.22 6.76 4.97
N ALA A 141 -28.27 7.64 5.30
CA ALA A 141 -28.14 8.19 6.65
C ALA A 141 -29.34 9.08 7.05
N ILE A 142 -29.94 9.83 6.12
CA ILE A 142 -31.18 10.59 6.36
C ILE A 142 -32.33 9.64 6.72
N ASP A 143 -32.48 8.52 6.00
CA ASP A 143 -33.53 7.53 6.28
C ASP A 143 -33.29 6.79 7.61
N VAL A 144 -32.06 6.38 7.90
CA VAL A 144 -31.70 5.76 9.19
C VAL A 144 -31.98 6.70 10.36
N LEU A 145 -31.65 7.98 10.24
CA LEU A 145 -32.00 8.98 11.25
C LEU A 145 -33.52 9.14 11.40
N SER A 146 -34.26 9.21 10.28
CA SER A 146 -35.72 9.37 10.30
C SER A 146 -36.42 8.20 10.98
N TYR A 147 -36.01 6.97 10.69
CA TYR A 147 -36.52 5.77 11.35
C TYR A 147 -36.09 5.67 12.82
N THR A 148 -34.90 6.15 13.17
CA THR A 148 -34.48 6.24 14.58
C THR A 148 -35.33 7.25 15.35
N GLN A 149 -35.66 8.40 14.76
CA GLN A 149 -36.57 9.38 15.36
C GLN A 149 -38.00 8.85 15.48
N ALA A 150 -38.49 8.08 14.51
CA ALA A 150 -39.79 7.41 14.62
C ALA A 150 -39.82 6.35 15.73
N GLN A 151 -38.75 5.57 15.89
CA GLN A 151 -38.60 4.60 16.98
C GLN A 151 -38.51 5.31 18.35
N LYS A 152 -37.80 6.44 18.44
CA LYS A 152 -37.76 7.29 19.64
C LYS A 152 -39.16 7.78 20.02
N GLU A 153 -39.93 8.28 19.06
CA GLU A 153 -41.31 8.73 19.27
C GLU A 153 -42.22 7.62 19.81
N ALA A 154 -42.02 6.38 19.37
CA ALA A 154 -42.76 5.22 19.88
C ALA A 154 -42.32 4.83 21.30
N ILE A 155 -41.01 4.73 21.56
CA ILE A 155 -40.47 4.39 22.89
C ILE A 155 -40.85 5.46 23.93
N TYR A 156 -40.97 6.73 23.52
CA TYR A 156 -41.45 7.79 24.40
C TYR A 156 -42.87 7.54 24.94
N ARG A 157 -43.75 6.87 24.19
CA ARG A 157 -45.13 6.57 24.64
C ARG A 157 -45.14 5.60 25.84
N GLN A 158 -44.17 4.69 25.94
CA GLN A 158 -44.00 3.86 27.13
C GLN A 158 -43.60 4.71 28.34
N LEU A 159 -42.66 5.64 28.18
CA LEU A 159 -42.23 6.52 29.26
C LEU A 159 -43.37 7.44 29.72
N ASP A 160 -44.17 7.96 28.79
CA ASP A 160 -45.38 8.72 29.10
C ASP A 160 -46.40 7.86 29.86
N GLN A 161 -46.82 6.72 29.32
CA GLN A 161 -47.83 5.84 29.93
C GLN A 161 -47.44 5.36 31.32
N THR A 162 -46.19 4.88 31.51
CA THR A 162 -45.72 4.48 32.84
C THR A 162 -45.68 5.65 33.80
N THR A 163 -45.29 6.86 33.35
CA THR A 163 -45.32 8.06 34.20
C THR A 163 -46.75 8.46 34.60
N GLN A 164 -47.71 8.45 33.67
CA GLN A 164 -49.10 8.77 34.02
C GLN A 164 -49.67 7.74 34.99
N ARG A 165 -49.47 6.44 34.72
CA ARG A 165 -49.98 5.35 35.56
C ARG A 165 -49.30 5.32 36.93
N PHE A 166 -48.03 5.71 37.04
CA PHE A 166 -47.34 5.91 38.31
C PHE A 166 -47.92 7.10 39.11
N ASN A 167 -48.24 8.21 38.45
CA ASN A 167 -48.91 9.35 39.08
C ASN A 167 -50.34 9.04 39.53
N VAL A 168 -51.06 8.19 38.80
CA VAL A 168 -52.35 7.59 39.21
C VAL A 168 -52.18 6.61 40.38
N GLY A 169 -50.97 6.06 40.59
CA GLY A 169 -50.67 5.03 41.59
C GLY A 169 -50.99 3.60 41.13
N LEU A 170 -51.26 3.40 39.84
CA LEU A 170 -51.65 2.12 39.22
C LEU A 170 -50.46 1.17 39.01
N VAL A 171 -49.23 1.70 38.84
CA VAL A 171 -47.99 0.93 38.61
C VAL A 171 -46.84 1.44 39.49
N ALA A 172 -45.88 0.55 39.78
CA ALA A 172 -44.70 0.86 40.59
C ALA A 172 -43.62 1.66 39.83
N ILE A 173 -42.75 2.34 40.58
CA ILE A 173 -41.65 3.17 40.05
C ILE A 173 -40.67 2.40 39.15
N THR A 174 -40.54 1.08 39.33
CA THR A 174 -39.72 0.20 38.48
C THR A 174 -40.06 0.34 37.00
N ASP A 175 -41.33 0.51 36.67
CA ASP A 175 -41.78 0.51 35.28
C ASP A 175 -41.35 1.82 34.58
N VAL A 176 -41.37 2.93 35.33
CA VAL A 176 -40.82 4.22 34.90
C VAL A 176 -39.30 4.15 34.77
N GLN A 177 -38.59 3.52 35.72
CA GLN A 177 -37.13 3.39 35.67
C GLN A 177 -36.66 2.57 34.45
N ASN A 178 -37.36 1.48 34.12
CA ASN A 178 -37.07 0.70 32.90
C ASN A 178 -37.44 1.47 31.63
N ALA A 179 -38.57 2.19 31.61
CA ALA A 179 -38.94 3.03 30.48
C ALA A 179 -37.91 4.16 30.25
N ARG A 180 -37.38 4.77 31.32
CA ARG A 180 -36.28 5.74 31.25
C ARG A 180 -34.99 5.12 30.74
N ALA A 181 -34.59 3.95 31.24
CA ALA A 181 -33.40 3.25 30.77
C ALA A 181 -33.46 2.95 29.27
N GLN A 182 -34.63 2.52 28.76
CA GLN A 182 -34.84 2.30 27.34
C GLN A 182 -34.83 3.61 26.53
N TYR A 183 -35.55 4.64 27.00
CA TYR A 183 -35.61 5.94 26.32
C TYR A 183 -34.24 6.65 26.26
N ASP A 184 -33.49 6.66 27.35
CA ASP A 184 -32.12 7.22 27.37
C ASP A 184 -31.17 6.46 26.44
N THR A 185 -31.43 5.17 26.19
CA THR A 185 -30.67 4.38 25.21
C THR A 185 -31.08 4.72 23.76
N VAL A 186 -32.36 4.97 23.46
CA VAL A 186 -32.74 5.39 22.09
C VAL A 186 -32.28 6.82 21.80
N LEU A 187 -32.15 7.69 22.81
CA LEU A 187 -31.44 8.97 22.68
C LEU A 187 -29.98 8.79 22.27
N ALA A 188 -29.26 7.82 22.86
CA ALA A 188 -27.89 7.51 22.44
C ALA A 188 -27.82 6.97 20.99
N ASN A 189 -28.85 6.26 20.54
CA ASN A 189 -28.98 5.84 19.15
C ASN A 189 -29.27 7.02 18.21
N GLU A 190 -30.11 7.99 18.59
CA GLU A 190 -30.31 9.21 17.80
C GLU A 190 -29.02 10.00 17.64
N VAL A 191 -28.24 10.16 18.72
CA VAL A 191 -26.90 10.79 18.67
C VAL A 191 -26.01 10.06 17.67
N THR A 192 -26.00 8.73 17.71
CA THR A 192 -25.20 7.91 16.79
C THR A 192 -25.66 8.08 15.33
N ALA A 193 -26.96 8.06 15.07
CA ALA A 193 -27.51 8.24 13.73
C ALA A 193 -27.22 9.64 13.18
N ARG A 194 -27.36 10.68 14.01
CA ARG A 194 -27.07 12.07 13.63
C ARG A 194 -25.59 12.28 13.32
N ASN A 195 -24.70 11.68 14.11
CA ASN A 195 -23.26 11.70 13.84
C ASN A 195 -22.90 11.02 12.52
N ASN A 196 -23.54 9.88 12.22
CA ASN A 196 -23.35 9.18 10.94
C ASN A 196 -23.82 10.01 9.74
N LEU A 197 -24.92 10.75 9.86
CA LEU A 197 -25.38 11.69 8.83
C LEU A 197 -24.37 12.81 8.59
N ASP A 198 -23.89 13.46 9.66
CA ASP A 198 -22.90 14.53 9.54
C ASP A 198 -21.60 14.05 8.88
N ASN A 199 -21.06 12.91 9.31
CA ASN A 199 -19.85 12.34 8.71
C ASN A 199 -20.05 11.83 7.28
N ALA A 200 -21.26 11.42 6.88
CA ALA A 200 -21.56 11.11 5.48
C ALA A 200 -21.51 12.36 4.60
N VAL A 201 -22.07 13.49 5.07
CA VAL A 201 -22.04 14.77 4.36
C VAL A 201 -20.62 15.29 4.20
N GLU A 202 -19.76 15.17 5.22
CA GLU A 202 -18.35 15.54 5.10
C GLU A 202 -17.59 14.71 4.06
N GLN A 203 -17.87 13.40 3.96
CA GLN A 203 -17.27 12.54 2.95
C GLN A 203 -17.77 12.88 1.53
N LEU A 204 -19.07 13.19 1.36
CA LEU A 204 -19.57 13.69 0.09
C LEU A 204 -18.89 15.01 -0.31
N ARG A 205 -18.71 15.93 0.64
CA ARG A 205 -18.01 17.20 0.45
C ARG A 205 -16.52 17.03 0.12
N GLN A 206 -15.88 15.96 0.57
CA GLN A 206 -14.51 15.64 0.14
C GLN A 206 -14.45 15.24 -1.34
N ILE A 207 -15.37 14.41 -1.82
CA ILE A 207 -15.42 13.99 -3.23
C ILE A 207 -15.77 15.17 -4.14
N THR A 208 -16.80 15.93 -3.77
CA THR A 208 -17.45 16.93 -4.63
C THR A 208 -16.92 18.36 -4.46
N GLY A 209 -16.15 18.62 -3.40
CA GLY A 209 -15.66 19.96 -3.06
C GLY A 209 -16.71 20.91 -2.46
N ASN A 210 -17.93 20.44 -2.19
CA ASN A 210 -19.08 21.30 -1.92
C ASN A 210 -19.97 20.76 -0.79
N TYR A 211 -20.53 21.66 0.03
CA TYR A 211 -21.65 21.35 0.93
C TYR A 211 -22.98 21.54 0.20
N TYR A 212 -23.89 20.59 0.37
CA TYR A 212 -25.26 20.65 -0.16
C TYR A 212 -26.24 20.77 1.01
N PRO A 213 -27.12 21.79 1.05
CA PRO A 213 -28.17 21.86 2.07
C PRO A 213 -29.26 20.81 1.83
N GLU A 214 -29.50 20.42 0.58
CA GLU A 214 -30.54 19.49 0.17
C GLU A 214 -30.09 18.58 -0.98
N LEU A 215 -30.46 17.30 -0.92
CA LEU A 215 -30.26 16.32 -1.99
C LEU A 215 -31.61 15.80 -2.50
N ALA A 216 -31.71 15.47 -3.79
CA ALA A 216 -32.92 14.83 -4.34
C ALA A 216 -33.05 13.37 -3.85
N ALA A 217 -34.13 13.05 -3.14
CA ALA A 217 -34.39 11.73 -2.58
C ALA A 217 -34.94 10.73 -3.60
N LEU A 218 -34.79 9.44 -3.29
CA LEU A 218 -35.30 8.33 -4.08
C LEU A 218 -36.84 8.29 -4.10
N ASN A 219 -37.45 8.18 -5.29
CA ASN A 219 -38.90 8.15 -5.46
C ASN A 219 -39.49 6.76 -5.17
N VAL A 220 -39.42 6.31 -3.92
CA VAL A 220 -39.74 4.93 -3.50
C VAL A 220 -41.15 4.46 -3.89
N GLU A 221 -42.12 5.36 -4.03
CA GLU A 221 -43.48 5.04 -4.50
C GLU A 221 -43.54 4.62 -5.99
N ASN A 222 -42.52 4.91 -6.80
CA ASN A 222 -42.39 4.50 -8.20
C ASN A 222 -41.07 3.76 -8.49
N PHE A 223 -40.27 3.44 -7.46
CA PHE A 223 -39.05 2.66 -7.58
C PHE A 223 -39.34 1.26 -8.16
N LYS A 224 -38.46 0.77 -9.04
CA LYS A 224 -38.66 -0.46 -9.82
C LYS A 224 -37.34 -1.22 -9.99
N THR A 225 -37.29 -2.44 -9.45
CA THR A 225 -36.22 -3.41 -9.70
C THR A 225 -36.32 -3.97 -11.12
N ASP A 226 -35.18 -4.16 -11.79
CA ASP A 226 -35.12 -4.68 -13.17
C ASP A 226 -34.01 -5.74 -13.29
N LYS A 227 -34.34 -6.89 -13.88
CA LYS A 227 -33.46 -8.08 -13.96
C LYS A 227 -32.24 -7.82 -14.87
N PRO A 228 -31.01 -8.18 -14.45
CA PRO A 228 -29.81 -8.01 -15.27
C PRO A 228 -29.78 -8.97 -16.47
N GLN A 229 -28.91 -8.70 -17.43
CA GLN A 229 -28.57 -9.64 -18.50
C GLN A 229 -28.01 -10.96 -17.93
N PRO A 230 -28.15 -12.10 -18.64
CA PRO A 230 -27.60 -13.37 -18.17
C PRO A 230 -26.08 -13.31 -18.05
N VAL A 231 -25.53 -13.96 -17.02
CA VAL A 231 -24.12 -13.78 -16.63
C VAL A 231 -23.12 -14.14 -17.74
N ASN A 232 -23.46 -15.07 -18.63
CA ASN A 232 -22.64 -15.40 -19.79
C ASN A 232 -22.53 -14.21 -20.76
N ALA A 233 -23.62 -13.50 -21.04
CA ALA A 233 -23.62 -12.32 -21.89
C ALA A 233 -22.86 -11.15 -21.24
N LEU A 234 -23.02 -10.96 -19.93
CA LEU A 234 -22.25 -9.98 -19.16
C LEU A 234 -20.76 -10.28 -19.23
N LEU A 235 -20.36 -11.54 -19.00
CA LEU A 235 -18.96 -11.94 -18.97
C LEU A 235 -18.29 -11.89 -20.35
N LYS A 236 -19.00 -12.29 -21.41
CA LYS A 236 -18.54 -12.16 -22.80
C LYS A 236 -18.34 -10.70 -23.22
N GLU A 237 -19.16 -9.77 -22.72
CA GLU A 237 -18.94 -8.35 -22.95
C GLU A 237 -17.76 -7.82 -22.11
N ALA A 238 -17.71 -8.12 -20.81
CA ALA A 238 -16.64 -7.68 -19.93
C ALA A 238 -15.25 -8.14 -20.41
N GLU A 239 -15.13 -9.35 -20.93
CA GLU A 239 -13.87 -9.89 -21.48
C GLU A 239 -13.33 -9.06 -22.67
N LYS A 240 -14.19 -8.37 -23.43
CA LYS A 240 -13.80 -7.46 -24.52
C LYS A 240 -13.52 -6.03 -24.06
N ARG A 241 -13.99 -5.65 -22.86
CA ARG A 241 -14.31 -4.25 -22.53
C ARG A 241 -13.73 -3.75 -21.20
N ASN A 242 -13.50 -4.63 -20.22
CA ASN A 242 -13.04 -4.25 -18.89
C ASN A 242 -11.65 -3.57 -18.93
N LEU A 243 -11.52 -2.40 -18.32
CA LEU A 243 -10.30 -1.58 -18.37
C LEU A 243 -9.10 -2.23 -17.68
N SER A 244 -9.29 -2.95 -16.57
CA SER A 244 -8.18 -3.62 -15.88
C SER A 244 -7.64 -4.82 -16.67
N LEU A 245 -8.51 -5.54 -17.38
CA LEU A 245 -8.12 -6.61 -18.29
C LEU A 245 -7.40 -6.06 -19.53
N LEU A 246 -7.91 -4.98 -20.11
CA LEU A 246 -7.26 -4.25 -21.20
C LEU A 246 -5.86 -3.77 -20.79
N GLN A 247 -5.72 -3.18 -19.62
CA GLN A 247 -4.43 -2.76 -19.09
C GLN A 247 -3.47 -3.93 -18.89
N ALA A 248 -3.95 -5.08 -18.45
CA ALA A 248 -3.14 -6.30 -18.35
C ALA A 248 -2.67 -6.80 -19.73
N ARG A 249 -3.53 -6.76 -20.76
CA ARG A 249 -3.15 -7.10 -22.14
C ARG A 249 -2.06 -6.17 -22.67
N LEU A 250 -2.21 -4.86 -22.47
CA LEU A 250 -1.21 -3.87 -22.85
C LEU A 250 0.10 -4.06 -22.08
N SER A 251 0.05 -4.42 -20.81
CA SER A 251 1.25 -4.71 -19.99
C SER A 251 1.98 -5.96 -20.45
N GLN A 252 1.27 -7.01 -20.87
CA GLN A 252 1.87 -8.19 -21.51
C GLN A 252 2.55 -7.81 -22.83
N ASP A 253 1.91 -6.98 -23.66
CA ASP A 253 2.48 -6.53 -24.92
C ASP A 253 3.72 -5.63 -24.74
N LEU A 254 3.74 -4.80 -23.69
CA LEU A 254 4.93 -4.04 -23.30
C LEU A 254 6.08 -4.97 -22.91
N ALA A 255 5.81 -5.99 -22.07
CA ALA A 255 6.83 -6.96 -21.69
C ALA A 255 7.36 -7.78 -22.88
N ARG A 256 6.52 -8.06 -23.88
CA ARG A 256 6.93 -8.68 -25.15
C ARG A 256 7.82 -7.77 -25.98
N GLU A 257 7.53 -6.46 -26.03
CA GLU A 257 8.41 -5.49 -26.68
C GLU A 257 9.75 -5.34 -25.95
N GLN A 258 9.76 -5.47 -24.62
CA GLN A 258 11.01 -5.49 -23.84
C GLN A 258 11.91 -6.70 -24.16
N ILE A 259 11.37 -7.86 -24.55
CA ILE A 259 12.19 -8.96 -25.09
C ILE A 259 12.92 -8.49 -26.35
N ARG A 260 12.21 -7.88 -27.31
CA ARG A 260 12.82 -7.37 -28.54
C ARG A 260 13.86 -6.29 -28.25
N GLN A 261 13.58 -5.40 -27.29
CA GLN A 261 14.53 -4.38 -26.84
C GLN A 261 15.80 -4.98 -26.20
N ALA A 262 15.70 -6.12 -25.51
CA ALA A 262 16.87 -6.85 -25.01
C ALA A 262 17.63 -7.56 -26.15
N GLN A 263 16.93 -8.30 -27.02
CA GLN A 263 17.52 -9.05 -28.13
C GLN A 263 18.29 -8.14 -29.09
N ASP A 264 17.75 -6.97 -29.40
CA ASP A 264 18.36 -5.99 -30.30
C ASP A 264 19.64 -5.34 -29.71
N GLY A 265 19.98 -5.62 -28.45
CA GLY A 265 21.29 -5.29 -27.87
C GLY A 265 22.47 -6.02 -28.53
N HIS A 266 22.23 -7.12 -29.27
CA HIS A 266 23.26 -7.81 -30.08
C HIS A 266 23.60 -7.09 -31.40
N LEU A 267 22.77 -6.15 -31.87
CA LEU A 267 22.93 -5.52 -33.19
C LEU A 267 24.10 -4.52 -33.24
N PRO A 268 24.70 -4.29 -34.43
CA PRO A 268 25.64 -3.19 -34.65
C PRO A 268 24.95 -1.82 -34.51
N THR A 269 25.77 -0.77 -34.40
CA THR A 269 25.36 0.64 -34.35
C THR A 269 26.14 1.46 -35.36
N LEU A 270 25.51 2.46 -35.98
CA LEU A 270 26.13 3.37 -36.95
C LEU A 270 25.66 4.81 -36.73
N ASP A 271 26.60 5.71 -36.42
CA ASP A 271 26.36 7.15 -36.25
C ASP A 271 27.11 7.98 -37.29
N LEU A 272 26.48 9.05 -37.78
CA LEU A 272 27.11 10.14 -38.52
C LEU A 272 27.48 11.27 -37.55
N THR A 273 28.59 11.94 -37.81
CA THR A 273 29.01 13.14 -37.09
C THR A 273 29.71 14.14 -38.00
N ALA A 274 29.63 15.43 -37.67
CA ALA A 274 30.25 16.52 -38.41
C ALA A 274 30.77 17.60 -37.44
N SER A 275 31.78 18.36 -37.85
CA SER A 275 32.37 19.42 -37.02
C SER A 275 32.95 20.54 -37.87
N THR A 276 32.63 21.79 -37.50
CA THR A 276 33.27 23.00 -38.02
C THR A 276 34.17 23.57 -36.93
N GLY A 277 35.39 23.05 -36.85
CA GLY A 277 36.37 23.40 -35.82
C GLY A 277 37.29 24.55 -36.25
N ILE A 278 37.60 25.43 -35.31
CA ILE A 278 38.58 26.53 -35.42
C ILE A 278 39.57 26.39 -34.26
N SER A 279 40.85 26.66 -34.49
CA SER A 279 41.85 26.69 -33.42
C SER A 279 42.91 27.75 -33.65
N ASP A 280 43.54 28.20 -32.56
CA ASP A 280 44.72 29.05 -32.53
C ASP A 280 45.71 28.53 -31.48
N THR A 281 47.01 28.64 -31.74
CA THR A 281 48.07 28.16 -30.84
C THR A 281 49.34 29.00 -31.00
N SER A 282 50.05 29.20 -29.89
CA SER A 282 51.34 29.90 -29.82
C SER A 282 52.26 29.25 -28.77
N TYR A 283 53.55 29.56 -28.82
CA TYR A 283 54.60 28.98 -27.97
C TYR A 283 55.54 30.05 -27.39
N SER A 284 56.14 29.76 -26.23
CA SER A 284 57.06 30.67 -25.53
C SER A 284 58.05 29.89 -24.64
N GLY A 285 59.18 30.52 -24.29
CA GLY A 285 60.27 29.92 -23.50
C GLY A 285 61.50 29.57 -24.34
N SER A 286 62.65 29.44 -23.68
CA SER A 286 63.97 29.37 -24.31
C SER A 286 64.12 28.25 -25.34
N LYS A 287 63.58 27.05 -25.08
CA LYS A 287 63.68 25.89 -25.98
C LYS A 287 62.80 26.01 -27.23
N THR A 288 61.79 26.89 -27.21
CA THR A 288 60.95 27.18 -28.40
C THR A 288 61.65 28.03 -29.46
N ARG A 289 62.72 28.75 -29.07
CA ARG A 289 63.52 29.62 -29.95
C ARG A 289 64.60 28.84 -30.74
N GLY A 290 65.24 29.50 -31.71
CA GLY A 290 66.31 28.91 -32.52
C GLY A 290 65.80 27.93 -33.59
N ALA A 291 66.71 27.12 -34.14
CA ALA A 291 66.46 26.28 -35.33
C ALA A 291 65.32 25.24 -35.17
N ALA A 292 65.07 24.76 -33.95
CA ALA A 292 63.94 23.85 -33.65
C ALA A 292 62.56 24.54 -33.72
N GLY A 293 62.50 25.87 -33.85
CA GLY A 293 61.28 26.68 -33.81
C GLY A 293 60.22 26.34 -34.87
N THR A 294 60.55 25.60 -35.92
CA THR A 294 59.58 25.05 -36.89
C THR A 294 58.58 24.08 -36.26
N GLN A 295 58.96 23.39 -35.17
CA GLN A 295 58.05 22.54 -34.36
C GLN A 295 57.17 23.35 -33.39
N TYR A 296 57.48 24.64 -33.20
CA TYR A 296 56.92 25.52 -32.17
C TYR A 296 56.49 26.89 -32.73
N ASP A 297 56.11 26.94 -34.01
CA ASP A 297 55.60 28.15 -34.67
C ASP A 297 54.11 28.37 -34.36
N ASP A 298 53.63 29.61 -34.47
CA ASP A 298 52.21 29.95 -34.30
C ASP A 298 51.33 29.28 -35.38
N SER A 299 50.08 28.97 -35.05
CA SER A 299 49.11 28.38 -35.98
C SER A 299 47.69 28.89 -35.72
N ASN A 300 46.87 28.91 -36.77
CA ASN A 300 45.48 29.38 -36.76
C ASN A 300 44.54 28.38 -37.44
N MET A 301 44.91 27.10 -37.56
CA MET A 301 44.21 26.13 -38.41
C MET A 301 42.74 25.87 -38.04
N GLY A 302 41.87 25.89 -39.05
CA GLY A 302 40.50 25.36 -38.97
C GLY A 302 40.36 24.00 -39.67
N GLN A 303 39.35 23.23 -39.28
CA GLN A 303 39.07 21.88 -39.76
C GLN A 303 37.56 21.70 -39.93
N ASN A 304 37.11 21.64 -41.18
CA ASN A 304 35.74 21.33 -41.58
C ASN A 304 35.68 19.83 -41.92
N LYS A 305 35.08 19.00 -41.05
CA LYS A 305 35.11 17.54 -41.18
C LYS A 305 33.75 16.86 -41.04
N VAL A 306 33.62 15.69 -41.66
CA VAL A 306 32.41 14.84 -41.66
C VAL A 306 32.84 13.38 -41.61
N GLY A 307 32.19 12.55 -40.80
CA GLY A 307 32.56 11.15 -40.64
C GLY A 307 31.42 10.23 -40.23
N LEU A 308 31.63 8.94 -40.42
CA LEU A 308 30.78 7.84 -39.96
C LEU A 308 31.55 7.00 -38.94
N SER A 309 30.84 6.52 -37.91
CA SER A 309 31.41 5.69 -36.85
C SER A 309 30.51 4.50 -36.57
N PHE A 310 31.08 3.30 -36.69
CA PHE A 310 30.42 2.00 -36.56
C PHE A 310 30.93 1.27 -35.32
N SER A 311 30.07 0.50 -34.67
CA SER A 311 30.41 -0.33 -33.50
C SER A 311 29.61 -1.62 -33.47
N LEU A 312 30.25 -2.72 -33.10
CA LEU A 312 29.65 -4.06 -32.99
C LEU A 312 30.25 -4.82 -31.79
N PRO A 313 29.52 -4.99 -30.67
CA PRO A 313 29.95 -5.85 -29.59
C PRO A 313 29.96 -7.32 -30.03
N ILE A 314 31.04 -8.05 -29.74
CA ILE A 314 31.27 -9.43 -30.19
C ILE A 314 31.12 -10.43 -29.04
N TYR A 315 31.58 -10.06 -27.84
CA TYR A 315 31.37 -10.84 -26.62
C TYR A 315 31.38 -9.92 -25.40
N GLN A 316 30.44 -10.12 -24.47
CA GLN A 316 30.26 -9.24 -23.31
C GLN A 316 30.04 -10.03 -22.01
N GLY A 317 30.77 -11.12 -21.80
CA GLY A 317 30.60 -11.95 -20.59
C GLY A 317 29.20 -12.56 -20.45
N GLY A 318 28.51 -12.80 -21.57
CA GLY A 318 27.12 -13.30 -21.62
C GLY A 318 26.04 -12.27 -21.27
N MET A 319 26.37 -10.97 -21.10
CA MET A 319 25.46 -9.95 -20.57
C MET A 319 24.12 -9.89 -21.31
N VAL A 320 24.14 -9.76 -22.64
CA VAL A 320 22.89 -9.62 -23.41
C VAL A 320 22.03 -10.88 -23.33
N ASN A 321 22.62 -12.07 -23.25
CA ASN A 321 21.85 -13.30 -23.09
C ASN A 321 21.19 -13.38 -21.71
N SER A 322 21.83 -12.90 -20.65
CA SER A 322 21.17 -12.76 -19.35
C SER A 322 20.02 -11.75 -19.42
N GLN A 323 20.23 -10.60 -20.06
CA GLN A 323 19.18 -9.59 -20.24
C GLN A 323 17.98 -10.12 -21.03
N VAL A 324 18.22 -10.89 -22.10
CA VAL A 324 17.16 -11.54 -22.88
C VAL A 324 16.38 -12.55 -22.04
N LYS A 325 17.06 -13.42 -21.28
CA LYS A 325 16.36 -14.38 -20.41
C LYS A 325 15.61 -13.69 -19.27
N GLN A 326 16.16 -12.64 -18.67
CA GLN A 326 15.43 -11.81 -17.71
C GLN A 326 14.16 -11.21 -18.33
N ALA A 327 14.23 -10.69 -19.56
CA ALA A 327 13.06 -10.17 -20.26
C ALA A 327 12.03 -11.26 -20.57
N GLN A 328 12.46 -12.48 -20.92
CA GLN A 328 11.57 -13.62 -21.12
C GLN A 328 10.86 -14.01 -19.82
N TYR A 329 11.56 -14.08 -18.68
CA TYR A 329 10.90 -14.31 -17.39
C TYR A 329 9.96 -13.16 -17.02
N ASN A 330 10.30 -11.90 -17.33
CA ASN A 330 9.40 -10.77 -17.11
C ASN A 330 8.12 -10.88 -17.96
N PHE A 331 8.21 -11.36 -19.19
CA PHE A 331 7.04 -11.64 -20.04
C PHE A 331 6.20 -12.81 -19.51
N VAL A 332 6.83 -13.87 -19.00
CA VAL A 332 6.11 -14.95 -18.29
C VAL A 332 5.35 -14.36 -17.10
N GLY A 333 6.00 -13.57 -16.25
CA GLY A 333 5.36 -12.86 -15.15
C GLY A 333 4.17 -12.01 -15.60
N ALA A 334 4.33 -11.21 -16.66
CA ALA A 334 3.25 -10.39 -17.22
C ALA A 334 2.09 -11.22 -17.79
N SER A 335 2.37 -12.38 -18.39
CA SER A 335 1.32 -13.28 -18.89
C SER A 335 0.54 -13.97 -17.76
N GLU A 336 1.18 -14.24 -16.61
CA GLU A 336 0.47 -14.70 -15.41
C GLU A 336 -0.31 -13.56 -14.74
N GLN A 337 0.17 -12.31 -14.78
CA GLN A 337 -0.64 -11.16 -14.36
C GLN A 337 -1.89 -10.99 -15.23
N LEU A 338 -1.84 -11.32 -16.53
CA LEU A 338 -3.02 -11.34 -17.39
C LEU A 338 -4.01 -12.45 -17.01
N GLU A 339 -3.54 -13.65 -16.65
CA GLU A 339 -4.40 -14.70 -16.12
C GLU A 339 -5.04 -14.31 -14.77
N SER A 340 -4.27 -13.67 -13.88
CA SER A 340 -4.76 -13.13 -12.62
C SER A 340 -5.84 -12.05 -12.84
N ALA A 341 -5.62 -11.13 -13.79
CA ALA A 341 -6.61 -10.13 -14.18
C ALA A 341 -7.88 -10.78 -14.76
N HIS A 342 -7.73 -11.81 -15.59
CA HIS A 342 -8.88 -12.54 -16.16
C HIS A 342 -9.72 -13.21 -15.07
N ARG A 343 -9.10 -13.92 -14.12
CA ARG A 343 -9.81 -14.49 -12.95
C ARG A 343 -10.48 -13.42 -12.10
N SER A 344 -9.84 -12.27 -11.94
CA SER A 344 -10.40 -11.15 -11.18
C SER A 344 -11.66 -10.58 -11.84
N VAL A 345 -11.69 -10.38 -13.17
CA VAL A 345 -12.93 -9.91 -13.82
C VAL A 345 -14.01 -10.98 -13.85
N VAL A 346 -13.68 -12.26 -14.00
CA VAL A 346 -14.66 -13.36 -13.89
C VAL A 346 -15.34 -13.33 -12.53
N GLN A 347 -14.56 -13.28 -11.44
CA GLN A 347 -15.10 -13.21 -10.09
C GLN A 347 -15.87 -11.91 -9.85
N THR A 348 -15.41 -10.77 -10.37
CA THR A 348 -16.08 -9.47 -10.20
C THR A 348 -17.42 -9.42 -10.95
N VAL A 349 -17.49 -9.92 -12.18
CA VAL A 349 -18.74 -10.00 -12.95
C VAL A 349 -19.73 -10.94 -12.27
N ARG A 350 -19.30 -12.16 -11.91
CA ARG A 350 -20.17 -13.15 -11.26
C ARG A 350 -20.69 -12.68 -9.91
N SER A 351 -19.83 -12.10 -9.06
CA SER A 351 -20.28 -11.55 -7.78
C SER A 351 -21.18 -10.32 -7.94
N SER A 352 -20.97 -9.47 -8.93
CA SER A 352 -21.89 -8.37 -9.22
C SER A 352 -23.26 -8.89 -9.68
N PHE A 353 -23.30 -9.88 -10.57
CA PHE A 353 -24.54 -10.53 -10.99
C PHE A 353 -25.27 -11.20 -9.81
N ASN A 354 -24.54 -11.91 -8.93
CA ASN A 354 -25.12 -12.48 -7.71
C ASN A 354 -25.77 -11.41 -6.85
N ASN A 355 -25.05 -10.32 -6.55
CA ASN A 355 -25.53 -9.28 -5.66
C ASN A 355 -26.67 -8.44 -6.26
N ILE A 356 -26.77 -8.29 -7.58
CA ILE A 356 -27.97 -7.72 -8.21
C ILE A 356 -29.16 -8.65 -7.97
N ASN A 357 -29.06 -9.94 -8.29
CA ASN A 357 -30.16 -10.88 -8.08
C ASN A 357 -30.57 -10.99 -6.61
N ALA A 358 -29.60 -10.99 -5.68
CA ALA A 358 -29.85 -11.01 -4.24
C ALA A 358 -30.49 -9.72 -3.73
N SER A 359 -30.05 -8.54 -4.17
CA SER A 359 -30.67 -7.27 -3.78
C SER A 359 -32.09 -7.16 -4.33
N ILE A 360 -32.36 -7.57 -5.57
CA ILE A 360 -33.72 -7.65 -6.12
C ILE A 360 -34.60 -8.59 -5.28
N SER A 361 -34.10 -9.79 -4.95
CA SER A 361 -34.86 -10.77 -4.18
C SER A 361 -35.12 -10.32 -2.74
N SER A 362 -34.12 -9.73 -2.08
CA SER A 362 -34.25 -9.24 -0.71
C SER A 362 -35.07 -7.95 -0.60
N ILE A 363 -35.10 -7.08 -1.62
CA ILE A 363 -36.07 -5.97 -1.70
C ILE A 363 -37.49 -6.52 -1.65
N ASN A 364 -37.81 -7.54 -2.46
CA ASN A 364 -39.13 -8.17 -2.44
C ASN A 364 -39.43 -8.82 -1.09
N ALA A 365 -38.46 -9.49 -0.47
CA ALA A 365 -38.62 -10.09 0.85
C ALA A 365 -38.88 -9.03 1.95
N TYR A 366 -38.07 -7.97 2.02
CA TYR A 366 -38.27 -6.90 3.00
C TYR A 366 -39.53 -6.07 2.73
N LYS A 367 -39.94 -5.89 1.47
CA LYS A 367 -41.22 -5.22 1.14
C LYS A 367 -42.41 -6.00 1.70
N GLN A 368 -42.40 -7.33 1.61
CA GLN A 368 -43.37 -8.19 2.29
C GLN A 368 -43.24 -8.12 3.82
N ALA A 369 -42.02 -8.16 4.35
CA ALA A 369 -41.80 -8.08 5.80
C ALA A 369 -42.29 -6.76 6.42
N VAL A 370 -42.13 -5.63 5.72
CA VAL A 370 -42.67 -4.32 6.14
C VAL A 370 -44.19 -4.34 6.19
N VAL A 371 -44.88 -4.82 5.15
CA VAL A 371 -46.34 -4.92 5.15
C VAL A 371 -46.85 -5.90 6.22
N SER A 372 -46.15 -7.00 6.43
CA SER A 372 -46.44 -7.99 7.46
C SER A 372 -46.30 -7.43 8.88
N ALA A 373 -45.20 -6.74 9.16
CA ALA A 373 -44.97 -6.05 10.43
C ALA A 373 -45.94 -4.87 10.64
N GLN A 374 -46.28 -4.14 9.58
CA GLN A 374 -47.29 -3.07 9.64
C GLN A 374 -48.66 -3.64 10.00
N SER A 375 -49.04 -4.77 9.41
CA SER A 375 -50.31 -5.46 9.73
C SER A 375 -50.34 -5.95 11.18
N SER A 376 -49.21 -6.43 11.71
CA SER A 376 -49.05 -6.77 13.13
C SER A 376 -49.18 -5.53 14.03
N LEU A 377 -48.50 -4.43 13.69
CA LEU A 377 -48.57 -3.18 14.44
C LEU A 377 -49.97 -2.57 14.44
N ASP A 378 -50.68 -2.57 13.31
CA ASP A 378 -52.06 -2.08 13.22
C ASP A 378 -53.02 -2.83 14.17
N ALA A 379 -52.80 -4.14 14.35
CA ALA A 379 -53.54 -4.95 15.32
C ALA A 379 -53.18 -4.60 16.78
N MET A 380 -51.89 -4.45 17.09
CA MET A 380 -51.44 -4.07 18.44
C MET A 380 -51.85 -2.64 18.81
N GLU A 381 -51.80 -1.69 17.87
CA GLU A 381 -52.20 -0.30 18.07
C GLU A 381 -53.70 -0.17 18.36
N ALA A 382 -54.55 -0.90 17.62
CA ALA A 382 -55.98 -0.98 17.93
C ALA A 382 -56.22 -1.64 19.30
N GLY A 383 -55.50 -2.73 19.61
CA GLY A 383 -55.56 -3.44 20.89
C GLY A 383 -55.15 -2.57 22.08
N TYR A 384 -54.13 -1.73 21.93
CA TYR A 384 -53.72 -0.73 22.91
C TYR A 384 -54.74 0.42 23.03
N SER A 385 -55.32 0.87 21.90
CA SER A 385 -56.33 1.94 21.88
C SER A 385 -57.64 1.55 22.59
N VAL A 386 -58.08 0.28 22.48
CA VAL A 386 -59.21 -0.26 23.26
C VAL A 386 -58.78 -0.72 24.67
N GLY A 387 -57.50 -1.01 24.88
CA GLY A 387 -56.91 -1.35 26.17
C GLY A 387 -56.76 -2.84 26.47
N THR A 388 -56.99 -3.73 25.48
CA THR A 388 -56.76 -5.17 25.62
C THR A 388 -55.29 -5.57 25.46
N ARG A 389 -54.50 -4.80 24.70
CA ARG A 389 -53.03 -4.94 24.60
C ARG A 389 -52.29 -3.85 25.36
N THR A 390 -51.04 -4.12 25.71
CA THR A 390 -50.17 -3.21 26.45
C THR A 390 -49.37 -2.28 25.53
N ILE A 391 -48.84 -1.17 26.06
CA ILE A 391 -47.93 -0.31 25.29
C ILE A 391 -46.64 -1.04 24.86
N VAL A 392 -46.18 -2.05 25.62
CA VAL A 392 -44.97 -2.81 25.27
C VAL A 392 -45.19 -3.83 24.14
N ASP A 393 -46.45 -4.24 23.90
CA ASP A 393 -46.81 -4.98 22.68
C ASP A 393 -46.69 -4.08 21.44
N VAL A 394 -47.18 -2.84 21.53
CA VAL A 394 -47.05 -1.83 20.47
C VAL A 394 -45.58 -1.47 20.24
N LEU A 395 -44.79 -1.34 21.30
CA LEU A 395 -43.35 -1.06 21.23
C LEU A 395 -42.59 -2.18 20.49
N ASP A 396 -42.84 -3.44 20.82
CA ASP A 396 -42.22 -4.58 20.14
C ASP A 396 -42.62 -4.65 18.65
N ALA A 397 -43.90 -4.43 18.33
CA ALA A 397 -44.38 -4.36 16.95
C ALA A 397 -43.76 -3.16 16.19
N THR A 398 -43.59 -2.01 16.84
CA THR A 398 -43.02 -0.81 16.21
C THR A 398 -41.52 -0.93 15.97
N THR A 399 -40.77 -1.44 16.95
CA THR A 399 -39.31 -1.62 16.83
C THR A 399 -38.96 -2.66 15.75
N THR A 400 -39.72 -3.75 15.65
CA THR A 400 -39.56 -4.72 14.53
C THR A 400 -39.99 -4.14 13.18
N LEU A 401 -41.05 -3.31 13.12
CA LEU A 401 -41.44 -2.62 11.88
C LEU A 401 -40.35 -1.66 11.39
N TYR A 402 -39.82 -0.79 12.24
CA TYR A 402 -38.80 0.16 11.79
C TYR A 402 -37.47 -0.52 11.47
N ASN A 403 -37.14 -1.66 12.07
CA ASN A 403 -36.04 -2.50 11.61
C ASN A 403 -36.28 -3.01 10.16
N ALA A 404 -37.50 -3.46 9.84
CA ALA A 404 -37.85 -3.88 8.49
C ALA A 404 -37.81 -2.71 7.48
N LYS A 405 -38.35 -1.54 7.85
CA LYS A 405 -38.30 -0.33 6.99
C LYS A 405 -36.88 0.13 6.72
N GLN A 406 -36.01 0.08 7.74
CA GLN A 406 -34.59 0.41 7.61
C GLN A 406 -33.87 -0.55 6.66
N GLU A 407 -34.11 -1.86 6.77
CA GLU A 407 -33.51 -2.84 5.87
C GLU A 407 -34.06 -2.75 4.44
N LEU A 408 -35.33 -2.40 4.24
CA LEU A 408 -35.88 -2.16 2.91
C LEU A 408 -35.21 -0.95 2.23
N ALA A 409 -35.04 0.16 2.94
CA ALA A 409 -34.32 1.33 2.42
C ALA A 409 -32.85 0.99 2.10
N ASN A 410 -32.17 0.28 3.02
CA ASN A 410 -30.80 -0.19 2.82
C ASN A 410 -30.68 -1.06 1.56
N ALA A 411 -31.61 -2.00 1.36
CA ALA A 411 -31.62 -2.88 0.20
C ALA A 411 -31.81 -2.12 -1.12
N ARG A 412 -32.70 -1.11 -1.16
CA ARG A 412 -32.90 -0.24 -2.33
C ARG A 412 -31.63 0.47 -2.75
N TYR A 413 -30.92 1.11 -1.82
CA TYR A 413 -29.65 1.78 -2.14
C TYR A 413 -28.56 0.78 -2.56
N ASN A 414 -28.50 -0.40 -1.95
CA ASN A 414 -27.58 -1.46 -2.39
C ASN A 414 -27.86 -1.91 -3.82
N TYR A 415 -29.12 -2.08 -4.22
CA TYR A 415 -29.48 -2.40 -5.60
C TYR A 415 -29.00 -1.31 -6.58
N LEU A 416 -29.25 -0.02 -6.26
CA LEU A 416 -28.83 1.10 -7.12
C LEU A 416 -27.31 1.19 -7.26
N ILE A 417 -26.55 0.93 -6.21
CA ILE A 417 -25.08 0.88 -6.26
C ILE A 417 -24.62 -0.34 -7.07
N ASN A 418 -25.23 -1.52 -6.89
CA ASN A 418 -24.86 -2.71 -7.66
C ASN A 418 -25.16 -2.57 -9.17
N GLN A 419 -26.20 -1.82 -9.55
CA GLN A 419 -26.46 -1.46 -10.95
C GLN A 419 -25.31 -0.63 -11.58
N LEU A 420 -24.56 0.15 -10.81
CA LEU A 420 -23.30 0.75 -11.28
C LEU A 420 -22.14 -0.23 -11.20
N ASN A 421 -22.09 -1.08 -10.17
CA ASN A 421 -21.00 -2.02 -9.97
C ASN A 421 -20.86 -3.00 -11.15
N ILE A 422 -21.96 -3.52 -11.68
CA ILE A 422 -21.90 -4.37 -12.88
C ILE A 422 -21.41 -3.59 -14.12
N LYS A 423 -21.78 -2.31 -14.27
CA LYS A 423 -21.28 -1.45 -15.35
C LYS A 423 -19.80 -1.15 -15.20
N SER A 424 -19.29 -1.07 -13.97
CA SER A 424 -17.86 -0.99 -13.68
C SER A 424 -17.15 -2.30 -14.02
N ALA A 425 -17.75 -3.46 -13.71
CA ALA A 425 -17.22 -4.78 -14.07
C ALA A 425 -17.18 -4.99 -15.59
N LEU A 426 -18.20 -4.52 -16.31
CA LEU A 426 -18.23 -4.45 -17.78
C LEU A 426 -17.24 -3.42 -18.35
N GLY A 427 -16.77 -2.47 -17.55
CA GLY A 427 -15.94 -1.34 -18.01
C GLY A 427 -16.70 -0.28 -18.80
N THR A 428 -18.03 -0.37 -18.91
CA THR A 428 -18.88 0.56 -19.67
C THR A 428 -19.39 1.76 -18.86
N LEU A 429 -19.25 1.74 -17.53
CA LEU A 429 -19.76 2.78 -16.62
C LEU A 429 -19.37 4.20 -17.06
N ASN A 430 -20.38 5.04 -17.30
CA ASN A 430 -20.24 6.44 -17.73
C ASN A 430 -21.42 7.29 -17.21
N GLU A 431 -21.44 8.60 -17.48
CA GLU A 431 -22.45 9.49 -16.90
C GLU A 431 -23.90 9.21 -17.33
N GLN A 432 -24.12 8.51 -18.45
CA GLN A 432 -25.47 8.09 -18.84
C GLN A 432 -26.07 7.07 -17.85
N ASP A 433 -25.24 6.35 -17.11
CA ASP A 433 -25.70 5.50 -16.00
C ASP A 433 -26.10 6.32 -14.76
N LEU A 434 -25.43 7.45 -14.51
CA LEU A 434 -25.91 8.41 -13.51
C LEU A 434 -27.22 9.04 -13.96
N LEU A 435 -27.43 9.31 -15.25
CA LEU A 435 -28.70 9.81 -15.75
C LEU A 435 -29.83 8.79 -15.53
N ALA A 436 -29.57 7.51 -15.76
CA ALA A 436 -30.51 6.43 -15.47
C ALA A 436 -30.88 6.35 -13.98
N LEU A 437 -29.93 6.59 -13.06
CA LEU A 437 -30.21 6.74 -11.64
C LEU A 437 -30.99 8.03 -11.33
N ASN A 438 -30.61 9.15 -11.94
CA ASN A 438 -31.19 10.47 -11.66
C ASN A 438 -32.68 10.52 -12.02
N ASN A 439 -33.13 9.72 -12.99
CA ASN A 439 -34.55 9.53 -13.31
C ASN A 439 -35.37 8.92 -12.14
N ALA A 440 -34.75 8.19 -11.20
CA ALA A 440 -35.40 7.66 -10.00
C ALA A 440 -35.38 8.63 -8.80
N LEU A 441 -34.60 9.71 -8.88
CA LEU A 441 -34.54 10.75 -7.85
C LEU A 441 -35.65 11.81 -8.06
N SER A 442 -36.04 12.50 -6.98
CA SER A 442 -37.25 13.33 -6.96
C SER A 442 -37.18 14.48 -5.96
N LYS A 443 -38.02 14.48 -4.90
CA LYS A 443 -38.19 15.60 -3.96
C LYS A 443 -36.89 15.89 -3.20
N PRO A 444 -36.51 17.16 -2.98
CA PRO A 444 -35.36 17.50 -2.15
C PRO A 444 -35.62 17.18 -0.68
N VAL A 445 -34.60 16.66 0.01
CA VAL A 445 -34.59 16.43 1.46
C VAL A 445 -33.36 17.11 2.07
N SER A 446 -33.52 17.69 3.27
CA SER A 446 -32.43 18.37 3.96
C SER A 446 -31.35 17.40 4.43
N THR A 447 -30.08 17.74 4.19
CA THR A 447 -28.91 17.01 4.72
C THR A 447 -28.66 17.27 6.21
N ASN A 448 -29.34 18.25 6.80
CA ASN A 448 -29.19 18.65 8.20
C ASN A 448 -30.57 19.06 8.78
N PRO A 449 -31.35 18.09 9.30
CA PRO A 449 -32.70 18.34 9.84
C PRO A 449 -32.73 19.26 11.08
N GLU A 450 -33.92 19.48 11.64
CA GLU A 450 -34.12 20.20 12.93
C GLU A 450 -33.34 19.61 14.12
N GLU B 23 2.42 0.24 35.34
CA GLU B 23 2.78 1.53 34.69
C GLU B 23 1.52 2.33 34.35
N ASN B 24 1.61 3.67 34.31
CA ASN B 24 0.60 4.53 33.73
C ASN B 24 0.89 4.82 32.23
N LEU B 25 -0.02 5.50 31.54
CA LEU B 25 0.11 5.83 30.11
C LEU B 25 1.40 6.59 29.78
N MET B 26 1.81 7.51 30.65
CA MET B 26 3.04 8.28 30.46
C MET B 26 4.28 7.37 30.54
N GLN B 27 4.37 6.52 31.55
CA GLN B 27 5.48 5.57 31.73
C GLN B 27 5.53 4.54 30.60
N VAL B 28 4.37 4.05 30.14
CA VAL B 28 4.27 3.19 28.96
C VAL B 28 4.81 3.90 27.72
N TYR B 29 4.44 5.17 27.52
CA TYR B 29 4.94 5.94 26.39
C TYR B 29 6.45 6.17 26.42
N GLN B 30 7.08 6.40 27.58
CA GLN B 30 8.54 6.52 27.63
C GLN B 30 9.23 5.23 27.16
N GLN B 31 8.75 4.07 27.58
CA GLN B 31 9.31 2.78 27.15
C GLN B 31 9.09 2.54 25.64
N ALA B 32 7.95 2.98 25.09
CA ALA B 32 7.71 2.96 23.65
C ALA B 32 8.66 3.91 22.91
N ARG B 33 8.75 5.18 23.32
CA ARG B 33 9.56 6.23 22.69
C ARG B 33 11.04 5.84 22.60
N LEU B 34 11.58 5.22 23.64
CA LEU B 34 12.98 4.78 23.68
C LEU B 34 13.28 3.58 22.77
N SER B 35 12.32 2.67 22.56
CA SER B 35 12.58 1.36 21.95
C SER B 35 11.89 1.10 20.60
N ASN B 36 10.82 1.82 20.25
CA ASN B 36 9.95 1.45 19.13
C ASN B 36 10.69 1.50 17.78
N PRO B 37 10.73 0.39 17.03
CA PRO B 37 11.53 0.29 15.81
C PRO B 37 10.93 1.06 14.63
N GLU B 38 9.62 1.32 14.60
CA GLU B 38 8.98 2.09 13.52
C GLU B 38 9.48 3.53 13.52
N LEU B 39 9.50 4.16 14.72
CA LEU B 39 10.06 5.49 14.92
C LEU B 39 11.57 5.49 14.68
N ARG B 40 12.30 4.52 15.25
CA ARG B 40 13.77 4.49 15.15
C ARG B 40 14.27 4.22 13.74
N LYS B 41 13.56 3.41 12.93
CA LYS B 41 13.81 3.29 11.48
C LYS B 41 13.56 4.62 10.77
N SER B 42 12.47 5.31 11.08
CA SER B 42 12.15 6.61 10.48
C SER B 42 13.22 7.67 10.80
N ALA B 43 13.73 7.67 12.03
CA ALA B 43 14.85 8.54 12.43
C ALA B 43 16.13 8.26 11.62
N ALA B 44 16.44 6.98 11.36
CA ALA B 44 17.59 6.59 10.53
C ALA B 44 17.40 7.01 9.05
N ASP B 45 16.20 6.80 8.50
CA ASP B 45 15.85 7.23 7.13
C ASP B 45 15.87 8.75 6.96
N ARG B 46 15.55 9.52 8.01
CA ARG B 46 15.70 10.98 8.06
C ARG B 46 17.17 11.40 8.10
N ASP B 47 17.96 10.82 9.00
CA ASP B 47 19.39 11.15 9.12
C ASP B 47 20.17 10.86 7.84
N ALA B 48 19.83 9.77 7.11
CA ALA B 48 20.39 9.49 5.80
C ALA B 48 20.11 10.58 4.77
N ALA B 49 18.91 11.17 4.75
CA ALA B 49 18.56 12.25 3.83
C ALA B 49 19.32 13.55 4.15
N PHE B 50 19.54 13.86 5.42
CA PHE B 50 20.37 15.00 5.80
C PHE B 50 21.85 14.76 5.48
N GLU B 51 22.36 13.53 5.59
CA GLU B 51 23.71 13.20 5.19
C GLU B 51 23.90 13.28 3.66
N LYS B 52 22.89 12.89 2.88
CA LYS B 52 22.91 13.00 1.41
C LYS B 52 23.06 14.44 0.90
N ILE B 53 22.77 15.46 1.72
CA ILE B 53 23.08 16.86 1.35
C ILE B 53 24.59 17.01 1.04
N ASN B 54 25.48 16.32 1.77
CA ASN B 54 26.91 16.37 1.51
C ASN B 54 27.31 15.63 0.21
N GLU B 55 26.68 14.50 -0.10
CA GLU B 55 26.84 13.86 -1.41
C GLU B 55 26.36 14.80 -2.53
N ALA B 56 25.23 15.47 -2.36
CA ALA B 56 24.69 16.40 -3.35
C ALA B 56 25.53 17.68 -3.52
N ARG B 57 26.21 18.12 -2.45
CA ARG B 57 27.16 19.24 -2.46
C ARG B 57 28.46 18.90 -3.19
N SER B 58 28.93 17.65 -3.04
CA SER B 58 30.27 17.24 -3.45
C SER B 58 30.69 17.55 -4.90
N PRO B 59 29.82 17.51 -5.94
CA PRO B 59 30.25 17.77 -7.32
C PRO B 59 30.60 19.25 -7.59
N LEU B 60 30.23 20.17 -6.70
CA LEU B 60 30.60 21.59 -6.76
C LEU B 60 32.02 21.86 -6.24
N LEU B 61 32.56 20.94 -5.43
CA LEU B 61 33.88 21.04 -4.81
C LEU B 61 34.99 20.51 -5.74
N PRO B 62 36.28 20.81 -5.50
CA PRO B 62 37.36 20.33 -6.34
C PRO B 62 37.46 18.80 -6.33
N GLN B 63 37.38 18.18 -7.50
CA GLN B 63 37.65 16.76 -7.72
C GLN B 63 39.14 16.58 -8.05
N LEU B 64 39.78 15.54 -7.52
CA LEU B 64 41.20 15.26 -7.73
C LEU B 64 41.45 13.75 -7.83
N GLY B 65 42.08 13.31 -8.92
CA GLY B 65 42.41 11.91 -9.16
C GLY B 65 43.77 11.70 -9.81
N LEU B 66 44.36 10.54 -9.57
CA LEU B 66 45.54 10.02 -10.26
C LEU B 66 45.10 9.02 -11.33
N GLY B 67 45.65 9.15 -12.54
CA GLY B 67 45.56 8.14 -13.59
C GLY B 67 46.95 7.80 -14.12
N ALA B 68 47.24 6.51 -14.35
CA ALA B 68 48.53 6.05 -14.84
C ALA B 68 48.39 4.91 -15.85
N ASP B 69 49.32 4.80 -16.80
CA ASP B 69 49.26 3.85 -17.90
C ASP B 69 50.64 3.25 -18.23
N TYR B 70 50.61 2.01 -18.72
CA TYR B 70 51.70 1.35 -19.41
C TYR B 70 51.17 0.78 -20.72
N THR B 71 51.95 0.82 -21.81
CA THR B 71 51.56 0.28 -23.12
C THR B 71 52.77 -0.25 -23.88
N TYR B 72 52.72 -1.53 -24.25
CA TYR B 72 53.52 -2.09 -25.32
C TYR B 72 52.77 -1.97 -26.65
N SER B 73 53.49 -1.77 -27.75
CA SER B 73 52.93 -1.72 -29.09
C SER B 73 53.86 -2.32 -30.15
N ASN B 74 53.26 -2.92 -31.16
CA ASN B 74 53.93 -3.59 -32.27
C ASN B 74 53.26 -3.18 -33.59
N GLY B 75 53.99 -2.50 -34.46
CA GLY B 75 53.52 -2.09 -35.78
C GLY B 75 53.66 -3.18 -36.84
N TYR B 76 52.74 -3.17 -37.80
CA TYR B 76 52.70 -4.02 -38.98
C TYR B 76 52.04 -3.24 -40.13
N ARG B 77 52.07 -3.73 -41.38
CA ARG B 77 51.42 -3.11 -42.56
C ARG B 77 51.74 -1.60 -42.70
N ASP B 78 52.77 -1.25 -43.47
CA ASP B 78 53.39 0.10 -43.53
C ASP B 78 54.10 0.52 -42.24
N ALA B 79 53.50 0.31 -41.06
CA ALA B 79 54.14 0.49 -39.74
C ALA B 79 55.05 -0.69 -39.33
N ASN B 80 55.34 -1.63 -40.24
CA ASN B 80 56.11 -2.84 -39.95
C ASN B 80 57.55 -2.54 -39.48
N GLY B 81 58.04 -3.31 -38.51
CA GLY B 81 59.39 -3.17 -37.95
C GLY B 81 59.55 -2.03 -36.94
N ILE B 82 58.47 -1.38 -36.50
CA ILE B 82 58.48 -0.42 -35.39
C ILE B 82 57.70 -1.01 -34.20
N ASN B 83 58.42 -1.40 -33.15
CA ASN B 83 57.87 -1.70 -31.84
C ASN B 83 58.09 -0.51 -30.90
N SER B 84 57.27 -0.37 -29.86
CA SER B 84 57.38 0.71 -28.88
C SER B 84 56.92 0.29 -27.50
N ASN B 85 57.46 0.94 -26.47
CA ASN B 85 57.19 0.70 -25.07
C ASN B 85 57.07 2.06 -24.37
N ALA B 86 55.90 2.36 -23.81
CA ALA B 86 55.58 3.68 -23.26
C ALA B 86 54.88 3.58 -21.90
N THR B 87 55.06 4.59 -21.07
CA THR B 87 54.39 4.70 -19.76
C THR B 87 54.25 6.16 -19.35
N SER B 88 53.16 6.48 -18.67
CA SER B 88 52.86 7.85 -18.23
C SER B 88 51.93 7.86 -17.03
N ALA B 89 51.89 8.99 -16.33
CA ALA B 89 50.99 9.22 -15.19
C ALA B 89 50.68 10.72 -15.06
N SER B 90 49.51 11.05 -14.51
CA SER B 90 49.19 12.43 -14.17
C SER B 90 48.18 12.56 -13.04
N LEU B 91 48.36 13.59 -12.23
CA LEU B 91 47.34 14.13 -11.33
C LEU B 91 46.42 15.06 -12.12
N GLN B 92 45.12 14.99 -11.86
CA GLN B 92 44.11 15.79 -12.55
C GLN B 92 43.13 16.40 -11.55
N LEU B 93 43.17 17.73 -11.43
CA LEU B 93 42.21 18.55 -10.70
C LEU B 93 41.06 18.96 -11.64
N THR B 94 39.85 19.12 -11.13
CA THR B 94 38.68 19.64 -11.87
C THR B 94 37.71 20.36 -10.92
N GLN B 95 37.14 21.49 -11.33
CA GLN B 95 36.04 22.15 -10.64
C GLN B 95 35.14 22.95 -11.60
N SER B 96 33.82 22.84 -11.45
CA SER B 96 32.87 23.64 -12.24
C SER B 96 32.87 25.11 -11.81
N ILE B 97 33.07 26.01 -12.76
CA ILE B 97 33.00 27.46 -12.57
C ILE B 97 31.57 27.97 -12.75
N PHE B 98 30.81 27.37 -13.68
CA PHE B 98 29.37 27.61 -13.86
C PHE B 98 28.68 26.36 -14.39
N ASP B 99 27.83 25.74 -13.56
CA ASP B 99 27.07 24.53 -13.90
C ASP B 99 25.81 24.43 -13.03
N MET B 100 24.74 25.15 -13.42
CA MET B 100 23.52 25.25 -12.61
C MET B 100 22.85 23.90 -12.33
N SER B 101 23.01 22.91 -13.21
CA SER B 101 22.48 21.56 -12.99
C SER B 101 23.03 20.90 -11.71
N LYS B 102 24.27 21.24 -11.29
CA LYS B 102 24.84 20.79 -10.00
C LYS B 102 24.24 21.54 -8.81
N TRP B 103 24.07 22.86 -8.94
CA TRP B 103 23.41 23.67 -7.91
C TRP B 103 21.97 23.24 -7.66
N ARG B 104 21.23 22.89 -8.72
CA ARG B 104 19.87 22.34 -8.61
C ARG B 104 19.83 20.97 -7.93
N ALA B 105 20.81 20.11 -8.16
CA ALA B 105 20.87 18.83 -7.44
C ALA B 105 21.07 19.03 -5.93
N LEU B 106 21.82 20.07 -5.51
CA LEU B 106 21.95 20.44 -4.11
C LEU B 106 20.65 21.02 -3.52
N THR B 107 20.02 22.00 -4.18
CA THR B 107 18.77 22.60 -3.67
C THR B 107 17.62 21.60 -3.63
N LEU B 108 17.53 20.67 -4.59
CA LEU B 108 16.57 19.58 -4.55
C LEU B 108 16.82 18.66 -3.35
N GLN B 109 18.07 18.34 -3.00
CA GLN B 109 18.34 17.51 -1.82
C GLN B 109 18.01 18.24 -0.51
N GLU B 110 18.27 19.54 -0.41
CA GLU B 110 17.87 20.32 0.77
C GLU B 110 16.34 20.32 0.97
N LYS B 111 15.57 20.40 -0.12
CA LYS B 111 14.10 20.28 -0.10
C LYS B 111 13.64 18.86 0.21
N ALA B 112 14.27 17.84 -0.37
CA ALA B 112 13.97 16.44 -0.11
C ALA B 112 14.23 16.06 1.36
N ALA B 113 15.32 16.53 1.96
CA ALA B 113 15.59 16.38 3.38
C ALA B 113 14.51 17.07 4.25
N GLY B 114 14.04 18.26 3.85
CA GLY B 114 12.93 18.94 4.53
C GLY B 114 11.62 18.14 4.51
N ILE B 115 11.27 17.55 3.37
CA ILE B 115 10.10 16.66 3.23
C ILE B 115 10.28 15.39 4.09
N GLN B 116 11.49 14.86 4.17
CA GLN B 116 11.80 13.70 5.01
C GLN B 116 11.72 14.02 6.51
N ASP B 117 12.11 15.22 6.95
CA ASP B 117 11.93 15.60 8.35
C ASP B 117 10.46 15.68 8.76
N VAL B 118 9.58 16.22 7.90
CA VAL B 118 8.12 16.22 8.15
C VAL B 118 7.56 14.79 8.13
N THR B 119 8.15 13.87 7.36
CA THR B 119 7.83 12.44 7.44
C THR B 119 8.16 11.89 8.82
N TYR B 120 9.37 12.17 9.33
CA TYR B 120 9.77 11.74 10.67
C TYR B 120 8.89 12.35 11.77
N GLN B 121 8.54 13.64 11.68
CA GLN B 121 7.60 14.26 12.62
C GLN B 121 6.22 13.57 12.60
N THR B 122 5.76 13.12 11.44
CA THR B 122 4.48 12.37 11.33
C THR B 122 4.59 10.98 11.95
N ASP B 123 5.67 10.25 11.69
CA ASP B 123 5.92 8.94 12.31
C ASP B 123 6.11 9.02 13.83
N GLN B 124 6.74 10.10 14.32
CA GLN B 124 6.87 10.41 15.74
C GLN B 124 5.52 10.73 16.39
N GLN B 125 4.69 11.55 15.75
CA GLN B 125 3.37 11.93 16.25
C GLN B 125 2.37 10.77 16.23
N THR B 126 2.42 9.91 15.22
CA THR B 126 1.55 8.72 15.16
C THR B 126 1.93 7.66 16.19
N LEU B 127 3.18 7.55 16.65
CA LEU B 127 3.52 6.65 17.76
C LEU B 127 2.77 7.02 19.04
N ILE B 128 2.59 8.31 19.33
CA ILE B 128 1.81 8.79 20.48
C ILE B 128 0.37 8.27 20.38
N LEU B 129 -0.27 8.48 19.24
CA LEU B 129 -1.66 8.07 19.03
C LEU B 129 -1.83 6.55 19.12
N ASN B 130 -0.91 5.78 18.52
CA ASN B 130 -0.94 4.32 18.57
C ASN B 130 -0.67 3.77 19.98
N THR B 131 0.24 4.40 20.74
CA THR B 131 0.50 4.01 22.13
C THR B 131 -0.73 4.22 23.01
N ALA B 132 -1.37 5.38 22.92
CA ALA B 132 -2.60 5.65 23.65
C ALA B 132 -3.74 4.72 23.21
N THR B 133 -3.88 4.48 21.90
CA THR B 133 -4.89 3.56 21.39
C THR B 133 -4.71 2.15 21.94
N ALA B 134 -3.48 1.61 21.93
CA ALA B 134 -3.20 0.29 22.48
C ALA B 134 -3.45 0.24 24.00
N TYR B 135 -3.04 1.26 24.74
CA TYR B 135 -3.24 1.35 26.19
C TYR B 135 -4.74 1.34 26.56
N PHE B 136 -5.54 2.19 25.90
CA PHE B 136 -6.99 2.22 26.13
C PHE B 136 -7.71 0.98 25.61
N ASN B 137 -7.22 0.31 24.56
CA ASN B 137 -7.77 -0.98 24.15
C ASN B 137 -7.59 -2.06 25.22
N VAL B 138 -6.45 -2.09 25.93
CA VAL B 138 -6.26 -3.01 27.06
C VAL B 138 -7.20 -2.66 28.21
N LEU B 139 -7.32 -1.39 28.61
CA LEU B 139 -8.25 -1.00 29.68
C LEU B 139 -9.72 -1.30 29.33
N ASN B 140 -10.13 -1.06 28.08
CA ASN B 140 -11.46 -1.36 27.60
C ASN B 140 -11.73 -2.88 27.62
N ALA B 141 -10.75 -3.71 27.24
CA ALA B 141 -10.87 -5.16 27.32
C ALA B 141 -10.96 -5.68 28.76
N ILE B 142 -10.21 -5.09 29.71
CA ILE B 142 -10.34 -5.41 31.15
C ILE B 142 -11.75 -5.09 31.65
N ASP B 143 -12.31 -3.93 31.29
CA ASP B 143 -13.66 -3.55 31.69
C ASP B 143 -14.74 -4.45 31.08
N VAL B 144 -14.66 -4.76 29.78
CA VAL B 144 -15.61 -5.67 29.11
C VAL B 144 -15.58 -7.07 29.74
N LEU B 145 -14.39 -7.60 30.05
CA LEU B 145 -14.27 -8.87 30.76
C LEU B 145 -14.87 -8.77 32.18
N SER B 146 -14.60 -7.68 32.91
CA SER B 146 -15.10 -7.49 34.27
C SER B 146 -16.63 -7.41 34.32
N TYR B 147 -17.25 -6.69 33.39
CA TYR B 147 -18.72 -6.65 33.28
C TYR B 147 -19.29 -7.99 32.83
N THR B 148 -18.62 -8.73 31.94
CA THR B 148 -19.07 -10.08 31.56
C THR B 148 -19.01 -11.05 32.73
N GLN B 149 -17.96 -11.01 33.55
CA GLN B 149 -17.86 -11.81 34.77
C GLN B 149 -18.92 -11.40 35.82
N ALA B 150 -19.15 -10.10 36.02
CA ALA B 150 -20.17 -9.63 36.95
C ALA B 150 -21.59 -10.06 36.51
N GLN B 151 -21.88 -9.98 35.21
CA GLN B 151 -23.11 -10.49 34.61
C GLN B 151 -23.23 -12.01 34.79
N LYS B 152 -22.16 -12.78 34.59
CA LYS B 152 -22.14 -14.23 34.79
C LYS B 152 -22.48 -14.60 36.24
N GLU B 153 -21.84 -13.96 37.22
CA GLU B 153 -22.10 -14.23 38.64
C GLU B 153 -23.53 -13.87 39.05
N ALA B 154 -24.08 -12.75 38.53
CA ALA B 154 -25.46 -12.38 38.76
C ALA B 154 -26.45 -13.40 38.13
N ILE B 155 -26.19 -13.87 36.91
CA ILE B 155 -27.00 -14.92 36.27
C ILE B 155 -26.89 -16.24 37.03
N TYR B 156 -25.69 -16.60 37.51
CA TYR B 156 -25.47 -17.82 38.28
C TYR B 156 -26.22 -17.81 39.62
N ARG B 157 -26.22 -16.68 40.35
CA ARG B 157 -27.00 -16.52 41.59
C ARG B 157 -28.51 -16.70 41.35
N GLN B 158 -29.01 -16.14 40.26
CA GLN B 158 -30.41 -16.29 39.84
C GLN B 158 -30.73 -17.72 39.41
N LEU B 159 -29.85 -18.38 38.64
CA LEU B 159 -29.94 -19.79 38.25
C LEU B 159 -30.00 -20.70 39.49
N ASP B 160 -29.09 -20.52 40.44
CA ASP B 160 -29.05 -21.30 41.67
C ASP B 160 -30.35 -21.12 42.48
N GLN B 161 -30.77 -19.88 42.73
CA GLN B 161 -32.01 -19.60 43.45
C GLN B 161 -33.24 -20.19 42.75
N THR B 162 -33.30 -20.12 41.41
CA THR B 162 -34.35 -20.77 40.62
C THR B 162 -34.30 -22.29 40.78
N THR B 163 -33.10 -22.88 40.81
CA THR B 163 -32.90 -24.33 41.01
C THR B 163 -33.36 -24.76 42.40
N GLN B 164 -33.09 -23.98 43.45
CA GLN B 164 -33.61 -24.27 44.79
C GLN B 164 -35.14 -24.22 44.81
N ARG B 165 -35.75 -23.17 44.26
CA ARG B 165 -37.21 -23.01 44.21
C ARG B 165 -37.88 -24.09 43.37
N PHE B 166 -37.24 -24.57 42.32
CA PHE B 166 -37.67 -25.75 41.56
C PHE B 166 -37.63 -27.04 42.41
N ASN B 167 -36.54 -27.30 43.14
CA ASN B 167 -36.43 -28.48 44.00
C ASN B 167 -37.44 -28.47 45.17
N VAL B 168 -37.76 -27.29 45.72
CA VAL B 168 -38.82 -27.10 46.73
C VAL B 168 -40.23 -27.19 46.10
N GLY B 169 -40.35 -27.11 44.77
CA GLY B 169 -41.61 -27.26 44.03
C GLY B 169 -42.40 -25.96 43.83
N LEU B 170 -41.80 -24.80 44.13
CA LEU B 170 -42.40 -23.48 43.98
C LEU B 170 -42.38 -22.98 42.52
N VAL B 171 -41.46 -23.49 41.71
CA VAL B 171 -41.15 -23.02 40.34
C VAL B 171 -41.08 -24.21 39.37
N ALA B 172 -41.61 -24.03 38.16
CA ALA B 172 -41.57 -25.03 37.09
C ALA B 172 -40.16 -25.13 36.45
N ILE B 173 -39.79 -26.35 36.01
CA ILE B 173 -38.44 -26.64 35.47
C ILE B 173 -38.07 -25.77 34.25
N THR B 174 -39.05 -25.27 33.50
CA THR B 174 -38.83 -24.37 32.35
C THR B 174 -38.03 -23.11 32.72
N ASP B 175 -38.17 -22.55 33.93
CA ASP B 175 -37.34 -21.42 34.35
C ASP B 175 -35.88 -21.85 34.61
N VAL B 176 -35.65 -23.06 35.13
CA VAL B 176 -34.29 -23.62 35.30
C VAL B 176 -33.63 -23.84 33.95
N GLN B 177 -34.36 -24.37 32.95
CA GLN B 177 -33.85 -24.56 31.60
C GLN B 177 -33.46 -23.22 30.95
N ASN B 178 -34.31 -22.20 31.06
CA ASN B 178 -34.01 -20.85 30.58
C ASN B 178 -32.78 -20.25 31.28
N ALA B 179 -32.68 -20.38 32.60
CA ALA B 179 -31.52 -19.91 33.35
C ALA B 179 -30.23 -20.63 32.95
N ARG B 180 -30.28 -21.95 32.65
CA ARG B 180 -29.13 -22.68 32.11
C ARG B 180 -28.72 -22.19 30.73
N ALA B 181 -29.66 -21.91 29.83
CA ALA B 181 -29.34 -21.35 28.51
C ALA B 181 -28.67 -19.97 28.62
N GLN B 182 -29.15 -19.11 29.52
CA GLN B 182 -28.49 -17.83 29.83
C GLN B 182 -27.06 -18.03 30.35
N TYR B 183 -26.87 -18.90 31.35
CA TYR B 183 -25.56 -19.15 31.94
C TYR B 183 -24.55 -19.76 30.95
N ASP B 184 -24.97 -20.77 30.18
CA ASP B 184 -24.10 -21.45 29.20
C ASP B 184 -23.66 -20.52 28.05
N THR B 185 -24.54 -19.65 27.57
CA THR B 185 -24.18 -18.66 26.54
C THR B 185 -23.28 -17.55 27.10
N VAL B 186 -23.47 -17.11 28.35
CA VAL B 186 -22.58 -16.13 28.98
C VAL B 186 -21.19 -16.71 29.26
N LEU B 187 -21.05 -18.01 29.54
CA LEU B 187 -19.73 -18.67 29.60
C LEU B 187 -18.96 -18.55 28.27
N ALA B 188 -19.63 -18.76 27.13
CA ALA B 188 -19.00 -18.59 25.82
C ALA B 188 -18.60 -17.12 25.54
N ASN B 189 -19.39 -16.16 26.04
CA ASN B 189 -19.03 -14.74 25.99
C ASN B 189 -17.83 -14.42 26.89
N GLU B 190 -17.71 -15.03 28.08
CA GLU B 190 -16.53 -14.81 28.94
C GLU B 190 -15.25 -15.32 28.28
N VAL B 191 -15.28 -16.49 27.65
CA VAL B 191 -14.14 -17.01 26.86
C VAL B 191 -13.74 -16.03 25.75
N THR B 192 -14.72 -15.43 25.08
CA THR B 192 -14.48 -14.44 24.02
C THR B 192 -13.86 -13.15 24.59
N ALA B 193 -14.41 -12.61 25.67
CA ALA B 193 -13.90 -11.42 26.33
C ALA B 193 -12.48 -11.63 26.88
N ARG B 194 -12.22 -12.82 27.45
CA ARG B 194 -10.89 -13.22 27.93
C ARG B 194 -9.89 -13.28 26.79
N ASN B 195 -10.26 -13.87 25.65
CA ASN B 195 -9.39 -13.92 24.48
C ASN B 195 -9.10 -12.52 23.90
N ASN B 196 -10.09 -11.62 23.91
CA ASN B 196 -9.88 -10.23 23.47
C ASN B 196 -8.84 -9.50 24.33
N LEU B 197 -8.92 -9.65 25.66
CA LEU B 197 -7.91 -9.11 26.57
C LEU B 197 -6.52 -9.72 26.33
N ASP B 198 -6.45 -11.05 26.25
CA ASP B 198 -5.19 -11.77 26.02
C ASP B 198 -4.57 -11.51 24.64
N ASN B 199 -5.32 -11.03 23.65
CA ASN B 199 -4.80 -10.49 22.39
C ASN B 199 -4.37 -9.02 22.52
N ALA B 200 -5.14 -8.18 23.20
CA ALA B 200 -4.89 -6.74 23.32
C ALA B 200 -3.54 -6.44 23.98
N VAL B 201 -3.16 -7.19 25.01
CA VAL B 201 -1.85 -7.02 25.68
C VAL B 201 -0.67 -7.32 24.76
N GLU B 202 -0.83 -8.17 23.75
CA GLU B 202 0.23 -8.45 22.77
C GLU B 202 0.35 -7.33 21.72
N GLN B 203 -0.75 -6.62 21.42
CA GLN B 203 -0.69 -5.42 20.58
C GLN B 203 0.09 -4.33 21.32
N LEU B 204 -0.18 -4.16 22.62
CA LEU B 204 0.57 -3.25 23.48
C LEU B 204 2.05 -3.65 23.55
N ARG B 205 2.36 -4.95 23.66
CA ARG B 205 3.75 -5.46 23.61
C ARG B 205 4.43 -5.09 22.29
N GLN B 206 3.76 -5.27 21.16
CA GLN B 206 4.36 -4.95 19.85
C GLN B 206 4.73 -3.46 19.73
N ILE B 207 3.88 -2.54 20.21
CA ILE B 207 4.17 -1.10 20.22
C ILE B 207 5.31 -0.75 21.19
N THR B 208 5.21 -1.22 22.44
CA THR B 208 6.05 -0.75 23.56
C THR B 208 7.35 -1.54 23.76
N GLY B 209 7.42 -2.75 23.22
CA GLY B 209 8.51 -3.71 23.44
C GLY B 209 8.46 -4.45 24.77
N ASN B 210 7.38 -4.30 25.56
CA ASN B 210 7.31 -4.81 26.93
C ASN B 210 5.91 -5.33 27.29
N TYR B 211 5.83 -6.28 28.22
CA TYR B 211 4.58 -6.70 28.85
C TYR B 211 4.40 -6.03 30.22
N TYR B 212 3.17 -5.65 30.56
CA TYR B 212 2.82 -4.99 31.82
C TYR B 212 1.83 -5.87 32.60
N PRO B 213 2.13 -6.27 33.85
CA PRO B 213 1.19 -7.05 34.66
C PRO B 213 -0.01 -6.23 35.13
N GLU B 214 0.12 -4.90 35.20
CA GLU B 214 -0.94 -3.97 35.61
C GLU B 214 -0.76 -2.57 34.99
N LEU B 215 -1.88 -1.91 34.70
CA LEU B 215 -1.95 -0.57 34.12
C LEU B 215 -2.78 0.35 35.02
N ALA B 216 -2.49 1.65 35.05
CA ALA B 216 -3.34 2.63 35.73
C ALA B 216 -4.69 2.79 35.00
N ALA B 217 -5.79 2.46 35.68
CA ALA B 217 -7.14 2.54 35.14
C ALA B 217 -7.66 3.99 35.03
N LEU B 218 -8.70 4.18 34.21
CA LEU B 218 -9.40 5.45 34.09
C LEU B 218 -10.12 5.80 35.41
N ASN B 219 -9.94 7.04 35.90
CA ASN B 219 -10.50 7.51 37.16
C ASN B 219 -12.00 7.88 37.04
N VAL B 220 -12.85 6.92 36.66
CA VAL B 220 -14.29 7.13 36.38
C VAL B 220 -15.08 7.73 37.55
N GLU B 221 -14.56 7.64 38.78
CA GLU B 221 -15.11 8.26 39.99
C GLU B 221 -15.02 9.79 39.97
N ASN B 222 -14.13 10.38 39.16
CA ASN B 222 -13.91 11.83 39.03
C ASN B 222 -13.94 12.33 37.57
N PHE B 223 -13.99 11.42 36.59
CA PHE B 223 -13.93 11.72 35.15
C PHE B 223 -15.00 12.74 34.70
N LYS B 224 -14.60 13.67 33.84
CA LYS B 224 -15.46 14.70 33.22
C LYS B 224 -14.95 15.08 31.83
N THR B 225 -15.88 15.40 30.94
CA THR B 225 -15.59 15.75 29.53
C THR B 225 -15.58 17.27 29.31
N ASP B 226 -14.51 17.79 28.71
CA ASP B 226 -14.43 19.16 28.21
C ASP B 226 -14.94 19.27 26.76
N LYS B 227 -15.62 20.36 26.43
CA LYS B 227 -16.10 20.70 25.08
C LYS B 227 -14.94 21.18 24.18
N PRO B 228 -14.85 20.77 22.90
CA PRO B 228 -13.82 21.22 21.98
C PRO B 228 -13.99 22.70 21.58
N GLN B 229 -12.93 23.30 21.01
CA GLN B 229 -12.98 24.61 20.36
C GLN B 229 -13.96 24.59 19.16
N PRO B 230 -14.57 25.73 18.78
CA PRO B 230 -15.42 25.81 17.59
C PRO B 230 -14.65 25.42 16.33
N VAL B 231 -15.29 24.70 15.41
CA VAL B 231 -14.59 24.04 14.30
C VAL B 231 -13.88 25.02 13.36
N ASN B 232 -14.34 26.26 13.25
CA ASN B 232 -13.66 27.32 12.50
C ASN B 232 -12.25 27.61 13.05
N ALA B 233 -12.08 27.59 14.38
CA ALA B 233 -10.77 27.75 15.01
C ALA B 233 -9.89 26.52 14.74
N LEU B 234 -10.47 25.31 14.77
CA LEU B 234 -9.76 24.07 14.46
C LEU B 234 -9.28 24.03 12.99
N LEU B 235 -10.12 24.47 12.05
CA LEU B 235 -9.77 24.57 10.64
C LEU B 235 -8.62 25.56 10.40
N LYS B 236 -8.71 26.76 10.97
CA LYS B 236 -7.65 27.78 10.87
C LYS B 236 -6.35 27.35 11.52
N GLU B 237 -6.40 26.59 12.61
CA GLU B 237 -5.22 26.03 13.27
C GLU B 237 -4.59 24.89 12.44
N ALA B 238 -5.39 23.95 11.93
CA ALA B 238 -4.90 22.85 11.12
C ALA B 238 -4.24 23.34 9.82
N GLU B 239 -4.78 24.38 9.19
CA GLU B 239 -4.18 24.99 8.00
C GLU B 239 -2.81 25.64 8.27
N LYS B 240 -2.46 25.96 9.52
CA LYS B 240 -1.12 26.42 9.91
C LYS B 240 -0.17 25.26 10.22
N ARG B 241 -0.64 24.19 10.87
CA ARG B 241 0.23 23.22 11.57
C ARG B 241 0.02 21.73 11.26
N ASN B 242 -0.96 21.33 10.44
CA ASN B 242 -1.12 19.93 10.05
C ASN B 242 0.09 19.44 9.23
N LEU B 243 0.71 18.33 9.64
CA LEU B 243 1.93 17.81 9.02
C LEU B 243 1.72 17.25 7.61
N SER B 244 0.56 16.65 7.32
CA SER B 244 0.24 16.14 5.98
C SER B 244 0.06 17.28 4.97
N LEU B 245 -0.60 18.36 5.38
CA LEU B 245 -0.74 19.56 4.56
C LEU B 245 0.60 20.27 4.36
N LEU B 246 1.41 20.38 5.41
CA LEU B 246 2.78 20.92 5.33
C LEU B 246 3.64 20.11 4.35
N GLN B 247 3.61 18.78 4.44
CA GLN B 247 4.32 17.91 3.50
C GLN B 247 3.85 18.09 2.06
N ALA B 248 2.54 18.28 1.83
CA ALA B 248 2.01 18.55 0.50
C ALA B 248 2.49 19.89 -0.06
N ARG B 249 2.57 20.95 0.78
CA ARG B 249 3.13 22.26 0.39
C ARG B 249 4.59 22.14 -0.02
N LEU B 250 5.40 21.42 0.78
CA LEU B 250 6.81 21.18 0.48
C LEU B 250 6.99 20.33 -0.79
N SER B 251 6.12 19.34 -1.02
CA SER B 251 6.13 18.52 -2.24
C SER B 251 5.79 19.33 -3.49
N GLN B 252 4.84 20.27 -3.40
CA GLN B 252 4.57 21.22 -4.50
C GLN B 252 5.79 22.10 -4.79
N ASP B 253 6.49 22.57 -3.76
CA ASP B 253 7.69 23.39 -3.95
C ASP B 253 8.86 22.60 -4.56
N LEU B 254 9.03 21.32 -4.18
CA LEU B 254 9.99 20.42 -4.83
C LEU B 254 9.63 20.18 -6.31
N ALA B 255 8.35 20.06 -6.66
CA ALA B 255 7.91 19.94 -8.05
C ALA B 255 8.16 21.23 -8.84
N ARG B 256 7.99 22.40 -8.21
CA ARG B 256 8.32 23.70 -8.81
C ARG B 256 9.82 23.90 -9.03
N GLU B 257 10.65 23.45 -8.09
CA GLU B 257 12.11 23.47 -8.28
C GLU B 257 12.55 22.55 -9.43
N GLN B 258 11.86 21.43 -9.65
CA GLN B 258 12.11 20.56 -10.80
C GLN B 258 11.78 21.22 -12.15
N ILE B 259 10.86 22.20 -12.23
CA ILE B 259 10.70 23.02 -13.45
C ILE B 259 11.99 23.79 -13.73
N ARG B 260 12.55 24.45 -12.71
CA ARG B 260 13.81 25.19 -12.87
C ARG B 260 14.98 24.27 -13.18
N GLN B 261 15.04 23.09 -12.56
CA GLN B 261 16.06 22.07 -12.87
C GLN B 261 15.96 21.54 -14.31
N ALA B 262 14.76 21.45 -14.89
CA ALA B 262 14.59 21.16 -16.32
C ALA B 262 15.00 22.35 -17.21
N GLN B 263 14.50 23.56 -16.93
CA GLN B 263 14.77 24.77 -17.72
C GLN B 263 16.26 25.11 -17.79
N ASP B 264 17.00 24.91 -16.70
CA ASP B 264 18.43 25.15 -16.63
C ASP B 264 19.26 24.19 -17.51
N GLY B 265 18.65 23.16 -18.10
CA GLY B 265 19.26 22.31 -19.12
C GLY B 265 19.61 23.03 -20.44
N HIS B 266 18.99 24.19 -20.72
CA HIS B 266 19.34 25.05 -21.86
C HIS B 266 20.63 25.86 -21.67
N LEU B 267 21.13 26.01 -20.44
CA LEU B 267 22.23 26.94 -20.12
C LEU B 267 23.61 26.48 -20.61
N PRO B 268 24.56 27.41 -20.84
CA PRO B 268 25.98 27.09 -21.02
C PRO B 268 26.58 26.46 -19.75
N THR B 269 27.73 25.81 -19.92
CA THR B 269 28.49 25.11 -18.87
C THR B 269 29.96 25.49 -18.97
N LEU B 270 30.64 25.71 -17.84
CA LEU B 270 32.06 26.09 -17.79
C LEU B 270 32.79 25.37 -16.64
N ASP B 271 33.85 24.63 -16.96
CA ASP B 271 34.68 23.88 -16.02
C ASP B 271 36.16 24.32 -16.09
N LEU B 272 36.78 24.50 -14.94
CA LEU B 272 38.23 24.62 -14.80
C LEU B 272 38.84 23.24 -14.60
N THR B 273 39.98 23.00 -15.24
CA THR B 273 40.79 21.79 -15.12
C THR B 273 42.25 22.16 -14.99
N ALA B 274 43.03 21.39 -14.23
CA ALA B 274 44.47 21.59 -14.09
C ALA B 274 45.17 20.25 -13.84
N SER B 275 46.42 20.11 -14.28
CA SER B 275 47.13 18.84 -14.25
C SER B 275 48.64 19.00 -14.17
N THR B 276 49.29 18.04 -13.52
CA THR B 276 50.73 17.77 -13.61
C THR B 276 50.90 16.33 -14.07
N GLY B 277 51.56 16.13 -15.21
CA GLY B 277 51.81 14.81 -15.81
C GLY B 277 53.28 14.56 -16.14
N ILE B 278 53.59 13.29 -16.35
CA ILE B 278 54.92 12.77 -16.68
C ILE B 278 54.76 11.61 -17.67
N SER B 279 55.66 11.51 -18.65
CA SER B 279 55.58 10.51 -19.73
C SER B 279 56.96 10.09 -20.24
N ASP B 280 57.13 8.79 -20.52
CA ASP B 280 58.34 8.15 -21.03
C ASP B 280 58.00 7.23 -22.22
N THR B 281 58.90 7.11 -23.19
CA THR B 281 58.73 6.22 -24.36
C THR B 281 60.07 5.74 -24.90
N SER B 282 60.08 4.51 -25.41
CA SER B 282 61.20 3.87 -26.11
C SER B 282 60.70 3.14 -27.36
N TYR B 283 61.62 2.76 -28.25
CA TYR B 283 61.34 2.12 -29.54
C TYR B 283 62.29 0.95 -29.82
N SER B 284 61.86 0.00 -30.65
CA SER B 284 62.61 -1.19 -31.05
C SER B 284 62.11 -1.74 -32.40
N GLY B 285 62.64 -2.86 -32.88
CA GLY B 285 62.29 -3.46 -34.17
C GLY B 285 63.14 -2.97 -35.35
N SER B 286 63.17 -3.76 -36.41
CA SER B 286 64.12 -3.64 -37.53
C SER B 286 64.14 -2.26 -38.21
N LYS B 287 62.97 -1.61 -38.38
CA LYS B 287 62.86 -0.28 -39.02
C LYS B 287 63.42 0.85 -38.16
N THR B 288 63.51 0.64 -36.83
CA THR B 288 64.13 1.60 -35.90
C THR B 288 65.63 1.40 -35.70
N ARG B 289 66.21 0.29 -36.20
CA ARG B 289 67.66 0.01 -36.10
C ARG B 289 68.50 0.89 -37.05
N GLY B 290 69.80 0.94 -36.82
CA GLY B 290 70.74 1.74 -37.62
C GLY B 290 70.49 3.24 -37.48
N ALA B 291 70.68 3.99 -38.57
CA ALA B 291 70.57 5.46 -38.60
C ALA B 291 69.20 5.99 -38.12
N ALA B 292 68.12 5.25 -38.36
CA ALA B 292 66.77 5.58 -37.89
C ALA B 292 66.66 5.69 -36.35
N GLY B 293 67.56 5.03 -35.60
CA GLY B 293 67.65 5.15 -34.14
C GLY B 293 68.06 6.53 -33.64
N THR B 294 68.50 7.43 -34.54
CA THR B 294 68.70 8.86 -34.25
C THR B 294 67.36 9.57 -34.01
N GLN B 295 66.32 9.18 -34.76
CA GLN B 295 64.97 9.75 -34.66
C GLN B 295 64.07 8.95 -33.70
N TYR B 296 64.11 7.62 -33.79
CA TYR B 296 63.46 6.69 -32.85
C TYR B 296 64.33 6.45 -31.60
N ASP B 297 64.90 7.52 -31.05
CA ASP B 297 65.58 7.53 -29.75
C ASP B 297 64.57 7.47 -28.59
N ASP B 298 65.03 7.14 -27.38
CA ASP B 298 64.21 7.27 -26.17
C ASP B 298 63.74 8.71 -25.97
N SER B 299 62.56 8.89 -25.36
CA SER B 299 61.92 10.18 -25.15
C SER B 299 61.33 10.29 -23.75
N ASN B 300 61.43 11.48 -23.16
CA ASN B 300 60.96 11.81 -21.82
C ASN B 300 60.28 13.19 -21.82
N MET B 301 59.27 13.35 -20.98
CA MET B 301 58.44 14.56 -20.91
C MET B 301 57.84 14.73 -19.52
N GLY B 302 57.68 15.98 -19.09
CA GLY B 302 56.74 16.39 -18.06
C GLY B 302 55.92 17.60 -18.54
N GLN B 303 54.67 17.71 -18.11
CA GLN B 303 53.81 18.87 -18.43
C GLN B 303 52.99 19.29 -17.21
N ASN B 304 53.05 20.57 -16.87
CA ASN B 304 52.04 21.25 -16.08
C ASN B 304 51.06 21.94 -17.05
N LYS B 305 49.76 21.95 -16.77
CA LYS B 305 48.77 22.66 -17.60
C LYS B 305 47.53 23.07 -16.83
N VAL B 306 46.85 24.10 -17.34
CA VAL B 306 45.59 24.64 -16.85
C VAL B 306 44.69 24.90 -18.05
N GLY B 307 43.40 24.59 -17.94
CA GLY B 307 42.46 24.80 -19.04
C GLY B 307 41.02 25.01 -18.61
N LEU B 308 40.34 25.95 -19.26
CA LEU B 308 38.92 26.23 -19.13
C LEU B 308 38.16 25.57 -20.29
N SER B 309 37.30 24.62 -19.98
CA SER B 309 36.44 23.92 -20.94
C SER B 309 35.01 24.46 -20.87
N PHE B 310 34.49 24.94 -22.01
CA PHE B 310 33.14 25.50 -22.15
C PHE B 310 32.28 24.63 -23.08
N SER B 311 30.99 24.53 -22.79
CA SER B 311 30.03 23.80 -23.63
C SER B 311 28.63 24.43 -23.59
N LEU B 312 27.97 24.47 -24.74
CA LEU B 312 26.62 25.02 -24.92
C LEU B 312 25.83 24.15 -25.90
N PRO B 313 24.79 23.40 -25.46
CA PRO B 313 23.92 22.67 -26.38
C PRO B 313 23.07 23.66 -27.18
N ILE B 314 23.19 23.61 -28.52
CA ILE B 314 22.45 24.50 -29.44
C ILE B 314 21.07 23.92 -29.73
N TYR B 315 20.98 22.61 -29.99
CA TYR B 315 19.74 21.89 -30.23
C TYR B 315 19.90 20.39 -29.90
N GLN B 316 18.89 19.79 -29.28
CA GLN B 316 18.92 18.39 -28.83
C GLN B 316 17.60 17.66 -29.14
N GLY B 317 17.12 17.72 -30.39
CA GLY B 317 15.88 17.05 -30.79
C GLY B 317 14.62 17.52 -30.04
N GLY B 318 14.64 18.71 -29.43
CA GLY B 318 13.57 19.21 -28.55
C GLY B 318 13.53 18.59 -27.14
N MET B 319 14.57 17.84 -26.73
CA MET B 319 14.61 17.10 -25.46
C MET B 319 14.27 17.97 -24.24
N VAL B 320 15.00 19.08 -24.04
CA VAL B 320 14.82 19.93 -22.86
C VAL B 320 13.42 20.56 -22.83
N ASN B 321 12.87 20.94 -23.98
CA ASN B 321 11.51 21.47 -24.07
C ASN B 321 10.45 20.42 -23.66
N SER B 322 10.64 19.15 -24.00
CA SER B 322 9.80 18.06 -23.46
C SER B 322 10.00 17.91 -21.96
N GLN B 323 11.24 17.91 -21.46
CA GLN B 323 11.52 17.79 -20.02
C GLN B 323 10.88 18.93 -19.21
N VAL B 324 10.89 20.16 -19.73
CA VAL B 324 10.20 21.31 -19.11
C VAL B 324 8.70 21.11 -19.09
N LYS B 325 8.08 20.64 -20.18
CA LYS B 325 6.64 20.36 -20.21
C LYS B 325 6.25 19.22 -19.27
N GLN B 326 7.06 18.15 -19.20
CA GLN B 326 6.87 17.07 -18.22
C GLN B 326 6.97 17.61 -16.78
N ALA B 327 7.94 18.47 -16.48
CA ALA B 327 8.07 19.08 -15.16
C ALA B 327 6.88 20.00 -14.82
N GLN B 328 6.35 20.75 -15.80
CA GLN B 328 5.15 21.56 -15.62
C GLN B 328 3.92 20.70 -15.33
N TYR B 329 3.70 19.59 -16.06
CA TYR B 329 2.62 18.65 -15.73
C TYR B 329 2.83 17.98 -14.37
N ASN B 330 4.06 17.64 -13.98
CA ASN B 330 4.37 17.12 -12.64
C ASN B 330 4.02 18.14 -11.54
N PHE B 331 4.32 19.43 -11.75
CA PHE B 331 3.92 20.51 -10.84
C PHE B 331 2.40 20.72 -10.79
N VAL B 332 1.70 20.66 -11.92
CA VAL B 332 0.23 20.67 -11.93
C VAL B 332 -0.31 19.49 -11.10
N GLY B 333 0.20 18.28 -11.32
CA GLY B 333 -0.15 17.11 -10.50
C GLY B 333 0.10 17.34 -9.01
N ALA B 334 1.25 17.88 -8.62
CA ALA B 334 1.56 18.20 -7.23
C ALA B 334 0.64 19.27 -6.63
N SER B 335 0.21 20.27 -7.42
CA SER B 335 -0.73 21.30 -6.97
C SER B 335 -2.16 20.76 -6.78
N GLU B 336 -2.58 19.77 -7.57
CA GLU B 336 -3.83 19.04 -7.32
C GLU B 336 -3.70 18.07 -6.13
N GLN B 337 -2.53 17.47 -5.93
CA GLN B 337 -2.26 16.66 -4.73
C GLN B 337 -2.27 17.50 -3.45
N LEU B 338 -1.93 18.79 -3.51
CA LEU B 338 -2.13 19.74 -2.41
C LEU B 338 -3.61 20.06 -2.15
N GLU B 339 -4.45 20.18 -3.19
CA GLU B 339 -5.91 20.30 -3.02
C GLU B 339 -6.48 19.02 -2.38
N SER B 340 -6.03 17.84 -2.79
CA SER B 340 -6.39 16.56 -2.17
C SER B 340 -6.04 16.53 -0.68
N ALA B 341 -4.83 16.96 -0.31
CA ALA B 341 -4.41 17.08 1.08
C ALA B 341 -5.27 18.09 1.85
N HIS B 342 -5.59 19.25 1.26
CA HIS B 342 -6.43 20.27 1.90
C HIS B 342 -7.84 19.77 2.17
N ARG B 343 -8.50 19.14 1.19
CA ARG B 343 -9.82 18.52 1.41
C ARG B 343 -9.78 17.44 2.49
N SER B 344 -8.71 16.64 2.51
CA SER B 344 -8.53 15.57 3.50
C SER B 344 -8.44 16.12 4.93
N VAL B 345 -7.62 17.13 5.19
CA VAL B 345 -7.51 17.70 6.55
C VAL B 345 -8.78 18.42 6.98
N VAL B 346 -9.48 19.10 6.07
CA VAL B 346 -10.78 19.74 6.34
C VAL B 346 -11.82 18.71 6.76
N GLN B 347 -11.93 17.58 6.04
CA GLN B 347 -12.80 16.48 6.44
C GLN B 347 -12.36 15.87 7.77
N THR B 348 -11.05 15.72 8.01
CA THR B 348 -10.53 15.07 9.21
C THR B 348 -10.80 15.87 10.48
N VAL B 349 -10.57 17.19 10.49
CA VAL B 349 -10.89 18.01 11.68
C VAL B 349 -12.40 18.08 11.92
N ARG B 350 -13.21 18.18 10.86
CA ARG B 350 -14.67 18.26 10.99
C ARG B 350 -15.28 16.94 11.49
N SER B 351 -14.87 15.80 10.94
CA SER B 351 -15.33 14.50 11.44
C SER B 351 -14.81 14.20 12.86
N SER B 352 -13.60 14.64 13.22
CA SER B 352 -13.12 14.56 14.60
C SER B 352 -13.93 15.43 15.56
N PHE B 353 -14.26 16.67 15.16
CA PHE B 353 -15.13 17.55 15.94
C PHE B 353 -16.53 16.97 16.13
N ASN B 354 -17.11 16.38 15.07
CA ASN B 354 -18.38 15.67 15.17
C ASN B 354 -18.29 14.51 16.18
N ASN B 355 -17.25 13.66 16.07
CA ASN B 355 -17.07 12.51 16.96
C ASN B 355 -16.83 12.90 18.42
N ILE B 356 -16.15 14.01 18.71
CA ILE B 356 -16.04 14.51 20.09
C ILE B 356 -17.41 14.93 20.61
N ASN B 357 -18.17 15.73 19.87
CA ASN B 357 -19.51 16.14 20.30
C ASN B 357 -20.48 14.94 20.47
N ALA B 358 -20.39 13.94 19.59
CA ALA B 358 -21.16 12.71 19.70
C ALA B 358 -20.75 11.87 20.92
N SER B 359 -19.46 11.69 21.18
CA SER B 359 -18.99 10.95 22.36
C SER B 359 -19.35 11.69 23.66
N ILE B 360 -19.24 13.02 23.74
CA ILE B 360 -19.71 13.79 24.90
C ILE B 360 -21.20 13.56 25.17
N SER B 361 -22.04 13.74 24.16
CA SER B 361 -23.50 13.63 24.33
C SER B 361 -23.96 12.19 24.56
N SER B 362 -23.33 11.19 23.95
CA SER B 362 -23.64 9.78 24.23
C SER B 362 -23.10 9.30 25.58
N ILE B 363 -21.97 9.81 26.10
CA ILE B 363 -21.57 9.57 27.50
C ILE B 363 -22.65 10.07 28.45
N ASN B 364 -23.16 11.29 28.23
CA ASN B 364 -24.25 11.84 29.05
C ASN B 364 -25.53 10.99 28.97
N ALA B 365 -25.89 10.49 27.79
CA ALA B 365 -27.03 9.60 27.61
C ALA B 365 -26.83 8.25 28.34
N TYR B 366 -25.72 7.56 28.10
CA TYR B 366 -25.43 6.27 28.72
C TYR B 366 -25.23 6.36 30.23
N LYS B 367 -24.72 7.47 30.76
CA LYS B 367 -24.63 7.72 32.21
C LYS B 367 -26.02 7.68 32.85
N GLN B 368 -27.01 8.35 32.25
CA GLN B 368 -28.39 8.30 32.73
C GLN B 368 -29.04 6.92 32.51
N ALA B 369 -28.73 6.24 31.41
CA ALA B 369 -29.18 4.87 31.17
C ALA B 369 -28.65 3.88 32.24
N VAL B 370 -27.38 3.98 32.63
CA VAL B 370 -26.78 3.18 33.72
C VAL B 370 -27.42 3.52 35.06
N VAL B 371 -27.59 4.80 35.40
CA VAL B 371 -28.19 5.21 36.69
C VAL B 371 -29.64 4.73 36.82
N SER B 372 -30.45 4.87 35.77
CA SER B 372 -31.83 4.36 35.77
C SER B 372 -31.91 2.83 35.75
N ALA B 373 -31.05 2.14 35.00
CA ALA B 373 -30.96 0.68 35.04
C ALA B 373 -30.50 0.15 36.42
N GLN B 374 -29.60 0.85 37.11
CA GLN B 374 -29.18 0.52 38.47
C GLN B 374 -30.33 0.76 39.47
N SER B 375 -31.04 1.89 39.33
CA SER B 375 -32.22 2.21 40.15
C SER B 375 -33.37 1.22 39.95
N SER B 376 -33.52 0.69 38.73
CA SER B 376 -34.37 -0.46 38.42
C SER B 376 -33.86 -1.72 39.13
N LEU B 377 -32.63 -2.16 38.88
CA LEU B 377 -32.12 -3.44 39.39
C LEU B 377 -32.07 -3.52 40.92
N ASP B 378 -31.75 -2.42 41.60
CA ASP B 378 -31.76 -2.34 43.06
C ASP B 378 -33.15 -2.58 43.66
N ALA B 379 -34.22 -2.18 42.96
CA ALA B 379 -35.61 -2.46 43.36
C ALA B 379 -36.06 -3.86 42.94
N MET B 380 -35.67 -4.31 41.74
CA MET B 380 -35.98 -5.66 41.23
C MET B 380 -35.37 -6.76 42.10
N GLU B 381 -34.06 -6.69 42.39
CA GLU B 381 -33.33 -7.71 43.14
C GLU B 381 -33.85 -7.86 44.59
N ALA B 382 -34.42 -6.80 45.16
CA ALA B 382 -35.17 -6.88 46.40
C ALA B 382 -36.54 -7.56 46.17
N GLY B 383 -37.48 -6.87 45.53
CA GLY B 383 -38.89 -7.27 45.50
C GLY B 383 -39.16 -8.62 44.83
N TYR B 384 -38.39 -8.97 43.81
CA TYR B 384 -38.58 -10.20 43.03
C TYR B 384 -37.74 -11.37 43.56
N SER B 385 -36.79 -11.11 44.49
CA SER B 385 -36.27 -12.14 45.40
C SER B 385 -37.23 -12.41 46.55
N VAL B 386 -37.82 -11.36 47.14
CA VAL B 386 -38.81 -11.45 48.24
C VAL B 386 -40.09 -12.19 47.83
N GLY B 387 -40.57 -12.01 46.59
CA GLY B 387 -41.64 -12.84 46.03
C GLY B 387 -42.58 -12.18 44.99
N THR B 388 -42.32 -10.94 44.57
CA THR B 388 -43.23 -10.16 43.71
C THR B 388 -43.57 -10.85 42.38
N ARG B 389 -42.56 -11.44 41.72
CA ARG B 389 -42.67 -12.31 40.54
C ARG B 389 -41.39 -13.16 40.40
N THR B 390 -41.31 -14.03 39.39
CA THR B 390 -40.14 -14.92 39.19
C THR B 390 -38.83 -14.15 39.12
N ILE B 391 -37.78 -14.72 39.72
CA ILE B 391 -36.45 -14.09 39.81
C ILE B 391 -35.72 -14.01 38.45
N VAL B 392 -36.26 -14.65 37.42
CA VAL B 392 -35.88 -14.45 36.01
C VAL B 392 -36.09 -13.00 35.54
N ASP B 393 -36.98 -12.23 36.18
CA ASP B 393 -37.08 -10.79 35.93
C ASP B 393 -35.87 -10.01 36.47
N VAL B 394 -35.23 -10.48 37.54
CA VAL B 394 -33.95 -9.91 38.03
C VAL B 394 -32.81 -10.28 37.08
N LEU B 395 -32.83 -11.49 36.52
CA LEU B 395 -31.89 -11.96 35.50
C LEU B 395 -31.97 -11.08 34.24
N ASP B 396 -33.18 -10.81 33.73
CA ASP B 396 -33.38 -9.90 32.60
C ASP B 396 -33.01 -8.45 32.92
N ALA B 397 -33.41 -7.91 34.08
CA ALA B 397 -33.00 -6.57 34.51
C ALA B 397 -31.47 -6.43 34.63
N THR B 398 -30.78 -7.49 35.07
CA THR B 398 -29.31 -7.56 35.13
C THR B 398 -28.67 -7.33 33.76
N THR B 399 -29.21 -7.93 32.68
CA THR B 399 -28.64 -7.75 31.34
C THR B 399 -28.70 -6.29 30.88
N THR B 400 -29.78 -5.56 31.18
CA THR B 400 -29.89 -4.14 30.78
C THR B 400 -28.79 -3.29 31.42
N LEU B 401 -28.45 -3.58 32.69
CA LEU B 401 -27.43 -2.84 33.43
C LEU B 401 -26.03 -3.10 32.88
N TYR B 402 -25.65 -4.37 32.69
CA TYR B 402 -24.32 -4.70 32.19
C TYR B 402 -24.16 -4.43 30.69
N ASN B 403 -25.23 -4.39 29.90
CA ASN B 403 -25.19 -3.79 28.56
C ASN B 403 -24.86 -2.29 28.65
N ALA B 404 -25.60 -1.54 29.47
CA ALA B 404 -25.42 -0.09 29.61
C ALA B 404 -24.02 0.27 30.16
N LYS B 405 -23.49 -0.49 31.13
CA LYS B 405 -22.13 -0.26 31.67
C LYS B 405 -21.03 -0.52 30.62
N GLN B 406 -21.18 -1.53 29.76
CA GLN B 406 -20.25 -1.74 28.64
C GLN B 406 -20.30 -0.58 27.64
N GLU B 407 -21.49 -0.12 27.26
CA GLU B 407 -21.64 1.02 26.34
C GLU B 407 -21.06 2.31 26.92
N LEU B 408 -21.31 2.61 28.20
CA LEU B 408 -20.76 3.79 28.88
C LEU B 408 -19.24 3.76 28.95
N ALA B 409 -18.64 2.63 29.33
CA ALA B 409 -17.20 2.47 29.37
C ALA B 409 -16.57 2.65 27.98
N ASN B 410 -17.15 2.01 26.95
CA ASN B 410 -16.67 2.15 25.58
C ASN B 410 -16.78 3.59 25.08
N ALA B 411 -17.85 4.32 25.43
CA ALA B 411 -18.03 5.72 25.08
C ALA B 411 -16.95 6.62 25.73
N ARG B 412 -16.58 6.38 26.99
CA ARG B 412 -15.48 7.10 27.67
C ARG B 412 -14.14 6.92 26.96
N TYR B 413 -13.79 5.70 26.58
CA TYR B 413 -12.56 5.46 25.82
C TYR B 413 -12.61 6.05 24.40
N ASN B 414 -13.77 6.07 23.75
CA ASN B 414 -13.93 6.78 22.49
C ASN B 414 -13.71 8.28 22.65
N TYR B 415 -14.23 8.92 23.70
CA TYR B 415 -13.97 10.34 23.96
C TYR B 415 -12.47 10.61 24.12
N LEU B 416 -11.78 9.82 24.93
CA LEU B 416 -10.34 9.96 25.18
C LEU B 416 -9.51 9.80 23.90
N ILE B 417 -9.80 8.78 23.10
CA ILE B 417 -9.08 8.55 21.84
C ILE B 417 -9.38 9.68 20.84
N ASN B 418 -10.63 10.12 20.70
CA ASN B 418 -10.97 11.23 19.80
C ASN B 418 -10.34 12.56 20.24
N GLN B 419 -10.19 12.78 21.55
CA GLN B 419 -9.52 13.97 22.08
C GLN B 419 -8.03 14.03 21.68
N LEU B 420 -7.35 12.90 21.52
CA LEU B 420 -6.02 12.86 20.89
C LEU B 420 -6.11 12.94 19.37
N ASN B 421 -7.09 12.27 18.77
CA ASN B 421 -7.26 12.22 17.32
C ASN B 421 -7.41 13.62 16.71
N ILE B 422 -8.22 14.49 17.33
CA ILE B 422 -8.41 15.86 16.85
C ILE B 422 -7.11 16.65 16.93
N LYS B 423 -6.28 16.44 17.96
CA LYS B 423 -4.96 17.07 18.08
C LYS B 423 -3.96 16.55 17.07
N SER B 424 -4.08 15.28 16.63
CA SER B 424 -3.31 14.78 15.48
C SER B 424 -3.76 15.46 14.17
N ALA B 425 -5.05 15.77 14.03
CA ALA B 425 -5.60 16.48 12.88
C ALA B 425 -5.18 17.97 12.85
N LEU B 426 -5.03 18.61 14.02
CA LEU B 426 -4.35 19.91 14.13
C LEU B 426 -2.84 19.84 13.87
N GLY B 427 -2.24 18.64 13.96
CA GLY B 427 -0.79 18.43 13.91
C GLY B 427 -0.05 18.83 15.19
N THR B 428 -0.76 19.21 16.26
CA THR B 428 -0.17 19.68 17.53
C THR B 428 0.07 18.56 18.54
N LEU B 429 -0.48 17.37 18.34
CA LEU B 429 -0.38 16.22 19.26
C LEU B 429 1.07 15.93 19.68
N ASN B 430 1.35 16.00 20.99
CA ASN B 430 2.67 15.78 21.57
C ASN B 430 2.59 15.21 23.00
N GLU B 431 3.74 14.96 23.64
CA GLU B 431 3.84 14.33 24.97
C GLU B 431 3.02 15.03 26.05
N GLN B 432 2.84 16.35 26.00
CA GLN B 432 2.03 17.09 26.98
C GLN B 432 0.54 16.71 26.94
N ASP B 433 0.04 16.19 25.81
CA ASP B 433 -1.31 15.67 25.69
C ASP B 433 -1.46 14.28 26.32
N LEU B 434 -0.42 13.43 26.22
CA LEU B 434 -0.37 12.21 27.02
C LEU B 434 -0.32 12.54 28.50
N LEU B 435 0.42 13.57 28.93
CA LEU B 435 0.42 14.00 30.33
C LEU B 435 -0.97 14.45 30.79
N ALA B 436 -1.70 15.21 29.97
CA ALA B 436 -3.06 15.64 30.27
C ALA B 436 -4.03 14.44 30.44
N LEU B 437 -3.95 13.43 29.58
CA LEU B 437 -4.75 12.21 29.73
C LEU B 437 -4.25 11.31 30.88
N ASN B 438 -2.94 11.27 31.15
CA ASN B 438 -2.38 10.49 32.26
C ASN B 438 -2.90 10.97 33.62
N ASN B 439 -3.16 12.27 33.76
CA ASN B 439 -3.81 12.86 34.94
C ASN B 439 -5.27 12.40 35.14
N ALA B 440 -5.93 11.87 34.10
CA ALA B 440 -7.26 11.26 34.23
C ALA B 440 -7.22 9.79 34.67
N LEU B 441 -6.04 9.18 34.81
CA LEU B 441 -5.85 7.83 35.33
C LEU B 441 -5.61 7.85 36.86
N SER B 442 -5.86 6.72 37.53
CA SER B 442 -5.62 6.59 38.97
C SER B 442 -5.16 5.18 39.39
N LYS B 443 -6.04 4.36 39.96
CA LYS B 443 -5.74 3.07 40.59
C LYS B 443 -5.25 2.02 39.58
N PRO B 444 -4.24 1.19 39.91
CA PRO B 444 -3.77 0.13 39.03
C PRO B 444 -4.78 -1.03 38.95
N VAL B 445 -4.89 -1.66 37.78
CA VAL B 445 -5.66 -2.89 37.53
C VAL B 445 -4.82 -3.90 36.75
N SER B 446 -4.90 -5.18 37.11
CA SER B 446 -4.11 -6.21 36.45
C SER B 446 -4.61 -6.51 35.04
N THR B 447 -3.67 -6.68 34.10
CA THR B 447 -3.94 -7.11 32.73
C THR B 447 -4.21 -8.61 32.60
N ASN B 448 -4.05 -9.37 33.69
CA ASN B 448 -4.18 -10.82 33.72
C ASN B 448 -4.94 -11.29 35.00
N PRO B 449 -6.29 -11.24 35.00
CA PRO B 449 -7.11 -11.80 36.08
C PRO B 449 -6.90 -13.31 36.27
N GLU B 450 -7.30 -13.84 37.43
CA GLU B 450 -7.24 -15.27 37.78
C GLU B 450 -8.13 -16.17 36.91
N GLU C 23 -14.58 -32.72 -4.94
CA GLU C 23 -13.17 -32.78 -4.51
C GLU C 23 -13.05 -32.60 -2.99
N ASN C 24 -12.01 -33.14 -2.37
CA ASN C 24 -11.62 -32.79 -1.00
C ASN C 24 -10.56 -31.66 -0.98
N LEU C 25 -10.20 -31.17 0.21
CA LEU C 25 -9.24 -30.06 0.39
C LEU C 25 -7.89 -30.35 -0.27
N MET C 26 -7.40 -31.58 -0.17
CA MET C 26 -6.14 -31.99 -0.80
C MET C 26 -6.22 -31.90 -2.32
N GLN C 27 -7.27 -32.46 -2.93
CA GLN C 27 -7.48 -32.41 -4.38
C GLN C 27 -7.65 -30.99 -4.89
N VAL C 28 -8.38 -30.14 -4.14
CA VAL C 28 -8.50 -28.71 -4.45
C VAL C 28 -7.13 -28.03 -4.44
N TYR C 29 -6.31 -28.28 -3.43
CA TYR C 29 -4.96 -27.70 -3.39
C TYR C 29 -4.04 -28.23 -4.50
N GLN C 30 -4.06 -29.52 -4.81
CA GLN C 30 -3.21 -30.06 -5.88
C GLN C 30 -3.57 -29.48 -7.26
N GLN C 31 -4.83 -29.08 -7.48
CA GLN C 31 -5.22 -28.28 -8.64
C GLN C 31 -4.73 -26.83 -8.51
N ALA C 32 -4.95 -26.17 -7.37
CA ALA C 32 -4.55 -24.78 -7.15
C ALA C 32 -3.03 -24.56 -7.28
N ARG C 33 -2.21 -25.45 -6.74
CA ARG C 33 -0.74 -25.40 -6.79
C ARG C 33 -0.20 -25.35 -8.21
N LEU C 34 -0.81 -26.12 -9.11
CA LEU C 34 -0.47 -26.18 -10.53
C LEU C 34 -1.02 -24.98 -11.32
N SER C 35 -2.23 -24.54 -10.95
CA SER C 35 -3.05 -23.57 -11.69
C SER C 35 -2.75 -22.10 -11.36
N ASN C 36 -2.48 -21.76 -10.10
CA ASN C 36 -2.62 -20.40 -9.57
C ASN C 36 -1.61 -19.40 -10.17
N PRO C 37 -2.06 -18.28 -10.77
CA PRO C 37 -1.18 -17.33 -11.43
C PRO C 37 -0.34 -16.50 -10.46
N GLU C 38 -0.81 -16.24 -9.24
CA GLU C 38 -0.11 -15.37 -8.27
C GLU C 38 1.21 -16.01 -7.84
N LEU C 39 1.19 -17.33 -7.59
CA LEU C 39 2.39 -18.10 -7.28
C LEU C 39 3.29 -18.23 -8.51
N ARG C 40 2.73 -18.50 -9.69
CA ARG C 40 3.50 -18.68 -10.94
C ARG C 40 4.19 -17.39 -11.39
N LYS C 41 3.57 -16.24 -11.16
CA LYS C 41 4.18 -14.91 -11.30
C LYS C 41 5.38 -14.75 -10.35
N SER C 42 5.23 -15.14 -9.08
CA SER C 42 6.32 -15.09 -8.10
C SER C 42 7.49 -16.01 -8.47
N ALA C 43 7.21 -17.21 -9.00
CA ALA C 43 8.23 -18.12 -9.52
C ALA C 43 9.03 -17.49 -10.68
N ALA C 44 8.37 -16.76 -11.58
CA ALA C 44 9.03 -16.05 -12.67
C ALA C 44 9.93 -14.91 -12.17
N ASP C 45 9.51 -14.14 -11.17
CA ASP C 45 10.34 -13.11 -10.54
C ASP C 45 11.56 -13.69 -9.81
N ARG C 46 11.41 -14.85 -9.16
CA ARG C 46 12.51 -15.59 -8.54
C ARG C 46 13.52 -16.06 -9.58
N ASP C 47 13.06 -16.72 -10.63
CA ASP C 47 13.94 -17.19 -11.71
C ASP C 47 14.67 -16.05 -12.43
N ALA C 48 14.00 -14.90 -12.64
CA ALA C 48 14.63 -13.69 -13.16
C ALA C 48 15.74 -13.16 -12.24
N ALA C 49 15.52 -13.11 -10.92
CA ALA C 49 16.52 -12.64 -9.95
C ALA C 49 17.76 -13.54 -9.90
N PHE C 50 17.61 -14.85 -10.07
CA PHE C 50 18.73 -15.79 -10.20
C PHE C 50 19.46 -15.63 -11.54
N GLU C 51 18.74 -15.48 -12.66
CA GLU C 51 19.39 -15.27 -13.96
C GLU C 51 20.18 -13.96 -14.02
N LYS C 52 19.72 -12.93 -13.30
CA LYS C 52 20.41 -11.64 -13.16
C LYS C 52 21.77 -11.74 -12.47
N ILE C 53 22.07 -12.81 -11.74
CA ILE C 53 23.43 -13.06 -11.21
C ILE C 53 24.43 -13.12 -12.38
N ASN C 54 24.06 -13.68 -13.53
CA ASN C 54 24.94 -13.74 -14.69
C ASN C 54 25.22 -12.36 -15.31
N GLU C 55 24.22 -11.48 -15.41
CA GLU C 55 24.44 -10.08 -15.80
C GLU C 55 25.35 -9.36 -14.79
N ALA C 56 25.21 -9.62 -13.49
CA ALA C 56 26.07 -9.06 -12.46
C ALA C 56 27.52 -9.61 -12.52
N ARG C 57 27.71 -10.81 -13.07
CA ARG C 57 29.01 -11.45 -13.31
C ARG C 57 29.73 -10.88 -14.55
N SER C 58 28.99 -10.51 -15.59
CA SER C 58 29.55 -10.14 -16.90
C SER C 58 30.68 -9.09 -16.90
N PRO C 59 30.65 -8.03 -16.06
CA PRO C 59 31.74 -7.05 -16.02
C PRO C 59 33.09 -7.60 -15.53
N LEU C 60 33.11 -8.75 -14.85
CA LEU C 60 34.34 -9.43 -14.43
C LEU C 60 34.96 -10.31 -15.54
N LEU C 61 34.18 -10.65 -16.56
CA LEU C 61 34.60 -11.45 -17.73
C LEU C 61 35.13 -10.55 -18.86
N PRO C 62 35.80 -11.10 -19.89
CA PRO C 62 36.29 -10.32 -21.03
C PRO C 62 35.16 -9.57 -21.74
N GLN C 63 35.41 -8.31 -22.07
CA GLN C 63 34.54 -7.46 -22.89
C GLN C 63 35.25 -7.20 -24.22
N LEU C 64 34.59 -7.48 -25.35
CA LEU C 64 35.22 -7.62 -26.66
C LEU C 64 34.30 -7.07 -27.76
N GLY C 65 34.80 -6.16 -28.59
CA GLY C 65 34.02 -5.54 -29.66
C GLY C 65 34.88 -4.99 -30.80
N LEU C 66 34.26 -4.82 -31.96
CA LEU C 66 34.85 -4.23 -33.16
C LEU C 66 34.34 -2.80 -33.35
N GLY C 67 35.26 -1.85 -33.46
CA GLY C 67 34.98 -0.48 -33.92
C GLY C 67 35.48 -0.26 -35.34
N ALA C 68 34.81 0.59 -36.12
CA ALA C 68 35.28 1.01 -37.44
C ALA C 68 34.83 2.45 -37.76
N ASP C 69 35.61 3.18 -38.56
CA ASP C 69 35.40 4.60 -38.83
C ASP C 69 35.78 5.00 -40.26
N TYR C 70 35.17 6.09 -40.72
CA TYR C 70 35.50 6.80 -41.96
C TYR C 70 35.38 8.30 -41.72
N THR C 71 36.29 9.12 -42.25
CA THR C 71 36.28 10.58 -42.07
C THR C 71 36.84 11.29 -43.29
N TYR C 72 36.11 12.27 -43.80
CA TYR C 72 36.60 13.30 -44.70
C TYR C 72 36.93 14.57 -43.89
N SER C 73 38.03 15.24 -44.23
CA SER C 73 38.43 16.51 -43.59
C SER C 73 38.93 17.52 -44.63
N ASN C 74 38.54 18.78 -44.44
CA ASN C 74 38.88 19.92 -45.27
C ASN C 74 39.48 21.02 -44.37
N GLY C 75 40.77 21.30 -44.55
CA GLY C 75 41.46 22.38 -43.86
C GLY C 75 41.10 23.75 -44.45
N TYR C 76 40.78 24.70 -43.58
CA TYR C 76 40.40 26.07 -43.94
C TYR C 76 40.91 27.04 -42.88
N ARG C 77 41.42 28.22 -43.31
CA ARG C 77 42.30 29.11 -42.53
C ARG C 77 43.61 28.42 -42.12
N ASP C 78 44.76 29.02 -42.42
CA ASP C 78 46.12 28.50 -42.19
C ASP C 78 46.42 27.15 -42.88
N ALA C 79 45.79 26.05 -42.44
CA ALA C 79 45.73 24.75 -43.13
C ALA C 79 44.86 24.77 -44.41
N ASN C 80 44.60 25.95 -44.97
CA ASN C 80 43.68 26.17 -46.07
C ASN C 80 44.09 25.40 -47.34
N GLY C 81 43.26 24.45 -47.78
CA GLY C 81 43.55 23.62 -48.95
C GLY C 81 44.43 22.40 -48.68
N ILE C 82 44.58 21.98 -47.42
CA ILE C 82 44.95 20.60 -47.07
C ILE C 82 43.65 19.81 -46.86
N ASN C 83 43.32 18.90 -47.76
CA ASN C 83 42.19 17.97 -47.59
C ASN C 83 42.71 16.55 -47.34
N SER C 84 41.92 15.72 -46.65
CA SER C 84 42.27 14.33 -46.38
C SER C 84 41.04 13.43 -46.22
N ASN C 85 41.26 12.14 -46.39
CA ASN C 85 40.29 11.10 -46.11
C ASN C 85 40.99 9.94 -45.39
N ALA C 86 40.46 9.56 -44.23
CA ALA C 86 40.98 8.48 -43.40
C ALA C 86 39.89 7.46 -43.09
N THR C 87 40.27 6.20 -42.89
CA THR C 87 39.38 5.12 -42.50
C THR C 87 40.14 4.04 -41.73
N SER C 88 39.49 3.40 -40.76
CA SER C 88 40.13 2.43 -39.88
C SER C 88 39.15 1.42 -39.31
N ALA C 89 39.67 0.30 -38.81
CA ALA C 89 38.95 -0.70 -38.06
C ALA C 89 39.84 -1.27 -36.95
N SER C 90 39.26 -1.59 -35.79
CA SER C 90 40.01 -2.07 -34.63
C SER C 90 39.18 -3.03 -33.80
N LEU C 91 39.64 -4.28 -33.73
CA LEU C 91 39.13 -5.28 -32.80
C LEU C 91 39.78 -5.05 -31.42
N GLN C 92 38.97 -4.85 -30.39
CA GLN C 92 39.42 -4.40 -29.06
C GLN C 92 38.88 -5.31 -27.95
N LEU C 93 39.71 -5.52 -26.92
CA LEU C 93 39.44 -6.35 -25.74
C LEU C 93 39.77 -5.59 -24.46
N THR C 94 38.97 -5.79 -23.41
CA THR C 94 39.20 -5.28 -22.05
C THR C 94 38.92 -6.37 -21.02
N GLN C 95 39.73 -6.42 -19.96
CA GLN C 95 39.57 -7.33 -18.82
C GLN C 95 39.97 -6.60 -17.54
N SER C 96 39.07 -6.44 -16.59
CA SER C 96 39.43 -5.83 -15.29
C SER C 96 40.32 -6.77 -14.48
N ILE C 97 41.40 -6.23 -13.90
CA ILE C 97 42.39 -6.98 -13.11
C ILE C 97 42.14 -6.79 -11.62
N PHE C 98 41.77 -5.58 -11.20
CA PHE C 98 41.34 -5.28 -9.84
C PHE C 98 40.32 -4.14 -9.84
N ASP C 99 39.08 -4.44 -9.45
CA ASP C 99 38.01 -3.46 -9.22
C ASP C 99 36.94 -4.06 -8.28
N MET C 100 37.07 -3.80 -6.98
CA MET C 100 36.19 -4.40 -5.97
C MET C 100 34.71 -4.05 -6.15
N SER C 101 34.37 -2.91 -6.76
CA SER C 101 32.97 -2.54 -6.98
C SER C 101 32.21 -3.57 -7.83
N LYS C 102 32.88 -4.25 -8.77
CA LYS C 102 32.30 -5.31 -9.60
C LYS C 102 32.10 -6.61 -8.81
N TRP C 103 33.01 -6.96 -7.92
CA TRP C 103 32.84 -8.08 -6.99
C TRP C 103 31.72 -7.83 -5.96
N ARG C 104 31.60 -6.60 -5.47
CA ARG C 104 30.46 -6.18 -4.63
C ARG C 104 29.14 -6.27 -5.41
N ALA C 105 29.08 -5.76 -6.64
CA ALA C 105 27.87 -5.85 -7.46
C ALA C 105 27.41 -7.30 -7.70
N LEU C 106 28.34 -8.23 -7.96
CA LEU C 106 28.04 -9.66 -8.08
C LEU C 106 27.49 -10.24 -6.77
N THR C 107 28.22 -10.08 -5.67
CA THR C 107 27.83 -10.68 -4.38
C THR C 107 26.56 -10.06 -3.80
N LEU C 108 26.28 -8.77 -4.07
CA LEU C 108 24.99 -8.16 -3.77
C LEU C 108 23.85 -8.78 -4.58
N GLN C 109 24.04 -9.11 -5.86
CA GLN C 109 23.01 -9.78 -6.65
C GLN C 109 22.76 -11.21 -6.17
N GLU C 110 23.78 -11.93 -5.73
CA GLU C 110 23.61 -13.25 -5.11
C GLU C 110 22.77 -13.18 -3.82
N LYS C 111 22.96 -12.15 -3.00
CA LYS C 111 22.14 -11.89 -1.80
C LYS C 111 20.71 -11.47 -2.17
N ALA C 112 20.54 -10.60 -3.17
CA ALA C 112 19.23 -10.19 -3.66
C ALA C 112 18.41 -11.36 -4.23
N ALA C 113 19.06 -12.29 -4.94
CA ALA C 113 18.43 -13.53 -5.40
C ALA C 113 17.99 -14.41 -4.22
N GLY C 114 18.81 -14.53 -3.18
CA GLY C 114 18.45 -15.26 -1.94
C GLY C 114 17.22 -14.67 -1.23
N ILE C 115 17.13 -13.33 -1.17
CA ILE C 115 15.96 -12.61 -0.65
C ILE C 115 14.71 -12.86 -1.51
N GLN C 116 14.86 -12.92 -2.83
CA GLN C 116 13.74 -13.25 -3.71
C GLN C 116 13.28 -14.71 -3.56
N ASP C 117 14.17 -15.64 -3.23
CA ASP C 117 13.79 -17.03 -2.98
C ASP C 117 12.94 -17.19 -1.71
N VAL C 118 13.30 -16.56 -0.59
CA VAL C 118 12.43 -16.60 0.61
C VAL C 118 11.12 -15.84 0.41
N THR C 119 11.10 -14.84 -0.49
CA THR C 119 9.84 -14.21 -0.94
C THR C 119 8.97 -15.23 -1.69
N TYR C 120 9.54 -16.00 -2.61
CA TYR C 120 8.83 -17.06 -3.31
C TYR C 120 8.33 -18.17 -2.36
N GLN C 121 9.15 -18.60 -1.38
CA GLN C 121 8.72 -19.55 -0.35
C GLN C 121 7.53 -19.02 0.46
N THR C 122 7.49 -17.71 0.75
CA THR C 122 6.36 -17.08 1.45
C THR C 122 5.10 -17.07 0.59
N ASP C 123 5.20 -16.79 -0.71
CA ASP C 123 4.07 -16.86 -1.64
C ASP C 123 3.56 -18.30 -1.82
N GLN C 124 4.46 -19.28 -1.88
CA GLN C 124 4.11 -20.70 -1.93
C GLN C 124 3.37 -21.16 -0.67
N GLN C 125 3.83 -20.71 0.50
CA GLN C 125 3.22 -21.01 1.79
C GLN C 125 1.87 -20.31 2.00
N THR C 126 1.74 -19.05 1.59
CA THR C 126 0.47 -18.32 1.70
C THR C 126 -0.60 -18.81 0.71
N LEU C 127 -0.23 -19.39 -0.43
CA LEU C 127 -1.22 -20.06 -1.30
C LEU C 127 -1.92 -21.21 -0.58
N ILE C 128 -1.20 -21.99 0.24
CA ILE C 128 -1.79 -23.07 1.05
C ILE C 128 -2.82 -22.50 2.00
N LEU C 129 -2.47 -21.46 2.75
CA LEU C 129 -3.36 -20.87 3.73
C LEU C 129 -4.60 -20.23 3.08
N ASN C 130 -4.43 -19.55 1.95
CA ASN C 130 -5.54 -18.98 1.19
C ASN C 130 -6.47 -20.06 0.62
N THR C 131 -5.92 -21.15 0.09
CA THR C 131 -6.72 -22.26 -0.45
C THR C 131 -7.57 -22.90 0.64
N ALA C 132 -6.96 -23.20 1.80
CA ALA C 132 -7.69 -23.73 2.94
C ALA C 132 -8.74 -22.74 3.47
N THR C 133 -8.40 -21.47 3.58
CA THR C 133 -9.34 -20.43 4.04
C THR C 133 -10.56 -20.34 3.13
N ALA C 134 -10.37 -20.32 1.81
CA ALA C 134 -11.47 -20.30 0.86
C ALA C 134 -12.32 -21.57 0.91
N TYR C 135 -11.69 -22.74 1.01
CA TYR C 135 -12.38 -24.04 1.12
C TYR C 135 -13.27 -24.09 2.36
N PHE C 136 -12.74 -23.71 3.53
CA PHE C 136 -13.52 -23.66 4.76
C PHE C 136 -14.57 -22.54 4.76
N ASN C 137 -14.35 -21.41 4.09
CA ASN C 137 -15.39 -20.40 3.92
C ASN C 137 -16.58 -20.93 3.11
N VAL C 138 -16.36 -21.73 2.06
CA VAL C 138 -17.46 -22.38 1.33
C VAL C 138 -18.21 -23.37 2.23
N LEU C 139 -17.51 -24.26 2.95
CA LEU C 139 -18.17 -25.20 3.86
C LEU C 139 -18.96 -24.50 4.97
N ASN C 140 -18.42 -23.43 5.55
CA ASN C 140 -19.08 -22.63 6.57
C ASN C 140 -20.34 -21.94 6.01
N ALA C 141 -20.30 -21.45 4.76
CA ALA C 141 -21.46 -20.87 4.10
C ALA C 141 -22.54 -21.91 3.77
N ILE C 142 -22.18 -23.14 3.38
CA ILE C 142 -23.12 -24.25 3.19
C ILE C 142 -23.85 -24.56 4.50
N ASP C 143 -23.12 -24.65 5.61
CA ASP C 143 -23.71 -24.90 6.93
C ASP C 143 -24.61 -23.76 7.40
N VAL C 144 -24.20 -22.49 7.26
CA VAL C 144 -25.04 -21.33 7.61
C VAL C 144 -26.33 -21.31 6.80
N LEU C 145 -26.29 -21.59 5.50
CA LEU C 145 -27.48 -21.73 4.68
C LEU C 145 -28.36 -22.89 5.16
N SER C 146 -27.77 -24.05 5.44
CA SER C 146 -28.50 -25.25 5.89
C SER C 146 -29.24 -25.01 7.21
N TYR C 147 -28.58 -24.40 8.20
CA TYR C 147 -29.23 -24.01 9.46
C TYR C 147 -30.28 -22.92 9.26
N THR C 148 -30.08 -21.97 8.34
CA THR C 148 -31.09 -20.94 8.04
C THR C 148 -32.35 -21.57 7.42
N GLN C 149 -32.21 -22.52 6.50
CA GLN C 149 -33.33 -23.26 5.92
C GLN C 149 -34.04 -24.11 6.97
N ALA C 150 -33.31 -24.79 7.86
CA ALA C 150 -33.90 -25.56 8.96
C ALA C 150 -34.68 -24.68 9.94
N GLN C 151 -34.13 -23.51 10.29
CA GLN C 151 -34.79 -22.51 11.12
C GLN C 151 -36.07 -21.98 10.47
N LYS C 152 -36.03 -21.67 9.17
CA LYS C 152 -37.20 -21.22 8.40
C LYS C 152 -38.30 -22.27 8.43
N GLU C 153 -37.96 -23.54 8.21
CA GLU C 153 -38.94 -24.63 8.21
C GLU C 153 -39.55 -24.88 9.60
N ALA C 154 -38.75 -24.76 10.67
CA ALA C 154 -39.25 -24.85 12.04
C ALA C 154 -40.24 -23.71 12.38
N ILE C 155 -39.94 -22.49 11.94
CA ILE C 155 -40.82 -21.33 12.11
C ILE C 155 -42.08 -21.47 11.25
N TYR C 156 -41.96 -22.00 10.02
CA TYR C 156 -43.11 -22.27 9.16
C TYR C 156 -44.05 -23.33 9.76
N ARG C 157 -43.52 -24.38 10.38
CA ARG C 157 -44.32 -25.39 11.12
C ARG C 157 -45.14 -24.73 12.23
N GLN C 158 -44.55 -23.81 12.98
CA GLN C 158 -45.27 -23.04 14.00
C GLN C 158 -46.29 -22.05 13.41
N LEU C 159 -45.99 -21.39 12.29
CA LEU C 159 -46.95 -20.54 11.58
C LEU C 159 -48.18 -21.34 11.10
N ASP C 160 -47.96 -22.53 10.54
CA ASP C 160 -49.04 -23.46 10.14
C ASP C 160 -49.86 -23.92 11.35
N GLN C 161 -49.19 -24.42 12.41
CA GLN C 161 -49.86 -24.90 13.63
C GLN C 161 -50.67 -23.81 14.33
N THR C 162 -50.14 -22.59 14.48
CA THR C 162 -50.90 -21.46 15.05
C THR C 162 -52.04 -21.03 14.13
N THR C 163 -51.90 -21.09 12.81
CA THR C 163 -53.01 -20.81 11.89
C THR C 163 -54.15 -21.83 12.05
N GLN C 164 -53.84 -23.11 12.22
CA GLN C 164 -54.85 -24.13 12.53
C GLN C 164 -55.52 -23.87 13.88
N ARG C 165 -54.74 -23.62 14.95
CA ARG C 165 -55.26 -23.30 16.28
C ARG C 165 -56.14 -22.05 16.28
N PHE C 166 -55.80 -21.03 15.50
CA PHE C 166 -56.62 -19.84 15.29
C PHE C 166 -57.95 -20.16 14.60
N ASN C 167 -57.94 -20.98 13.54
CA ASN C 167 -59.16 -21.39 12.85
C ASN C 167 -60.08 -22.26 13.73
N VAL C 168 -59.52 -23.10 14.60
CA VAL C 168 -60.28 -23.85 15.64
C VAL C 168 -60.77 -22.92 16.77
N GLY C 169 -60.19 -21.73 16.93
CA GLY C 169 -60.56 -20.71 17.92
C GLY C 169 -59.81 -20.83 19.25
N LEU C 170 -58.72 -21.59 19.30
CA LEU C 170 -57.92 -21.84 20.51
C LEU C 170 -56.98 -20.69 20.88
N VAL C 171 -56.61 -19.85 19.90
CA VAL C 171 -55.69 -18.71 20.07
C VAL C 171 -56.19 -17.47 19.31
N ALA C 172 -55.80 -16.28 19.77
CA ALA C 172 -56.06 -15.02 19.06
C ALA C 172 -55.20 -14.90 17.79
N ILE C 173 -55.67 -14.11 16.81
CA ILE C 173 -54.97 -13.88 15.54
C ILE C 173 -53.57 -13.29 15.71
N THR C 174 -53.31 -12.59 16.82
CA THR C 174 -52.00 -12.00 17.13
C THR C 174 -50.87 -13.02 17.17
N ASP C 175 -51.13 -14.28 17.56
CA ASP C 175 -50.09 -15.32 17.51
C ASP C 175 -49.69 -15.64 16.07
N VAL C 176 -50.67 -15.70 15.16
CA VAL C 176 -50.44 -15.92 13.72
C VAL C 176 -49.70 -14.73 13.11
N GLN C 177 -50.07 -13.50 13.48
CA GLN C 177 -49.36 -12.28 13.02
C GLN C 177 -47.90 -12.25 13.48
N ASN C 178 -47.61 -12.65 14.72
CA ASN C 178 -46.24 -12.77 15.23
C ASN C 178 -45.45 -13.85 14.47
N ALA C 179 -46.02 -15.04 14.30
CA ALA C 179 -45.37 -16.12 13.54
C ALA C 179 -45.13 -15.72 12.08
N ARG C 180 -46.07 -15.00 11.45
CA ARG C 180 -45.97 -14.54 10.06
C ARG C 180 -44.87 -13.50 9.88
N ALA C 181 -44.80 -12.48 10.74
CA ALA C 181 -43.73 -11.48 10.70
C ALA C 181 -42.35 -12.11 10.95
N GLN C 182 -42.26 -13.08 11.87
CA GLN C 182 -41.03 -13.81 12.12
C GLN C 182 -40.62 -14.69 10.92
N TYR C 183 -41.57 -15.33 10.24
CA TYR C 183 -41.32 -16.10 9.01
C TYR C 183 -40.83 -15.21 7.86
N ASP C 184 -41.51 -14.09 7.59
CA ASP C 184 -41.15 -13.17 6.50
C ASP C 184 -39.76 -12.54 6.67
N THR C 185 -39.34 -12.28 7.91
CA THR C 185 -37.97 -11.79 8.18
C THR C 185 -36.92 -12.90 8.05
N VAL C 186 -37.21 -14.15 8.45
CA VAL C 186 -36.28 -15.27 8.24
C VAL C 186 -36.16 -15.66 6.76
N LEU C 187 -37.23 -15.50 5.97
CA LEU C 187 -37.18 -15.65 4.51
C LEU C 187 -36.16 -14.68 3.88
N ALA C 188 -36.14 -13.42 4.29
CA ALA C 188 -35.14 -12.44 3.84
C ALA C 188 -33.70 -12.82 4.26
N ASN C 189 -33.54 -13.45 5.41
CA ASN C 189 -32.25 -13.99 5.85
C ASN C 189 -31.80 -15.20 5.01
N GLU C 190 -32.72 -16.06 4.56
CA GLU C 190 -32.35 -17.18 3.68
C GLU C 190 -31.80 -16.71 2.33
N VAL C 191 -32.42 -15.67 1.73
CA VAL C 191 -31.90 -15.01 0.51
C VAL C 191 -30.49 -14.48 0.73
N THR C 192 -30.24 -13.88 1.90
CA THR C 192 -28.92 -13.35 2.28
C THR C 192 -27.89 -14.48 2.46
N ALA C 193 -28.25 -15.57 3.15
CA ALA C 193 -27.39 -16.72 3.34
C ALA C 193 -27.03 -17.40 2.01
N ARG C 194 -28.01 -17.51 1.08
CA ARG C 194 -27.78 -18.06 -0.26
C ARG C 194 -26.80 -17.20 -1.06
N ASN C 195 -26.93 -15.88 -1.02
CA ASN C 195 -25.99 -14.96 -1.66
C ASN C 195 -24.56 -15.08 -1.08
N ASN C 196 -24.43 -15.28 0.22
CA ASN C 196 -23.11 -15.50 0.85
C ASN C 196 -22.45 -16.79 0.33
N LEU C 197 -23.21 -17.88 0.18
CA LEU C 197 -22.70 -19.12 -0.42
C LEU C 197 -22.32 -18.92 -1.90
N ASP C 198 -23.21 -18.34 -2.70
CA ASP C 198 -22.98 -18.12 -4.13
C ASP C 198 -21.72 -17.30 -4.40
N ASN C 199 -21.42 -16.29 -3.58
CA ASN C 199 -20.20 -15.49 -3.69
C ASN C 199 -18.95 -16.16 -3.14
N ALA C 200 -19.06 -16.95 -2.06
CA ALA C 200 -17.91 -17.66 -1.48
C ALA C 200 -17.28 -18.64 -2.48
N VAL C 201 -18.10 -19.32 -3.27
CA VAL C 201 -17.64 -20.26 -4.31
C VAL C 201 -16.87 -19.55 -5.42
N GLU C 202 -17.19 -18.30 -5.75
CA GLU C 202 -16.41 -17.53 -6.73
C GLU C 202 -15.04 -17.12 -6.19
N GLN C 203 -14.87 -16.97 -4.87
CA GLN C 203 -13.56 -16.73 -4.27
C GLN C 203 -12.68 -17.98 -4.41
N LEU C 204 -13.26 -19.16 -4.17
CA LEU C 204 -12.59 -20.44 -4.40
C LEU C 204 -12.23 -20.62 -5.89
N ARG C 205 -13.12 -20.24 -6.82
CA ARG C 205 -12.81 -20.23 -8.26
C ARG C 205 -11.65 -19.29 -8.58
N GLN C 206 -11.61 -18.10 -8.01
CA GLN C 206 -10.54 -17.13 -8.28
C GLN C 206 -9.15 -17.66 -7.89
N ILE C 207 -9.05 -18.39 -6.77
CA ILE C 207 -7.79 -19.00 -6.31
C ILE C 207 -7.42 -20.23 -7.15
N THR C 208 -8.34 -21.17 -7.32
CA THR C 208 -8.09 -22.49 -7.92
C THR C 208 -8.15 -22.52 -9.45
N GLY C 209 -8.89 -21.59 -10.05
CA GLY C 209 -9.24 -21.58 -11.48
C GLY C 209 -10.46 -22.45 -11.84
N ASN C 210 -11.06 -23.17 -10.88
CA ASN C 210 -12.12 -24.15 -11.12
C ASN C 210 -13.39 -23.89 -10.30
N TYR C 211 -14.55 -24.15 -10.91
CA TYR C 211 -15.79 -24.42 -10.15
C TYR C 211 -15.80 -25.87 -9.65
N TYR C 212 -16.44 -26.11 -8.51
CA TYR C 212 -16.64 -27.44 -7.93
C TYR C 212 -18.13 -27.64 -7.62
N PRO C 213 -18.78 -28.71 -8.11
CA PRO C 213 -20.19 -28.97 -7.79
C PRO C 213 -20.40 -29.42 -6.35
N GLU C 214 -19.38 -30.02 -5.72
CA GLU C 214 -19.42 -30.53 -4.36
C GLU C 214 -18.02 -30.60 -3.72
N LEU C 215 -17.98 -30.38 -2.40
CA LEU C 215 -16.77 -30.42 -1.57
C LEU C 215 -16.93 -31.45 -0.44
N ALA C 216 -15.85 -32.09 0.00
CA ALA C 216 -15.88 -32.97 1.17
C ALA C 216 -16.06 -32.15 2.46
N ALA C 217 -17.18 -32.33 3.16
CA ALA C 217 -17.51 -31.67 4.41
C ALA C 217 -16.73 -32.23 5.61
N LEU C 218 -16.66 -31.45 6.69
CA LEU C 218 -16.07 -31.84 7.97
C LEU C 218 -16.86 -32.98 8.63
N ASN C 219 -16.18 -34.05 9.05
CA ASN C 219 -16.78 -35.17 9.76
C ASN C 219 -17.00 -34.82 11.24
N VAL C 220 -18.04 -34.04 11.54
CA VAL C 220 -18.33 -33.57 12.91
C VAL C 220 -18.63 -34.69 13.92
N GLU C 221 -18.92 -35.90 13.46
CA GLU C 221 -19.09 -37.08 14.32
C GLU C 221 -17.75 -37.64 14.84
N ASN C 222 -16.64 -37.40 14.12
CA ASN C 222 -15.30 -37.90 14.43
C ASN C 222 -14.27 -36.79 14.69
N PHE C 223 -14.62 -35.52 14.43
CA PHE C 223 -13.82 -34.34 14.77
C PHE C 223 -13.56 -34.24 16.28
N LYS C 224 -12.32 -33.92 16.64
CA LYS C 224 -11.87 -33.62 18.01
C LYS C 224 -10.69 -32.66 18.01
N THR C 225 -10.65 -31.77 18.99
CA THR C 225 -9.62 -30.74 19.15
C THR C 225 -8.38 -31.25 19.87
N ASP C 226 -7.20 -30.86 19.41
CA ASP C 226 -5.90 -31.13 20.05
C ASP C 226 -5.28 -29.86 20.64
N LYS C 227 -4.75 -29.94 21.87
CA LYS C 227 -4.08 -28.84 22.55
C LYS C 227 -2.75 -28.48 21.85
N PRO C 228 -2.43 -27.20 21.60
CA PRO C 228 -1.17 -26.80 20.97
C PRO C 228 0.04 -27.03 21.89
N GLN C 229 1.25 -26.98 21.31
CA GLN C 229 2.51 -26.91 22.07
C GLN C 229 2.55 -25.64 22.95
N PRO C 230 3.28 -25.63 24.08
CA PRO C 230 3.40 -24.44 24.93
C PRO C 230 4.03 -23.28 24.17
N VAL C 231 3.57 -22.06 24.42
CA VAL C 231 3.94 -20.89 23.60
C VAL C 231 5.43 -20.60 23.57
N ASN C 232 6.17 -20.92 24.65
CA ASN C 232 7.63 -20.81 24.67
C ASN C 232 8.30 -21.71 23.63
N ALA C 233 7.81 -22.94 23.43
CA ALA C 233 8.32 -23.85 22.41
C ALA C 233 7.95 -23.37 21.00
N LEU C 234 6.74 -22.85 20.82
CA LEU C 234 6.31 -22.25 19.55
C LEU C 234 7.18 -21.05 19.17
N LEU C 235 7.44 -20.14 20.11
CA LEU C 235 8.31 -18.98 19.90
C LEU C 235 9.74 -19.38 19.60
N LYS C 236 10.30 -20.34 20.36
CA LYS C 236 11.67 -20.85 20.19
C LYS C 236 11.88 -21.51 18.82
N GLU C 237 10.85 -22.15 18.27
CA GLU C 237 10.89 -22.71 16.92
C GLU C 237 10.66 -21.66 15.83
N ALA C 238 9.68 -20.76 16.02
CA ALA C 238 9.37 -19.72 15.05
C ALA C 238 10.54 -18.76 14.82
N GLU C 239 11.25 -18.35 15.86
CA GLU C 239 12.37 -17.40 15.74
C GLU C 239 13.59 -17.95 14.99
N LYS C 240 13.61 -19.26 14.66
CA LYS C 240 14.62 -19.89 13.80
C LYS C 240 14.08 -20.46 12.48
N ARG C 241 12.80 -20.26 12.16
CA ARG C 241 12.16 -20.77 10.93
C ARG C 241 11.23 -19.80 10.19
N ASN C 242 10.67 -18.79 10.85
CA ASN C 242 9.70 -17.88 10.23
C ASN C 242 10.31 -17.14 9.02
N LEU C 243 9.64 -17.21 7.86
CA LEU C 243 10.16 -16.68 6.60
C LEU C 243 10.26 -15.16 6.57
N SER C 244 9.36 -14.44 7.24
CA SER C 244 9.41 -12.97 7.33
C SER C 244 10.61 -12.51 8.14
N LEU C 245 10.89 -13.18 9.26
CA LEU C 245 12.07 -12.93 10.08
C LEU C 245 13.37 -13.30 9.36
N LEU C 246 13.40 -14.45 8.66
CA LEU C 246 14.53 -14.85 7.83
C LEU C 246 14.81 -13.84 6.72
N GLN C 247 13.78 -13.35 6.03
CA GLN C 247 13.93 -12.30 5.04
C GLN C 247 14.46 -10.99 5.63
N ALA C 248 14.04 -10.63 6.84
CA ALA C 248 14.58 -9.47 7.53
C ALA C 248 16.07 -9.63 7.90
N ARG C 249 16.48 -10.83 8.34
CA ARG C 249 17.91 -11.14 8.59
C ARG C 249 18.75 -11.02 7.33
N LEU C 250 18.26 -11.57 6.22
CA LEU C 250 18.92 -11.44 4.91
C LEU C 250 18.98 -9.98 4.43
N SER C 251 17.92 -9.19 4.68
CA SER C 251 17.89 -7.77 4.35
C SER C 251 18.89 -6.93 5.17
N GLN C 252 19.07 -7.24 6.46
CA GLN C 252 20.11 -6.63 7.28
C GLN C 252 21.50 -6.99 6.75
N ASP C 253 21.72 -8.25 6.36
CA ASP C 253 23.01 -8.68 5.80
C ASP C 253 23.32 -8.02 4.44
N LEU C 254 22.30 -7.82 3.60
CA LEU C 254 22.42 -7.05 2.36
C LEU C 254 22.81 -5.59 2.65
N ALA C 255 22.15 -4.94 3.62
CA ALA C 255 22.46 -3.57 4.00
C ALA C 255 23.89 -3.44 4.58
N ARG C 256 24.37 -4.45 5.29
CA ARG C 256 25.76 -4.52 5.76
C ARG C 256 26.76 -4.65 4.62
N GLU C 257 26.42 -5.44 3.59
CA GLU C 257 27.25 -5.52 2.38
C GLU C 257 27.26 -4.22 1.57
N GLN C 258 26.16 -3.46 1.58
CA GLN C 258 26.12 -2.12 0.98
C GLN C 258 27.05 -1.12 1.66
N ILE C 259 27.34 -1.24 2.97
CA ILE C 259 28.41 -0.46 3.61
C ILE C 259 29.75 -0.76 2.95
N ARG C 260 30.07 -2.05 2.73
CA ARG C 260 31.33 -2.46 2.10
C ARG C 260 31.42 -1.96 0.66
N GLN C 261 30.31 -1.98 -0.08
CA GLN C 261 30.22 -1.40 -1.42
C GLN C 261 30.55 0.10 -1.43
N ALA C 262 30.05 0.87 -0.45
CA ALA C 262 30.38 2.29 -0.31
C ALA C 262 31.85 2.49 0.10
N GLN C 263 32.33 1.77 1.12
CA GLN C 263 33.70 1.89 1.64
C GLN C 263 34.76 1.61 0.56
N ASP C 264 34.53 0.59 -0.27
CA ASP C 264 35.43 0.21 -1.36
C ASP C 264 35.48 1.25 -2.51
N GLY C 265 34.66 2.29 -2.47
CA GLY C 265 34.76 3.45 -3.37
C GLY C 265 36.07 4.25 -3.24
N HIS C 266 36.78 4.13 -2.10
CA HIS C 266 38.10 4.75 -1.91
C HIS C 266 39.24 4.04 -2.66
N LEU C 267 39.06 2.77 -3.05
CA LEU C 267 40.15 1.91 -3.53
C LEU C 267 40.67 2.31 -4.92
N PRO C 268 41.94 1.99 -5.26
CA PRO C 268 42.44 2.05 -6.62
C PRO C 268 41.71 1.07 -7.54
N THR C 269 41.99 1.14 -8.83
CA THR C 269 41.42 0.29 -9.89
C THR C 269 42.45 0.02 -10.98
N LEU C 270 42.46 -1.19 -11.53
CA LEU C 270 43.41 -1.62 -12.56
C LEU C 270 42.71 -2.48 -13.62
N ASP C 271 42.80 -2.08 -14.89
CA ASP C 271 42.26 -2.80 -16.04
C ASP C 271 43.34 -3.11 -17.07
N LEU C 272 43.27 -4.30 -17.68
CA LEU C 272 44.04 -4.69 -18.85
C LEU C 272 43.23 -4.40 -20.13
N THR C 273 43.91 -3.94 -21.17
CA THR C 273 43.34 -3.64 -22.48
C THR C 273 44.25 -4.16 -23.59
N ALA C 274 43.66 -4.57 -24.71
CA ALA C 274 44.38 -5.01 -25.89
C ALA C 274 43.62 -4.61 -27.16
N SER C 275 44.34 -4.39 -28.26
CA SER C 275 43.77 -3.94 -29.53
C SER C 275 44.60 -4.39 -30.73
N THR C 276 43.92 -4.70 -31.83
CA THR C 276 44.51 -4.93 -33.15
C THR C 276 43.80 -4.04 -34.16
N GLY C 277 44.46 -2.92 -34.52
CA GLY C 277 43.95 -1.91 -35.43
C GLY C 277 44.59 -1.98 -36.82
N ILE C 278 43.84 -1.56 -37.83
CA ILE C 278 44.28 -1.31 -39.21
C ILE C 278 43.72 0.05 -39.63
N SER C 279 44.51 0.85 -40.35
CA SER C 279 44.11 2.16 -40.86
C SER C 279 44.60 2.41 -42.28
N ASP C 280 43.88 3.23 -43.03
CA ASP C 280 44.28 3.82 -44.30
C ASP C 280 44.08 5.34 -44.23
N THR C 281 44.93 6.12 -44.88
CA THR C 281 44.83 7.60 -44.94
C THR C 281 45.40 8.12 -46.25
N SER C 282 44.70 9.07 -46.87
CA SER C 282 45.03 9.69 -48.16
C SER C 282 44.77 11.19 -48.12
N TYR C 283 45.43 11.95 -49.00
CA TYR C 283 45.44 13.43 -48.99
C TYR C 283 45.12 14.02 -50.37
N SER C 284 44.61 15.26 -50.37
CA SER C 284 44.18 15.99 -51.56
C SER C 284 44.19 17.51 -51.31
N GLY C 285 43.86 18.32 -52.32
CA GLY C 285 43.84 19.78 -52.23
C GLY C 285 45.20 20.45 -52.43
N SER C 286 45.18 21.74 -52.77
CA SER C 286 46.30 22.51 -53.31
C SER C 286 47.62 22.35 -52.53
N LYS C 287 47.58 22.43 -51.19
CA LYS C 287 48.79 22.38 -50.35
C LYS C 287 49.45 20.98 -50.28
N THR C 288 48.80 19.94 -50.79
CA THR C 288 49.33 18.56 -50.82
C THR C 288 49.94 18.16 -52.17
N ARG C 289 49.89 19.03 -53.19
CA ARG C 289 50.57 18.84 -54.49
C ARG C 289 52.07 19.18 -54.40
N GLY C 290 52.84 18.82 -55.44
CA GLY C 290 54.24 19.22 -55.60
C GLY C 290 55.18 18.66 -54.53
N ALA C 291 56.29 19.36 -54.27
CA ALA C 291 57.32 18.94 -53.31
C ALA C 291 56.80 18.77 -51.87
N ALA C 292 55.85 19.62 -51.45
CA ALA C 292 55.17 19.50 -50.16
C ALA C 292 54.38 18.18 -50.02
N GLY C 293 53.96 17.57 -51.14
CA GLY C 293 53.29 16.27 -51.18
C GLY C 293 54.05 15.13 -50.51
N THR C 294 55.39 15.23 -50.41
CA THR C 294 56.25 14.24 -49.71
C THR C 294 55.97 14.15 -48.21
N GLN C 295 55.40 15.20 -47.58
CA GLN C 295 54.94 15.15 -46.19
C GLN C 295 53.63 14.34 -46.02
N TYR C 296 52.80 14.28 -47.07
CA TYR C 296 51.43 13.77 -47.03
C TYR C 296 51.32 12.36 -47.62
N ASP C 297 51.59 12.22 -48.93
CA ASP C 297 51.49 10.99 -49.72
C ASP C 297 50.23 10.16 -49.41
N ASP C 298 50.38 8.97 -48.80
CA ASP C 298 49.34 8.15 -48.17
C ASP C 298 49.97 7.27 -47.07
N SER C 299 49.17 6.57 -46.27
CA SER C 299 49.65 5.63 -45.24
C SER C 299 48.65 4.51 -44.95
N ASN C 300 49.14 3.37 -44.45
CA ASN C 300 48.38 2.12 -44.29
C ASN C 300 48.58 1.43 -42.93
N MET C 301 49.01 2.16 -41.88
CA MET C 301 49.49 1.60 -40.62
C MET C 301 48.56 0.56 -39.97
N GLY C 302 49.10 -0.63 -39.69
CA GLY C 302 48.58 -1.58 -38.71
C GLY C 302 49.25 -1.42 -37.33
N GLN C 303 48.48 -1.61 -36.25
CA GLN C 303 48.95 -1.45 -34.88
C GLN C 303 48.40 -2.55 -33.97
N ASN C 304 49.26 -3.36 -33.37
CA ASN C 304 48.94 -4.10 -32.16
C ASN C 304 49.30 -3.26 -30.93
N LYS C 305 48.44 -3.28 -29.90
CA LYS C 305 48.64 -2.57 -28.63
C LYS C 305 48.19 -3.46 -27.47
N VAL C 306 48.95 -3.46 -26.38
CA VAL C 306 48.60 -4.13 -25.11
C VAL C 306 49.00 -3.22 -23.98
N GLY C 307 48.08 -2.89 -23.07
CA GLY C 307 48.34 -1.89 -22.03
C GLY C 307 47.48 -2.03 -20.78
N LEU C 308 48.08 -1.67 -19.65
CA LEU C 308 47.43 -1.59 -18.35
C LEU C 308 47.06 -0.14 -18.04
N SER C 309 45.87 0.08 -17.50
CA SER C 309 45.38 1.39 -17.07
C SER C 309 44.98 1.35 -15.61
N PHE C 310 45.63 2.20 -14.81
CA PHE C 310 45.46 2.35 -13.37
C PHE C 310 44.72 3.65 -13.03
N SER C 311 43.94 3.65 -11.97
CA SER C 311 43.16 4.78 -11.45
C SER C 311 43.16 4.79 -9.93
N LEU C 312 43.27 5.98 -9.33
CA LEU C 312 43.09 6.20 -7.90
C LEU C 312 42.46 7.58 -7.65
N PRO C 313 41.17 7.65 -7.28
CA PRO C 313 40.55 8.89 -6.81
C PRO C 313 41.20 9.33 -5.49
N ILE C 314 41.75 10.55 -5.47
CA ILE C 314 42.45 11.10 -4.29
C ILE C 314 41.48 11.88 -3.41
N TYR C 315 40.61 12.69 -4.00
CA TYR C 315 39.58 13.44 -3.30
C TYR C 315 38.39 13.75 -4.22
N GLN C 316 37.17 13.66 -3.70
CA GLN C 316 35.93 13.80 -4.46
C GLN C 316 34.90 14.64 -3.70
N GLY C 317 35.30 15.78 -3.14
CA GLY C 317 34.39 16.66 -2.38
C GLY C 317 33.73 16.01 -1.15
N GLY C 318 34.34 14.97 -0.59
CA GLY C 318 33.76 14.15 0.49
C GLY C 318 32.65 13.19 0.07
N MET C 319 32.43 12.95 -1.23
CA MET C 319 31.34 12.11 -1.75
C MET C 319 31.30 10.73 -1.11
N VAL C 320 32.42 10.00 -1.11
CA VAL C 320 32.48 8.61 -0.61
C VAL C 320 32.24 8.57 0.90
N ASN C 321 32.69 9.57 1.65
CA ASN C 321 32.42 9.67 3.09
C ASN C 321 30.91 9.82 3.36
N SER C 322 30.21 10.64 2.56
CA SER C 322 28.74 10.74 2.65
C SER C 322 28.08 9.42 2.27
N GLN C 323 28.50 8.76 1.18
CA GLN C 323 27.95 7.47 0.79
C GLN C 323 28.14 6.38 1.85
N VAL C 324 29.29 6.33 2.52
CA VAL C 324 29.53 5.42 3.65
C VAL C 324 28.60 5.71 4.82
N LYS C 325 28.46 6.98 5.22
CA LYS C 325 27.57 7.35 6.33
C LYS C 325 26.10 7.10 6.00
N GLN C 326 25.67 7.36 4.77
CA GLN C 326 24.34 6.97 4.29
C GLN C 326 24.14 5.45 4.34
N ALA C 327 25.12 4.65 3.90
CA ALA C 327 25.04 3.19 3.98
C ALA C 327 24.96 2.69 5.43
N GLN C 328 25.67 3.34 6.36
CA GLN C 328 25.56 3.05 7.79
C GLN C 328 24.17 3.37 8.35
N TYR C 329 23.58 4.52 8.02
CA TYR C 329 22.20 4.82 8.42
C TYR C 329 21.19 3.85 7.78
N ASN C 330 21.40 3.44 6.53
CA ASN C 330 20.60 2.41 5.86
C ASN C 330 20.69 1.05 6.59
N PHE C 331 21.87 0.65 7.05
CA PHE C 331 22.05 -0.55 7.88
C PHE C 331 21.39 -0.42 9.26
N VAL C 332 21.45 0.74 9.91
CA VAL C 332 20.70 1.00 11.15
C VAL C 332 19.20 0.84 10.89
N GLY C 333 18.67 1.45 9.82
CA GLY C 333 17.28 1.26 9.40
C GLY C 333 16.92 -0.21 9.16
N ALA C 334 17.79 -0.99 8.53
CA ALA C 334 17.60 -2.42 8.32
C ALA C 334 17.64 -3.23 9.64
N SER C 335 18.45 -2.83 10.61
CA SER C 335 18.49 -3.48 11.93
C SER C 335 17.22 -3.21 12.76
N GLU C 336 16.62 -2.02 12.63
CA GLU C 336 15.30 -1.73 13.19
C GLU C 336 14.17 -2.41 12.41
N GLN C 337 14.31 -2.60 11.10
CA GLN C 337 13.40 -3.43 10.31
C GLN C 337 13.41 -4.89 10.77
N LEU C 338 14.57 -5.42 11.20
CA LEU C 338 14.68 -6.74 11.82
C LEU C 338 14.02 -6.81 13.20
N GLU C 339 14.17 -5.79 14.05
CA GLU C 339 13.43 -5.71 15.32
C GLU C 339 11.92 -5.65 15.09
N SER C 340 11.47 -4.91 14.07
CA SER C 340 10.05 -4.86 13.67
C SER C 340 9.53 -6.25 13.28
N ALA C 341 10.30 -6.99 12.48
CA ALA C 341 9.96 -8.35 12.09
C ALA C 341 9.92 -9.29 13.30
N HIS C 342 10.89 -9.19 14.21
CA HIS C 342 10.96 -10.01 15.42
C HIS C 342 9.74 -9.78 16.33
N ARG C 343 9.40 -8.52 16.63
CA ARG C 343 8.18 -8.19 17.39
C ARG C 343 6.91 -8.71 16.70
N SER C 344 6.84 -8.60 15.38
CA SER C 344 5.70 -9.09 14.60
C SER C 344 5.54 -10.61 14.71
N VAL C 345 6.63 -11.38 14.64
CA VAL C 345 6.58 -12.83 14.85
C VAL C 345 6.13 -13.18 16.26
N VAL C 346 6.69 -12.53 17.29
CA VAL C 346 6.30 -12.77 18.69
C VAL C 346 4.80 -12.53 18.89
N GLN C 347 4.28 -11.40 18.40
CA GLN C 347 2.85 -11.10 18.51
C GLN C 347 1.99 -12.07 17.69
N THR C 348 2.44 -12.46 16.49
CA THR C 348 1.69 -13.40 15.62
C THR C 348 1.62 -14.80 16.24
N VAL C 349 2.72 -15.31 16.80
CA VAL C 349 2.74 -16.60 17.49
C VAL C 349 1.88 -16.57 18.74
N ARG C 350 2.02 -15.54 19.59
CA ARG C 350 1.24 -15.42 20.83
C ARG C 350 -0.25 -15.27 20.56
N SER C 351 -0.65 -14.43 19.60
CA SER C 351 -2.07 -14.31 19.23
C SER C 351 -2.61 -15.60 18.62
N SER C 352 -1.86 -16.30 17.78
CA SER C 352 -2.28 -17.60 17.22
C SER C 352 -2.46 -18.66 18.32
N PHE C 353 -1.51 -18.77 19.26
CA PHE C 353 -1.63 -19.68 20.40
C PHE C 353 -2.88 -19.38 21.25
N ASN C 354 -3.13 -18.10 21.57
CA ASN C 354 -4.32 -17.71 22.32
C ASN C 354 -5.61 -18.00 21.55
N ASN C 355 -5.67 -17.69 20.25
CA ASN C 355 -6.83 -17.96 19.42
C ASN C 355 -7.11 -19.46 19.25
N ILE C 356 -6.08 -20.32 19.23
CA ILE C 356 -6.28 -21.77 19.27
C ILE C 356 -6.94 -22.16 20.60
N ASN C 357 -6.37 -21.77 21.76
CA ASN C 357 -6.95 -22.09 23.06
C ASN C 357 -8.38 -21.55 23.23
N ALA C 358 -8.67 -20.36 22.71
CA ALA C 358 -10.01 -19.78 22.70
C ALA C 358 -10.98 -20.58 21.81
N SER C 359 -10.56 -20.99 20.61
CA SER C 359 -11.40 -21.82 19.73
C SER C 359 -11.70 -23.18 20.37
N ILE C 360 -10.71 -23.83 20.99
CA ILE C 360 -10.90 -25.13 21.67
C ILE C 360 -11.90 -25.00 22.82
N SER C 361 -11.74 -24.01 23.69
CA SER C 361 -12.63 -23.82 24.83
C SER C 361 -14.02 -23.33 24.43
N SER C 362 -14.15 -22.45 23.44
CA SER C 362 -15.45 -21.99 22.95
C SER C 362 -16.22 -23.07 22.17
N ILE C 363 -15.56 -23.98 21.43
CA ILE C 363 -16.22 -25.17 20.87
C ILE C 363 -16.90 -25.97 21.98
N ASN C 364 -16.18 -26.23 23.07
CA ASN C 364 -16.73 -26.96 24.22
C ASN C 364 -17.81 -26.19 24.98
N ALA C 365 -17.81 -24.85 24.94
CA ALA C 365 -18.92 -24.04 25.45
C ALA C 365 -20.16 -24.15 24.56
N TYR C 366 -20.04 -23.92 23.25
CA TYR C 366 -21.18 -24.01 22.33
C TYR C 366 -21.75 -25.43 22.21
N LYS C 367 -20.91 -26.46 22.33
CA LYS C 367 -21.33 -27.87 22.42
C LYS C 367 -22.34 -28.10 23.54
N GLN C 368 -22.17 -27.43 24.69
CA GLN C 368 -23.14 -27.46 25.79
C GLN C 368 -24.33 -26.53 25.55
N ALA C 369 -24.08 -25.32 25.04
CA ALA C 369 -25.13 -24.32 24.80
C ALA C 369 -26.19 -24.79 23.79
N VAL C 370 -25.81 -25.59 22.78
CA VAL C 370 -26.76 -26.23 21.85
C VAL C 370 -27.69 -27.19 22.59
N VAL C 371 -27.17 -28.02 23.49
CA VAL C 371 -27.96 -29.01 24.24
C VAL C 371 -28.93 -28.34 25.22
N SER C 372 -28.49 -27.31 25.94
CA SER C 372 -29.38 -26.57 26.84
C SER C 372 -30.39 -25.70 26.09
N ALA C 373 -30.05 -25.13 24.92
CA ALA C 373 -31.01 -24.46 24.05
C ALA C 373 -32.08 -25.43 23.51
N GLN C 374 -31.69 -26.64 23.10
CA GLN C 374 -32.62 -27.67 22.65
C GLN C 374 -33.54 -28.15 23.79
N SER C 375 -32.98 -28.34 24.98
CA SER C 375 -33.74 -28.67 26.20
C SER C 375 -34.73 -27.56 26.56
N SER C 376 -34.32 -26.30 26.41
CA SER C 376 -35.19 -25.13 26.60
C SER C 376 -36.31 -25.07 25.57
N LEU C 377 -36.04 -25.30 24.28
CA LEU C 377 -37.07 -25.30 23.24
C LEU C 377 -38.11 -26.41 23.46
N ASP C 378 -37.69 -27.62 23.82
CA ASP C 378 -38.60 -28.71 24.15
C ASP C 378 -39.50 -28.37 25.34
N ALA C 379 -38.96 -27.70 26.37
CA ALA C 379 -39.73 -27.18 27.49
C ALA C 379 -40.63 -25.99 27.09
N MET C 380 -40.21 -25.15 26.14
CA MET C 380 -40.94 -23.96 25.71
C MET C 380 -42.16 -24.30 24.87
N GLU C 381 -42.06 -25.28 23.96
CA GLU C 381 -43.21 -25.77 23.19
C GLU C 381 -44.24 -26.47 24.08
N ALA C 382 -43.80 -27.21 25.11
CA ALA C 382 -44.69 -27.73 26.15
C ALA C 382 -45.34 -26.58 26.95
N GLY C 383 -44.55 -25.57 27.32
CA GLY C 383 -45.03 -24.36 28.01
C GLY C 383 -46.09 -23.58 27.21
N TYR C 384 -45.93 -23.50 25.89
CA TYR C 384 -46.92 -22.91 24.99
C TYR C 384 -48.17 -23.80 24.85
N SER C 385 -48.00 -25.12 24.79
CA SER C 385 -49.11 -26.08 24.75
C SER C 385 -50.00 -26.02 25.99
N VAL C 386 -49.42 -25.85 27.19
CA VAL C 386 -50.17 -25.61 28.45
C VAL C 386 -50.54 -24.13 28.68
N GLY C 387 -50.14 -23.22 27.79
CA GLY C 387 -50.51 -21.79 27.81
C GLY C 387 -49.77 -20.93 28.84
N THR C 388 -48.69 -21.42 29.46
CA THR C 388 -47.84 -20.64 30.39
C THR C 388 -46.72 -19.84 29.68
N ARG C 389 -46.56 -20.03 28.36
CA ARG C 389 -45.67 -19.26 27.46
C ARG C 389 -46.47 -18.70 26.29
N THR C 390 -45.96 -17.66 25.62
CA THR C 390 -46.49 -17.16 24.35
C THR C 390 -45.69 -17.68 23.15
N ILE C 391 -46.24 -17.60 21.93
CA ILE C 391 -45.58 -18.07 20.72
C ILE C 391 -44.22 -17.39 20.50
N VAL C 392 -44.09 -16.13 20.92
CA VAL C 392 -42.85 -15.35 20.82
C VAL C 392 -41.72 -15.97 21.66
N ASP C 393 -42.05 -16.63 22.76
CA ASP C 393 -41.07 -17.37 23.56
C ASP C 393 -40.57 -18.64 22.83
N VAL C 394 -41.47 -19.34 22.13
CA VAL C 394 -41.11 -20.51 21.30
C VAL C 394 -40.24 -20.10 20.10
N LEU C 395 -40.56 -18.98 19.46
CA LEU C 395 -39.78 -18.43 18.35
C LEU C 395 -38.39 -17.97 18.82
N ASP C 396 -38.27 -17.36 20.00
CA ASP C 396 -36.98 -17.05 20.62
C ASP C 396 -36.19 -18.30 20.99
N ALA C 397 -36.82 -19.33 21.57
CA ALA C 397 -36.17 -20.59 21.85
C ALA C 397 -35.69 -21.31 20.57
N THR C 398 -36.45 -21.20 19.48
CA THR C 398 -36.08 -21.74 18.16
C THR C 398 -34.88 -21.00 17.58
N THR C 399 -34.95 -19.67 17.52
CA THR C 399 -33.88 -18.86 16.91
C THR C 399 -32.59 -18.88 17.74
N THR C 400 -32.66 -18.95 19.07
CA THR C 400 -31.46 -19.13 19.91
C THR C 400 -30.81 -20.51 19.74
N LEU C 401 -31.59 -21.59 19.55
CA LEU C 401 -31.05 -22.90 19.22
C LEU C 401 -30.32 -22.92 17.88
N TYR C 402 -30.95 -22.44 16.80
CA TYR C 402 -30.31 -22.41 15.49
C TYR C 402 -29.14 -21.41 15.43
N ASN C 403 -29.15 -20.35 16.23
CA ASN C 403 -27.96 -19.52 16.40
C ASN C 403 -26.84 -20.30 17.10
N ALA C 404 -27.10 -21.02 18.19
CA ALA C 404 -26.08 -21.80 18.88
C ALA C 404 -25.45 -22.88 17.98
N LYS C 405 -26.24 -23.51 17.10
CA LYS C 405 -25.73 -24.44 16.08
C LYS C 405 -24.79 -23.76 15.07
N GLN C 406 -25.14 -22.55 14.61
CA GLN C 406 -24.27 -21.77 13.72
C GLN C 406 -22.98 -21.32 14.41
N GLU C 407 -23.02 -20.92 15.68
CA GLU C 407 -21.79 -20.59 16.43
C GLU C 407 -20.87 -21.81 16.59
N LEU C 408 -21.42 -22.98 16.94
CA LEU C 408 -20.65 -24.22 17.09
C LEU C 408 -19.97 -24.63 15.77
N ALA C 409 -20.72 -24.63 14.67
CA ALA C 409 -20.17 -24.96 13.35
C ALA C 409 -19.07 -23.98 12.92
N ASN C 410 -19.32 -22.67 13.09
CA ASN C 410 -18.34 -21.64 12.79
C ASN C 410 -17.07 -21.78 13.64
N ALA C 411 -17.20 -22.13 14.92
CA ALA C 411 -16.07 -22.32 15.81
C ALA C 411 -15.15 -23.47 15.37
N ARG C 412 -15.71 -24.59 14.86
CA ARG C 412 -14.90 -25.70 14.32
C ARG C 412 -14.04 -25.26 13.13
N TYR C 413 -14.61 -24.51 12.18
CA TYR C 413 -13.84 -24.00 11.04
C TYR C 413 -12.79 -22.97 11.47
N ASN C 414 -13.09 -22.12 12.45
CA ASN C 414 -12.09 -21.21 13.00
C ASN C 414 -10.95 -21.95 13.71
N TYR C 415 -11.23 -23.04 14.43
CA TYR C 415 -10.18 -23.90 14.98
C TYR C 415 -9.29 -24.48 13.87
N LEU C 416 -9.88 -25.03 12.80
CA LEU C 416 -9.12 -25.61 11.69
C LEU C 416 -8.25 -24.56 10.97
N ILE C 417 -8.76 -23.35 10.75
CA ILE C 417 -7.98 -22.26 10.14
C ILE C 417 -6.84 -21.84 11.08
N ASN C 418 -7.08 -21.66 12.38
CA ASN C 418 -6.04 -21.32 13.34
C ASN C 418 -4.97 -22.43 13.48
N GLN C 419 -5.37 -23.69 13.35
CA GLN C 419 -4.46 -24.84 13.34
C GLN C 419 -3.46 -24.79 12.18
N LEU C 420 -3.83 -24.22 11.02
CA LEU C 420 -2.87 -23.88 9.96
C LEU C 420 -2.14 -22.57 10.24
N ASN C 421 -2.81 -21.57 10.81
CA ASN C 421 -2.22 -20.25 11.04
C ASN C 421 -0.99 -20.32 11.95
N ILE C 422 -0.98 -21.16 12.99
CA ILE C 422 0.22 -21.36 13.81
C ILE C 422 1.37 -21.99 13.02
N LYS C 423 1.10 -22.91 12.08
CA LYS C 423 2.14 -23.46 11.19
C LYS C 423 2.68 -22.40 10.22
N SER C 424 1.85 -21.44 9.80
CA SER C 424 2.29 -20.28 9.04
C SER C 424 3.19 -19.36 9.89
N ALA C 425 2.83 -19.11 11.15
CA ALA C 425 3.65 -18.33 12.09
C ALA C 425 5.00 -19.01 12.39
N LEU C 426 5.02 -20.33 12.53
CA LEU C 426 6.23 -21.15 12.60
C LEU C 426 7.04 -21.19 11.30
N GLY C 427 6.46 -20.79 10.17
CA GLY C 427 7.06 -20.90 8.84
C GLY C 427 7.15 -22.34 8.29
N THR C 428 6.59 -23.33 8.98
CA THR C 428 6.65 -24.76 8.62
C THR C 428 5.48 -25.25 7.76
N LEU C 429 4.41 -24.45 7.61
CA LEU C 429 3.20 -24.79 6.86
C LEU C 429 3.52 -25.32 5.44
N ASN C 430 3.09 -26.55 5.16
CA ASN C 430 3.26 -27.23 3.87
C ASN C 430 2.09 -28.20 3.62
N GLU C 431 2.04 -28.86 2.47
CA GLU C 431 0.91 -29.72 2.08
C GLU C 431 0.69 -30.93 2.99
N GLN C 432 1.67 -31.34 3.81
CA GLN C 432 1.47 -32.38 4.83
C GLN C 432 0.47 -31.94 5.91
N ASP C 433 0.37 -30.63 6.19
CA ASP C 433 -0.66 -30.07 7.07
C ASP C 433 -2.04 -30.09 6.42
N LEU C 434 -2.12 -29.83 5.11
CA LEU C 434 -3.37 -30.03 4.38
C LEU C 434 -3.79 -31.49 4.40
N LEU C 435 -2.87 -32.45 4.28
CA LEU C 435 -3.19 -33.88 4.41
C LEU C 435 -3.77 -34.21 5.79
N ALA C 436 -3.18 -33.67 6.85
CA ALA C 436 -3.65 -33.86 8.22
C ALA C 436 -5.07 -33.30 8.44
N LEU C 437 -5.40 -32.13 7.87
CA LEU C 437 -6.76 -31.56 7.91
C LEU C 437 -7.72 -32.31 6.97
N ASN C 438 -7.27 -32.70 5.77
CA ASN C 438 -8.08 -33.43 4.80
C ASN C 438 -8.56 -34.79 5.35
N ASN C 439 -7.77 -35.42 6.21
CA ASN C 439 -8.14 -36.64 6.92
C ASN C 439 -9.38 -36.48 7.84
N ALA C 440 -9.74 -35.25 8.25
CA ALA C 440 -10.95 -34.95 9.03
C ALA C 440 -12.20 -34.72 8.15
N LEU C 441 -12.07 -34.68 6.83
CA LEU C 441 -13.19 -34.51 5.89
C LEU C 441 -13.75 -35.86 5.44
N SER C 442 -15.03 -35.94 5.09
CA SER C 442 -15.66 -37.17 4.58
C SER C 442 -16.75 -36.94 3.53
N LYS C 443 -18.00 -36.68 3.94
CA LYS C 443 -19.17 -36.70 3.04
C LYS C 443 -19.12 -35.55 2.03
N PRO C 444 -19.31 -35.79 0.72
CA PRO C 444 -19.44 -34.71 -0.25
C PRO C 444 -20.77 -33.97 -0.07
N VAL C 445 -20.73 -32.63 -0.05
CA VAL C 445 -21.89 -31.74 0.02
C VAL C 445 -21.86 -30.76 -1.14
N SER C 446 -23.00 -30.51 -1.78
CA SER C 446 -23.04 -29.65 -2.97
C SER C 446 -22.85 -28.17 -2.63
N THR C 447 -22.07 -27.48 -3.46
CA THR C 447 -21.89 -26.01 -3.41
C THR C 447 -23.11 -25.24 -3.93
N ASN C 448 -24.05 -25.94 -4.58
CA ASN C 448 -25.19 -25.35 -5.28
C ASN C 448 -26.46 -26.19 -5.03
N PRO C 449 -27.05 -26.12 -3.81
CA PRO C 449 -28.28 -26.84 -3.48
C PRO C 449 -29.48 -26.34 -4.30
N GLU C 450 -30.53 -27.16 -4.38
CA GLU C 450 -31.80 -26.88 -5.09
C GLU C 450 -32.62 -25.74 -4.48
N GLU D 46 -48.80 -6.21 32.87
CA GLU D 46 -47.83 -7.03 33.63
C GLU D 46 -46.43 -6.42 33.54
N SER D 47 -45.81 -6.09 34.68
CA SER D 47 -44.48 -5.41 34.72
C SER D 47 -43.39 -6.21 34.00
N SER D 48 -43.41 -7.53 34.13
CA SER D 48 -42.44 -8.45 33.53
C SER D 48 -42.27 -8.24 32.03
N ALA D 49 -43.34 -7.91 31.29
CA ALA D 49 -43.30 -7.69 29.85
C ALA D 49 -42.40 -6.49 29.47
N ALA D 50 -42.36 -5.44 30.29
CA ALA D 50 -41.45 -4.30 30.10
C ALA D 50 -39.99 -4.69 30.37
N ILE D 51 -39.74 -5.49 31.41
CA ILE D 51 -38.40 -6.01 31.72
C ILE D 51 -37.89 -6.91 30.58
N HIS D 52 -38.70 -7.87 30.10
CA HIS D 52 -38.33 -8.74 28.97
C HIS D 52 -38.04 -7.93 27.70
N ALA D 53 -38.93 -6.99 27.35
CA ALA D 53 -38.76 -6.15 26.16
C ALA D 53 -37.48 -5.30 26.24
N THR D 54 -37.21 -4.70 27.40
CA THR D 54 -36.02 -3.87 27.59
C THR D 54 -34.74 -4.71 27.53
N ALA D 55 -34.70 -5.89 28.16
CA ALA D 55 -33.54 -6.79 28.13
C ALA D 55 -33.17 -7.22 26.70
N LYS D 56 -34.15 -7.68 25.93
CA LYS D 56 -33.96 -8.15 24.55
C LYS D 56 -33.53 -6.98 23.63
N TRP D 57 -34.25 -5.87 23.68
CA TRP D 57 -33.96 -4.69 22.87
C TRP D 57 -32.61 -4.05 23.22
N SER D 58 -32.27 -3.96 24.51
CA SER D 58 -30.97 -3.46 24.99
C SER D 58 -29.80 -4.29 24.45
N THR D 59 -29.94 -5.61 24.47
CA THR D 59 -28.89 -6.52 23.97
C THR D 59 -28.67 -6.36 22.47
N ALA D 60 -29.74 -6.12 21.70
CA ALA D 60 -29.61 -5.78 20.28
C ALA D 60 -28.87 -4.45 20.05
N GLN D 61 -29.11 -3.43 20.89
CA GLN D 61 -28.39 -2.14 20.78
C GLN D 61 -26.90 -2.30 21.12
N LEU D 62 -26.56 -3.12 22.12
CA LEU D 62 -25.16 -3.45 22.43
C LEU D 62 -24.48 -4.14 21.23
N LYS D 63 -25.09 -5.17 20.65
CA LYS D 63 -24.54 -5.91 19.50
C LYS D 63 -24.36 -4.99 18.28
N LYS D 64 -25.29 -4.07 18.02
CA LYS D 64 -25.15 -3.01 17.01
C LYS D 64 -23.93 -2.12 17.28
N THR D 65 -23.75 -1.69 18.53
CA THR D 65 -22.64 -0.83 18.96
C THR D 65 -21.29 -1.54 18.82
N GLN D 66 -21.21 -2.82 19.18
CA GLN D 66 -20.00 -3.64 19.00
C GLN D 66 -19.63 -3.82 17.52
N ALA D 67 -20.60 -4.04 16.64
CA ALA D 67 -20.38 -4.13 15.20
C ALA D 67 -19.89 -2.80 14.60
N GLU D 68 -20.49 -1.67 15.01
CA GLU D 68 -20.03 -0.33 14.64
C GLU D 68 -18.61 -0.05 15.13
N GLN D 69 -18.28 -0.39 16.38
CA GLN D 69 -16.96 -0.21 16.96
C GLN D 69 -15.87 -1.01 16.20
N ALA D 70 -16.18 -2.24 15.81
CA ALA D 70 -15.26 -3.07 15.01
C ALA D 70 -15.02 -2.48 13.61
N ALA D 71 -16.08 -2.03 12.94
CA ALA D 71 -15.98 -1.38 11.62
C ALA D 71 -15.18 -0.06 11.70
N ARG D 72 -15.40 0.75 12.73
CA ARG D 72 -14.68 1.99 13.03
C ARG D 72 -13.18 1.75 13.22
N ALA D 73 -12.83 0.73 14.03
CA ALA D 73 -11.44 0.34 14.26
C ALA D 73 -10.75 -0.17 12.99
N LYS D 74 -11.43 -1.02 12.20
CA LYS D 74 -10.92 -1.54 10.92
C LYS D 74 -10.66 -0.43 9.91
N ALA D 75 -11.60 0.50 9.75
CA ALA D 75 -11.45 1.64 8.83
C ALA D 75 -10.27 2.55 9.21
N ALA D 76 -10.10 2.84 10.50
CA ALA D 76 -8.97 3.64 11.00
C ALA D 76 -7.62 2.95 10.77
N ALA D 77 -7.54 1.63 11.02
CA ALA D 77 -6.32 0.84 10.78
C ALA D 77 -5.95 0.78 9.29
N GLU D 78 -6.94 0.61 8.41
CA GLU D 78 -6.73 0.61 6.95
C GLU D 78 -6.26 1.98 6.43
N ALA D 79 -6.89 3.07 6.88
CA ALA D 79 -6.49 4.43 6.52
C ALA D 79 -5.04 4.74 6.97
N GLN D 80 -4.65 4.30 8.17
CA GLN D 80 -3.28 4.45 8.66
C GLN D 80 -2.28 3.63 7.83
N ALA D 81 -2.60 2.38 7.47
CA ALA D 81 -1.74 1.54 6.64
C ALA D 81 -1.52 2.15 5.24
N LYS D 82 -2.59 2.67 4.60
CA LYS D 82 -2.52 3.39 3.33
C LYS D 82 -1.66 4.66 3.42
N ALA D 83 -1.82 5.45 4.48
CA ALA D 83 -1.02 6.65 4.71
C ALA D 83 0.47 6.32 4.92
N LYS D 84 0.80 5.30 5.71
CA LYS D 84 2.18 4.84 5.92
C LYS D 84 2.83 4.38 4.61
N ALA D 85 2.12 3.57 3.82
CA ALA D 85 2.59 3.15 2.50
C ALA D 85 2.83 4.34 1.55
N ASN D 86 1.96 5.36 1.59
CA ASN D 86 2.13 6.59 0.80
C ASN D 86 3.38 7.39 1.21
N ARG D 87 3.66 7.52 2.53
CA ARG D 87 4.89 8.17 3.03
C ARG D 87 6.16 7.40 2.67
N ASP D 88 6.12 6.07 2.69
CA ASP D 88 7.23 5.23 2.21
C ASP D 88 7.47 5.38 0.70
N ALA D 89 6.41 5.43 -0.11
CA ALA D 89 6.51 5.66 -1.55
C ALA D 89 7.07 7.06 -1.86
N LEU D 90 6.63 8.10 -1.15
CA LEU D 90 7.19 9.45 -1.24
C LEU D 90 8.67 9.49 -0.84
N THR D 91 9.04 8.78 0.22
CA THR D 91 10.43 8.66 0.69
C THR D 91 11.34 8.03 -0.37
N GLN D 92 10.88 6.98 -1.06
CA GLN D 92 11.61 6.40 -2.17
C GLN D 92 11.66 7.35 -3.39
N ARG D 93 10.57 8.07 -3.69
CA ARG D 93 10.53 9.01 -4.82
C ARG D 93 11.51 10.16 -4.65
N LEU D 94 11.52 10.85 -3.50
CA LEU D 94 12.44 11.96 -3.25
C LEU D 94 13.92 11.52 -3.25
N LYS D 95 14.20 10.28 -2.83
CA LYS D 95 15.53 9.65 -2.91
C LYS D 95 15.95 9.43 -4.38
N ASP D 96 15.07 8.83 -5.19
CA ASP D 96 15.33 8.56 -6.61
C ASP D 96 15.40 9.81 -7.49
N ILE D 97 14.63 10.87 -7.19
CA ILE D 97 14.71 12.16 -7.89
C ILE D 97 16.13 12.74 -7.82
N VAL D 98 16.73 12.77 -6.63
CA VAL D 98 18.08 13.31 -6.43
C VAL D 98 19.15 12.35 -6.93
N ASN D 99 19.02 11.03 -6.70
CA ASN D 99 19.97 10.06 -7.24
C ASN D 99 20.06 10.13 -8.77
N GLU D 100 18.94 10.34 -9.47
CA GLU D 100 18.92 10.52 -10.93
C GLU D 100 19.52 11.86 -11.35
N ALA D 101 19.25 12.95 -10.63
CA ALA D 101 19.87 14.26 -10.91
C ALA D 101 21.41 14.21 -10.72
N LEU D 102 21.89 13.51 -9.69
CA LEU D 102 23.33 13.33 -9.46
C LEU D 102 23.97 12.39 -10.50
N ARG D 103 23.27 11.32 -10.91
CA ARG D 103 23.72 10.45 -12.02
C ARG D 103 23.84 11.22 -13.33
N HIS D 104 22.88 12.11 -13.64
CA HIS D 104 22.93 12.96 -14.83
C HIS D 104 24.10 13.94 -14.76
N ASN D 105 24.28 14.65 -13.64
CA ASN D 105 25.45 15.51 -13.44
C ASN D 105 26.79 14.76 -13.53
N ALA D 106 26.86 13.52 -13.03
CA ALA D 106 28.05 12.66 -13.11
C ALA D 106 28.35 12.13 -14.54
N SER D 107 27.43 12.33 -15.50
CA SER D 107 27.58 11.88 -16.90
C SER D 107 27.48 13.01 -17.94
N ARG D 108 27.10 14.24 -17.52
CA ARG D 108 27.21 15.48 -18.32
C ARG D 108 28.64 15.84 -18.72
N THR D 109 29.65 15.34 -17.99
CA THR D 109 31.08 15.59 -18.22
C THR D 109 31.92 14.32 -17.99
N PRO D 110 33.17 14.28 -18.48
CA PRO D 110 34.18 13.33 -18.03
C PRO D 110 34.43 13.38 -16.51
N SER D 111 35.01 12.31 -15.96
CA SER D 111 35.53 12.26 -14.59
C SER D 111 36.99 12.69 -14.50
N ALA D 112 37.50 12.99 -13.29
CA ALA D 112 38.91 13.32 -13.09
C ALA D 112 39.86 12.18 -13.52
N THR D 113 39.47 10.90 -13.33
CA THR D 113 40.22 9.75 -13.86
C THR D 113 40.21 9.72 -15.39
N GLU D 114 39.04 9.93 -16.01
CA GLU D 114 38.93 9.91 -17.48
C GLU D 114 39.75 11.04 -18.12
N LEU D 115 39.78 12.22 -17.49
CA LEU D 115 40.63 13.34 -17.88
C LEU D 115 42.12 13.07 -17.63
N ALA D 116 42.50 12.39 -16.55
CA ALA D 116 43.88 11.95 -16.32
C ALA D 116 44.36 10.96 -17.40
N HIS D 117 43.53 9.98 -17.76
CA HIS D 117 43.82 9.05 -18.87
C HIS D 117 43.87 9.76 -20.23
N ALA D 118 42.99 10.73 -20.49
CA ALA D 118 43.04 11.56 -21.70
C ALA D 118 44.33 12.41 -21.76
N ASN D 119 44.78 12.95 -20.62
CA ASN D 119 46.04 13.69 -20.53
C ASN D 119 47.27 12.78 -20.73
N ASN D 120 47.25 11.57 -20.16
CA ASN D 120 48.28 10.55 -20.38
C ASN D 120 48.42 10.19 -21.87
N ALA D 121 47.30 10.07 -22.59
CA ALA D 121 47.30 9.90 -24.04
C ALA D 121 47.80 11.17 -24.78
N ALA D 122 47.38 12.36 -24.35
CA ALA D 122 47.77 13.63 -24.98
C ALA D 122 49.28 13.93 -24.89
N MET D 123 49.95 13.57 -23.79
CA MET D 123 51.41 13.66 -23.67
C MET D 123 52.11 12.78 -24.73
N GLN D 124 51.63 11.54 -24.91
CA GLN D 124 52.16 10.63 -25.92
C GLN D 124 51.82 11.08 -27.36
N ALA D 125 50.66 11.70 -27.57
CA ALA D 125 50.28 12.28 -28.86
C ALA D 125 51.15 13.49 -29.26
N GLU D 126 51.57 14.33 -28.29
CA GLU D 126 52.51 15.43 -28.52
C GLU D 126 53.94 14.92 -28.78
N ASP D 127 54.40 13.89 -28.06
CA ASP D 127 55.67 13.21 -28.34
C ASP D 127 55.69 12.64 -29.78
N GLU D 128 54.61 11.97 -30.20
CA GLU D 128 54.44 11.49 -31.57
C GLU D 128 54.24 12.60 -32.63
N ARG D 129 53.91 13.84 -32.25
CA ARG D 129 53.95 15.00 -33.16
C ARG D 129 55.39 15.41 -33.46
N LEU D 130 56.27 15.35 -32.46
CA LEU D 130 57.70 15.66 -32.58
C LEU D 130 58.53 14.50 -33.19
N ARG D 131 58.09 13.25 -33.01
CA ARG D 131 58.71 12.04 -33.57
C ARG D 131 58.75 12.04 -35.10
#